data_2PKG
#
_entry.id   2PKG
#
_cell.length_a   137.700
_cell.length_b   147.790
_cell.length_c   209.650
_cell.angle_alpha   90.00
_cell.angle_beta   90.00
_cell.angle_gamma   90.00
#
_symmetry.space_group_name_H-M   'C 2 2 21'
#
loop_
_entity.id
_entity.type
_entity.pdbx_description
1 polymer 'Serine/threonine-protein phosphatase 2A 65 kDa regulatory subunit A alpha isoform'
2 polymer 'Small T antigen'
3 non-polymer 'ZINC ION'
#
loop_
_entity_poly.entity_id
_entity_poly.type
_entity_poly.pdbx_seq_one_letter_code
_entity_poly.pdbx_strand_id
1 'polypeptide(L)'
;LYPIAVLIDELRNEDVQLRLNSIKKLSTIALALGVERTRSELLPFLTDTIYDEDEVLLALAEQLGTFTTLVGGPEYVHCL
LPPLESLATVEETVVRDKAVESLRAISHEHSPSDLEAHFVPLVKRLAGGDWFTSRTSACGLFSVCYPRVSSAVKAELRQY
FRNLCSDDTPMVRRAAASKLGEFAKVLELDNVKSEIIPMFSNLASDEQDSVRLLAVEACVNIAQLLPQEDLEALVMPTLR
QAAEDKSWRVRYMVADKFTELQKAVGPEITKTDLVPAFQNLMKDCEAEVRAAASHKVKEFCENLSADCRENVIMSQILPC
IKELVSDANQHVKSALASVIMGLSPILGKDNTIEHLLPLFLAQLKDECPEVRLNIISNLDCVNEVIGIRQLSQSLLPAIV
ELAEDAKWRVRLAIIEYMPLLAGQLGVEFFDEKLNSLCMAWLVDHVYAIREAATSNLKKLVEKFGKEWAHATIIPKVLAM
SGDPNYLHRMTTLFCINVLSEVCGQDITTKHMLPTVLRMAGDPVANVRFNVAKSLQKIGPILDNSTLQSEVKPILEKLTQ
DQDVDVKYFAQEALTVLSLA
;
A,B
2 'polypeptide(L)'
;SLNPGVDAMYCKQWPECAKKMSANCICLLCLLRMKHENRKLYRKDPLVWVDCYCFDCFRMWFGLDLCEGTLLLWCDIIGQ
TTYRDLKL
;
C,D
#
# COMPACT_ATOMS: atom_id res chain seq x y z
N LEU A 1 -29.32 43.36 -41.41
CA LEU A 1 -27.93 42.88 -41.68
C LEU A 1 -27.92 41.87 -42.83
N TYR A 2 -27.58 40.62 -42.51
CA TYR A 2 -27.55 39.55 -43.49
C TYR A 2 -28.23 38.33 -42.87
N PRO A 3 -27.65 37.74 -41.82
CA PRO A 3 -28.30 36.57 -41.22
C PRO A 3 -29.21 36.98 -40.05
N ILE A 4 -29.64 38.25 -40.05
CA ILE A 4 -30.49 38.78 -38.99
C ILE A 4 -31.96 38.52 -39.35
N ALA A 5 -32.16 37.91 -40.52
CA ALA A 5 -33.49 37.54 -41.00
C ALA A 5 -33.35 36.12 -41.55
N VAL A 6 -32.13 35.58 -41.42
CA VAL A 6 -31.79 34.22 -41.86
C VAL A 6 -31.62 33.32 -40.63
N LEU A 7 -30.92 33.82 -39.62
CA LEU A 7 -30.73 33.06 -38.39
C LEU A 7 -32.05 32.97 -37.66
N ILE A 8 -32.88 34.01 -37.82
CA ILE A 8 -34.20 34.07 -37.18
C ILE A 8 -35.07 32.89 -37.62
N ASP A 9 -35.00 32.55 -38.90
CA ASP A 9 -35.77 31.42 -39.43
C ASP A 9 -35.09 30.14 -38.95
N GLU A 10 -33.78 30.24 -38.72
CA GLU A 10 -32.98 29.13 -38.24
C GLU A 10 -33.34 28.89 -36.77
N LEU A 11 -33.78 29.94 -36.09
CA LEU A 11 -34.16 29.86 -34.68
C LEU A 11 -35.61 29.47 -34.48
N ARG A 12 -36.53 30.32 -34.93
CA ARG A 12 -37.96 30.02 -34.79
C ARG A 12 -38.16 28.58 -35.23
N ASN A 13 -37.16 28.06 -35.94
CA ASN A 13 -37.13 26.70 -36.45
C ASN A 13 -38.07 25.77 -35.69
N GLU A 14 -38.97 25.14 -36.45
CA GLU A 14 -39.97 24.22 -35.91
C GLU A 14 -39.44 23.27 -34.83
N ASP A 15 -38.28 22.67 -35.07
CA ASP A 15 -37.69 21.76 -34.10
C ASP A 15 -36.61 22.47 -33.29
N VAL A 16 -36.33 21.94 -32.10
CA VAL A 16 -35.35 22.54 -31.20
C VAL A 16 -33.93 22.02 -31.40
N GLN A 17 -33.79 20.76 -31.81
CA GLN A 17 -32.50 20.12 -32.02
C GLN A 17 -31.53 20.82 -32.99
N LEU A 18 -32.05 21.68 -33.86
CA LEU A 18 -31.20 22.39 -34.80
C LEU A 18 -30.76 23.76 -34.30
N ARG A 19 -31.48 24.30 -33.31
CA ARG A 19 -31.13 25.59 -32.73
C ARG A 19 -29.89 25.42 -31.88
N LEU A 20 -29.49 24.16 -31.71
CA LEU A 20 -28.29 23.83 -30.95
C LEU A 20 -27.17 23.96 -31.99
N ASN A 21 -27.36 23.32 -33.13
CA ASN A 21 -26.39 23.36 -34.22
C ASN A 21 -26.27 24.75 -34.81
N SER A 22 -27.09 25.67 -34.32
CA SER A 22 -27.09 27.05 -34.80
C SER A 22 -26.29 27.98 -33.89
N ILE A 23 -26.57 27.92 -32.60
CA ILE A 23 -25.87 28.75 -31.62
C ILE A 23 -24.47 28.17 -31.43
N LYS A 24 -24.35 26.85 -31.41
CA LYS A 24 -23.06 26.18 -31.25
C LYS A 24 -22.07 26.74 -32.24
N LYS A 25 -22.58 27.23 -33.37
CA LYS A 25 -21.74 27.79 -34.40
C LYS A 25 -22.03 29.28 -34.55
N LEU A 26 -22.33 29.94 -33.43
CA LEU A 26 -22.62 31.38 -33.40
C LEU A 26 -21.34 32.20 -33.26
N SER A 27 -20.27 31.71 -33.86
CA SER A 27 -18.98 32.39 -33.83
C SER A 27 -18.56 32.62 -35.30
N THR A 28 -19.05 31.77 -36.19
CA THR A 28 -18.77 31.88 -37.61
C THR A 28 -19.75 32.90 -38.18
N ILE A 29 -20.66 33.33 -37.31
CA ILE A 29 -21.67 34.32 -37.62
C ILE A 29 -21.15 35.69 -37.19
N ALA A 30 -20.30 35.71 -36.16
CA ALA A 30 -19.69 36.96 -35.65
C ALA A 30 -18.53 37.27 -36.58
N LEU A 31 -17.97 36.20 -37.15
CA LEU A 31 -16.88 36.32 -38.10
C LEU A 31 -17.54 37.01 -39.28
N ALA A 32 -18.66 36.44 -39.72
CA ALA A 32 -19.43 36.99 -40.83
C ALA A 32 -19.67 38.47 -40.58
N LEU A 33 -20.59 38.79 -39.67
CA LEU A 33 -20.85 40.19 -39.36
C LEU A 33 -19.52 40.78 -38.90
N GLY A 34 -19.27 42.04 -39.24
CA GLY A 34 -18.02 42.66 -38.82
C GLY A 34 -18.03 42.92 -37.31
N VAL A 35 -16.87 43.24 -36.73
CA VAL A 35 -16.80 43.50 -35.29
C VAL A 35 -17.70 44.70 -34.99
N GLU A 36 -18.15 45.37 -36.04
CA GLU A 36 -19.03 46.53 -35.94
C GLU A 36 -20.47 46.08 -36.17
N ARG A 37 -20.60 44.89 -36.75
CA ARG A 37 -21.91 44.30 -37.03
C ARG A 37 -22.26 43.25 -35.96
N THR A 38 -21.24 42.55 -35.47
CA THR A 38 -21.43 41.54 -34.44
C THR A 38 -22.10 42.22 -33.25
N ARG A 39 -21.61 43.40 -32.91
CA ARG A 39 -22.13 44.18 -31.79
C ARG A 39 -23.16 45.20 -32.27
N SER A 40 -23.41 45.23 -33.57
CA SER A 40 -24.37 46.17 -34.15
C SER A 40 -25.80 45.76 -33.87
N GLU A 41 -26.18 44.58 -34.35
CA GLU A 41 -27.54 44.08 -34.12
C GLU A 41 -27.53 42.61 -33.71
N LEU A 42 -26.33 42.03 -33.67
CA LEU A 42 -26.22 40.63 -33.28
C LEU A 42 -26.38 40.46 -31.76
N LEU A 43 -25.75 41.33 -30.98
CA LEU A 43 -25.85 41.27 -29.51
C LEU A 43 -27.17 41.83 -29.00
N PRO A 44 -27.68 42.90 -29.63
CA PRO A 44 -28.96 43.48 -29.19
C PRO A 44 -30.15 42.54 -29.50
N PHE A 45 -29.88 41.50 -30.27
CA PHE A 45 -30.87 40.49 -30.64
C PHE A 45 -30.86 39.38 -29.59
N LEU A 46 -29.69 38.80 -29.38
CA LEU A 46 -29.51 37.73 -28.40
C LEU A 46 -29.88 38.19 -27.00
N THR A 47 -30.36 39.41 -26.87
CA THR A 47 -30.72 39.93 -25.54
C THR A 47 -32.21 39.82 -25.24
N ASP A 48 -32.99 40.82 -25.67
CA ASP A 48 -34.43 40.81 -25.41
C ASP A 48 -35.14 39.64 -26.10
N THR A 49 -34.35 38.70 -26.60
CA THR A 49 -34.87 37.52 -27.28
C THR A 49 -34.29 36.28 -26.61
N ILE A 50 -34.35 35.15 -27.33
CA ILE A 50 -33.86 33.86 -26.85
C ILE A 50 -34.40 33.50 -25.46
N TYR A 51 -35.37 32.59 -25.47
CA TYR A 51 -36.07 32.12 -24.28
C TYR A 51 -36.08 30.59 -24.29
N ASP A 52 -35.49 30.02 -25.33
CA ASP A 52 -35.41 28.58 -25.54
C ASP A 52 -35.21 27.72 -24.29
N GLU A 53 -35.00 26.42 -24.52
CA GLU A 53 -34.78 25.47 -23.43
C GLU A 53 -33.41 25.68 -22.79
N ASP A 54 -33.35 25.40 -21.50
CA ASP A 54 -32.14 25.57 -20.70
C ASP A 54 -30.84 25.13 -21.41
N GLU A 55 -30.89 24.04 -22.15
CA GLU A 55 -29.69 23.55 -22.85
C GLU A 55 -29.22 24.52 -23.94
N VAL A 56 -30.17 25.18 -24.60
CA VAL A 56 -29.87 26.15 -25.65
C VAL A 56 -29.14 27.31 -25.00
N LEU A 57 -29.65 27.70 -23.84
CA LEU A 57 -29.10 28.79 -23.03
C LEU A 57 -27.68 28.43 -22.62
N LEU A 58 -27.50 27.17 -22.24
CA LEU A 58 -26.19 26.68 -21.85
C LEU A 58 -25.28 26.92 -23.04
N ALA A 59 -25.79 26.58 -24.22
CA ALA A 59 -25.04 26.76 -25.45
C ALA A 59 -24.68 28.23 -25.60
N LEU A 60 -25.69 29.10 -25.56
CA LEU A 60 -25.44 30.52 -25.70
C LEU A 60 -24.38 31.10 -24.75
N ALA A 61 -24.58 30.88 -23.45
CA ALA A 61 -23.65 31.39 -22.44
C ALA A 61 -22.24 30.83 -22.58
N GLU A 62 -22.14 29.60 -23.08
CA GLU A 62 -20.84 28.99 -23.28
C GLU A 62 -20.18 29.75 -24.40
N GLN A 63 -20.86 29.79 -25.53
CA GLN A 63 -20.38 30.46 -26.72
C GLN A 63 -20.00 31.90 -26.42
N LEU A 64 -20.81 32.60 -25.64
CA LEU A 64 -20.51 33.98 -25.28
C LEU A 64 -19.25 34.03 -24.40
N GLY A 65 -18.63 32.86 -24.24
CA GLY A 65 -17.41 32.75 -23.46
C GLY A 65 -16.32 33.29 -24.34
N THR A 66 -15.98 32.53 -25.37
CA THR A 66 -14.96 32.95 -26.35
C THR A 66 -15.63 33.96 -27.27
N PHE A 67 -15.40 35.24 -27.03
CA PHE A 67 -16.01 36.29 -27.84
C PHE A 67 -15.32 37.63 -27.65
N THR A 68 -14.57 37.77 -26.55
CA THR A 68 -13.88 39.02 -26.24
C THR A 68 -13.22 39.69 -27.46
N THR A 69 -12.85 38.88 -28.44
CA THR A 69 -12.21 39.37 -29.65
C THR A 69 -13.21 39.56 -30.82
N LEU A 70 -14.16 38.62 -30.97
CA LEU A 70 -15.18 38.68 -32.04
C LEU A 70 -16.19 39.84 -31.90
N VAL A 71 -15.76 40.93 -31.25
CA VAL A 71 -16.60 42.11 -31.05
C VAL A 71 -15.65 43.28 -30.77
N GLY A 72 -14.36 43.02 -30.95
CA GLY A 72 -13.35 44.02 -30.73
C GLY A 72 -12.17 43.43 -29.99
N GLY A 73 -12.21 43.54 -28.67
CA GLY A 73 -11.13 43.03 -27.84
C GLY A 73 -11.29 43.79 -26.54
N PRO A 74 -10.26 43.81 -25.68
CA PRO A 74 -10.34 44.52 -24.40
C PRO A 74 -10.88 45.95 -24.43
N GLU A 75 -11.18 46.45 -25.62
CA GLU A 75 -11.72 47.79 -25.81
C GLU A 75 -13.24 47.76 -25.74
N TYR A 76 -13.81 46.70 -26.31
CA TYR A 76 -15.26 46.54 -26.37
C TYR A 76 -15.87 45.41 -25.54
N VAL A 77 -15.04 44.52 -24.98
CA VAL A 77 -15.54 43.38 -24.19
C VAL A 77 -16.77 43.66 -23.35
N HIS A 78 -16.91 44.90 -22.87
CA HIS A 78 -18.03 45.29 -22.03
C HIS A 78 -19.36 45.44 -22.79
N CYS A 79 -19.43 44.75 -23.93
CA CYS A 79 -20.62 44.76 -24.78
C CYS A 79 -21.26 43.41 -24.69
N LEU A 80 -20.65 42.56 -23.87
CA LEU A 80 -21.12 41.22 -23.63
C LEU A 80 -21.81 41.18 -22.25
N LEU A 81 -21.61 42.23 -21.47
CA LEU A 81 -22.18 42.34 -20.12
C LEU A 81 -23.71 42.27 -19.99
N PRO A 82 -24.46 42.78 -20.98
CA PRO A 82 -25.92 42.70 -20.81
C PRO A 82 -26.61 41.35 -21.17
N PRO A 83 -26.05 40.59 -22.13
CA PRO A 83 -26.69 39.32 -22.48
C PRO A 83 -26.45 38.23 -21.46
N LEU A 84 -25.45 38.43 -20.60
CA LEU A 84 -25.11 37.46 -19.56
C LEU A 84 -25.93 37.77 -18.34
N GLU A 85 -25.81 39.01 -17.88
CA GLU A 85 -26.54 39.48 -16.71
C GLU A 85 -27.98 39.00 -16.78
N SER A 86 -28.35 38.46 -17.94
CA SER A 86 -29.68 37.93 -18.16
C SER A 86 -29.62 36.43 -17.95
N LEU A 87 -28.62 35.80 -18.53
CA LEU A 87 -28.46 34.36 -18.38
C LEU A 87 -28.11 34.00 -16.95
N ALA A 88 -27.21 34.79 -16.36
CA ALA A 88 -26.79 34.54 -15.00
C ALA A 88 -27.92 34.76 -14.01
N THR A 89 -29.16 34.83 -14.51
CA THR A 89 -30.33 35.03 -13.65
C THR A 89 -31.45 34.02 -13.91
N VAL A 90 -31.22 33.10 -14.85
CA VAL A 90 -32.21 32.07 -15.15
C VAL A 90 -32.30 31.19 -13.91
N GLU A 91 -33.38 30.44 -13.74
CA GLU A 91 -33.47 29.64 -12.53
C GLU A 91 -32.66 28.35 -12.52
N GLU A 92 -32.53 27.69 -13.67
CA GLU A 92 -31.74 26.46 -13.72
C GLU A 92 -30.27 26.76 -13.53
N THR A 93 -29.66 26.29 -12.43
CA THR A 93 -28.24 26.57 -12.16
C THR A 93 -27.28 26.24 -13.30
N VAL A 94 -27.33 25.02 -13.81
CA VAL A 94 -26.43 24.60 -14.89
C VAL A 94 -26.19 25.76 -15.84
N VAL A 95 -27.27 26.48 -16.17
CA VAL A 95 -27.17 27.63 -17.06
C VAL A 95 -26.38 28.77 -16.43
N ARG A 96 -26.97 29.46 -15.44
CA ARG A 96 -26.29 30.58 -14.81
C ARG A 96 -24.92 30.19 -14.29
N ASP A 97 -24.67 28.89 -14.17
CA ASP A 97 -23.37 28.41 -13.73
C ASP A 97 -22.40 28.92 -14.79
N LYS A 98 -22.63 28.50 -16.04
CA LYS A 98 -21.81 28.88 -17.21
C LYS A 98 -21.67 30.38 -17.34
N ALA A 99 -22.81 31.04 -17.45
CA ALA A 99 -22.84 32.49 -17.60
C ALA A 99 -21.85 33.16 -16.67
N VAL A 100 -21.92 32.80 -15.40
CA VAL A 100 -21.02 33.42 -14.43
C VAL A 100 -19.60 32.97 -14.78
N GLU A 101 -19.47 31.81 -15.39
CA GLU A 101 -18.15 31.32 -15.78
C GLU A 101 -17.58 32.28 -16.82
N SER A 102 -18.42 32.58 -17.83
CA SER A 102 -18.07 33.49 -18.93
C SER A 102 -17.80 34.87 -18.36
N LEU A 103 -18.76 35.39 -17.58
CA LEU A 103 -18.58 36.68 -16.94
C LEU A 103 -17.16 36.78 -16.37
N ARG A 104 -16.85 35.87 -15.45
CA ARG A 104 -15.54 35.81 -14.81
C ARG A 104 -14.41 35.83 -15.82
N ALA A 105 -14.56 35.05 -16.89
CA ALA A 105 -13.55 34.93 -17.94
C ALA A 105 -13.26 36.25 -18.66
N ILE A 106 -14.29 36.81 -19.30
CA ILE A 106 -14.12 38.06 -20.03
C ILE A 106 -13.86 39.22 -19.09
N SER A 107 -13.88 38.98 -17.78
CA SER A 107 -13.62 40.06 -16.83
C SER A 107 -12.18 40.51 -16.99
N HIS A 108 -11.29 39.53 -17.11
CA HIS A 108 -9.87 39.80 -17.29
C HIS A 108 -9.68 40.68 -18.52
N GLU A 109 -10.44 40.38 -19.57
CA GLU A 109 -10.37 41.13 -20.83
C GLU A 109 -10.95 42.53 -20.73
N HIS A 110 -11.07 43.06 -19.52
CA HIS A 110 -11.59 44.40 -19.32
C HIS A 110 -10.42 45.35 -19.11
N SER A 111 -10.73 46.61 -18.85
CA SER A 111 -9.70 47.61 -18.60
C SER A 111 -10.07 48.19 -17.25
N PRO A 112 -9.07 48.59 -16.44
CA PRO A 112 -9.36 49.15 -15.12
C PRO A 112 -10.54 50.11 -15.09
N SER A 113 -10.67 50.94 -16.14
CA SER A 113 -11.76 51.88 -16.25
C SER A 113 -13.01 51.10 -16.64
N ASP A 114 -12.83 50.11 -17.53
CA ASP A 114 -13.92 49.26 -17.98
C ASP A 114 -14.66 48.65 -16.78
N LEU A 115 -13.90 48.10 -15.82
CA LEU A 115 -14.48 47.46 -14.62
C LEU A 115 -15.33 48.38 -13.77
N GLU A 116 -14.74 49.42 -13.20
CA GLU A 116 -15.47 50.36 -12.35
C GLU A 116 -16.62 51.00 -13.13
N ALA A 117 -16.55 50.89 -14.45
CA ALA A 117 -17.54 51.46 -15.36
C ALA A 117 -18.82 50.65 -15.57
N HIS A 118 -18.68 49.41 -16.05
CA HIS A 118 -19.86 48.55 -16.32
C HIS A 118 -19.98 47.25 -15.53
N PHE A 119 -18.84 46.55 -15.42
CA PHE A 119 -18.78 45.29 -14.68
C PHE A 119 -19.32 45.55 -13.28
N VAL A 120 -18.46 46.05 -12.39
CA VAL A 120 -18.86 46.34 -11.02
C VAL A 120 -20.31 46.81 -10.89
N PRO A 121 -20.79 47.61 -11.85
CA PRO A 121 -22.19 48.03 -11.70
C PRO A 121 -23.14 46.84 -11.75
N LEU A 122 -22.87 45.93 -12.70
CA LEU A 122 -23.68 44.74 -12.90
C LEU A 122 -23.58 43.80 -11.70
N VAL A 123 -22.44 43.86 -11.04
CA VAL A 123 -22.21 43.06 -9.85
C VAL A 123 -23.13 43.56 -8.74
N LYS A 124 -23.43 44.85 -8.73
CA LYS A 124 -24.32 45.40 -7.71
C LYS A 124 -25.76 45.15 -8.13
N ARG A 125 -25.96 44.96 -9.43
CA ARG A 125 -27.30 44.73 -9.96
C ARG A 125 -27.72 43.31 -9.62
N LEU A 126 -26.83 42.36 -9.89
CA LEU A 126 -27.13 40.98 -9.58
C LEU A 126 -27.32 40.86 -8.07
N ALA A 127 -26.31 41.27 -7.30
CA ALA A 127 -26.36 41.17 -5.83
C ALA A 127 -27.51 41.89 -5.14
N GLY A 128 -28.08 42.90 -5.80
CA GLY A 128 -29.18 43.61 -5.19
C GLY A 128 -30.51 43.07 -5.64
N GLY A 129 -30.49 42.37 -6.78
CA GLY A 129 -31.70 41.79 -7.36
C GLY A 129 -32.71 41.17 -6.39
N ASP A 130 -33.91 40.95 -6.91
CA ASP A 130 -34.99 40.36 -6.13
C ASP A 130 -34.72 38.86 -5.96
N TRP A 131 -34.56 38.19 -7.09
CA TRP A 131 -34.33 36.75 -7.14
C TRP A 131 -33.03 36.26 -6.52
N PHE A 132 -33.14 35.45 -5.47
CA PHE A 132 -31.94 34.95 -4.78
C PHE A 132 -30.94 34.40 -5.78
N THR A 133 -31.44 33.77 -6.85
CA THR A 133 -30.56 33.23 -7.87
C THR A 133 -29.50 34.26 -8.21
N SER A 134 -29.96 35.38 -8.75
CA SER A 134 -29.09 36.47 -9.17
C SER A 134 -28.00 36.79 -8.17
N ARG A 135 -28.37 37.00 -6.91
CA ARG A 135 -27.38 37.32 -5.87
C ARG A 135 -26.36 36.21 -5.73
N THR A 136 -26.84 34.99 -5.88
CA THR A 136 -25.99 33.82 -5.80
C THR A 136 -25.03 33.87 -6.97
N SER A 137 -25.57 34.03 -8.17
CA SER A 137 -24.78 34.12 -9.39
C SER A 137 -23.81 35.28 -9.28
N ALA A 138 -24.14 36.23 -8.40
CA ALA A 138 -23.29 37.38 -8.21
C ALA A 138 -22.03 36.95 -7.44
N CYS A 139 -22.22 36.38 -6.27
CA CYS A 139 -21.12 35.94 -5.43
C CYS A 139 -19.80 35.61 -6.13
N GLY A 140 -19.87 34.98 -7.29
CA GLY A 140 -18.63 34.63 -7.98
C GLY A 140 -18.02 35.66 -8.90
N LEU A 141 -18.32 36.94 -8.67
CA LEU A 141 -17.79 38.00 -9.50
C LEU A 141 -16.98 39.07 -8.76
N PHE A 142 -16.89 38.94 -7.44
CA PHE A 142 -16.10 39.88 -6.61
C PHE A 142 -14.61 39.54 -6.69
N SER A 143 -14.29 38.27 -6.52
CA SER A 143 -12.90 37.82 -6.56
C SER A 143 -12.18 38.31 -7.82
N VAL A 144 -12.91 38.52 -8.91
CA VAL A 144 -12.26 38.98 -10.14
C VAL A 144 -12.04 40.49 -10.31
N CYS A 145 -13.10 41.29 -10.31
CA CYS A 145 -12.89 42.72 -10.48
C CYS A 145 -11.98 43.29 -9.36
N TYR A 146 -12.53 43.55 -8.18
CA TYR A 146 -11.81 44.11 -7.00
C TYR A 146 -10.30 44.34 -7.08
N PRO A 147 -9.53 43.30 -7.42
CA PRO A 147 -8.09 43.47 -7.51
C PRO A 147 -7.63 44.65 -8.37
N ARG A 148 -8.43 44.99 -9.38
CA ARG A 148 -8.06 46.07 -10.28
C ARG A 148 -8.96 47.29 -10.40
N VAL A 149 -9.50 47.80 -9.28
CA VAL A 149 -10.36 48.99 -9.35
C VAL A 149 -9.80 50.09 -8.44
N SER A 150 -10.65 51.03 -8.03
CA SER A 150 -10.19 52.10 -7.15
C SER A 150 -10.43 51.73 -5.69
N SER A 151 -9.68 52.36 -4.78
CA SER A 151 -9.81 52.11 -3.35
C SER A 151 -11.18 52.54 -2.85
N ALA A 152 -11.94 53.17 -3.75
CA ALA A 152 -13.30 53.63 -3.44
C ALA A 152 -14.29 52.54 -3.85
N VAL A 153 -13.99 51.88 -4.98
CA VAL A 153 -14.81 50.78 -5.48
C VAL A 153 -14.67 49.65 -4.47
N LYS A 154 -13.41 49.31 -4.17
CA LYS A 154 -13.11 48.26 -3.21
C LYS A 154 -13.95 48.48 -1.97
N ALA A 155 -14.05 49.74 -1.55
CA ALA A 155 -14.83 50.11 -0.37
C ALA A 155 -16.28 49.67 -0.52
N GLU A 156 -16.77 49.68 -1.76
CA GLU A 156 -18.13 49.27 -2.04
C GLU A 156 -18.23 47.75 -2.15
N LEU A 157 -17.46 47.18 -3.08
CA LEU A 157 -17.49 45.74 -3.27
C LEU A 157 -17.54 45.11 -1.89
N ARG A 158 -16.45 45.17 -1.12
CA ARG A 158 -16.42 44.56 0.22
C ARG A 158 -17.74 44.75 0.95
N GLN A 159 -18.18 46.01 1.07
CA GLN A 159 -19.44 46.35 1.71
C GLN A 159 -20.55 45.43 1.16
N TYR A 160 -20.58 45.32 -0.17
CA TYR A 160 -21.56 44.48 -0.87
C TYR A 160 -21.41 43.01 -0.52
N PHE A 161 -20.18 42.51 -0.66
CA PHE A 161 -19.88 41.12 -0.36
C PHE A 161 -20.32 40.78 1.07
N ARG A 162 -20.55 41.81 1.87
CA ARG A 162 -20.96 41.63 3.25
C ARG A 162 -22.46 41.40 3.38
N ASN A 163 -23.26 42.17 2.65
CA ASN A 163 -24.71 42.03 2.72
C ASN A 163 -25.11 40.63 2.23
N LEU A 164 -24.24 40.05 1.41
CA LEU A 164 -24.47 38.74 0.87
C LEU A 164 -24.27 37.72 1.96
N CYS A 165 -23.18 37.84 2.71
CA CYS A 165 -22.87 36.91 3.79
C CYS A 165 -23.94 36.93 4.88
N SER A 166 -24.89 37.85 4.76
CA SER A 166 -25.93 37.98 5.75
C SER A 166 -27.30 37.90 5.09
N ASP A 167 -27.29 37.67 3.79
CA ASP A 167 -28.52 37.57 3.00
C ASP A 167 -29.60 36.80 3.77
N ASP A 168 -30.86 37.03 3.43
CA ASP A 168 -31.96 36.35 4.12
C ASP A 168 -32.01 34.89 3.69
N THR A 169 -31.65 34.67 2.44
CA THR A 169 -31.67 33.34 1.85
C THR A 169 -30.36 32.59 2.00
N PRO A 170 -30.39 31.46 2.75
CA PRO A 170 -29.21 30.64 2.97
C PRO A 170 -28.45 30.39 1.68
N MET A 171 -29.20 30.12 0.61
CA MET A 171 -28.62 29.84 -0.69
C MET A 171 -27.48 30.79 -0.94
N VAL A 172 -27.80 32.08 -0.84
CA VAL A 172 -26.82 33.12 -1.06
C VAL A 172 -25.70 33.11 -0.01
N ARG A 173 -26.05 33.08 1.28
CA ARG A 173 -25.02 33.03 2.32
C ARG A 173 -24.06 31.86 2.07
N ARG A 174 -24.60 30.71 1.64
CA ARG A 174 -23.76 29.56 1.34
C ARG A 174 -22.85 29.99 0.19
N ALA A 175 -23.46 30.64 -0.78
CA ALA A 175 -22.77 31.15 -1.95
C ALA A 175 -21.61 32.03 -1.52
N ALA A 176 -21.94 33.07 -0.76
CA ALA A 176 -20.92 33.98 -0.29
C ALA A 176 -19.83 33.20 0.43
N ALA A 177 -20.21 32.26 1.29
CA ALA A 177 -19.24 31.46 2.04
C ALA A 177 -18.37 30.62 1.13
N SER A 178 -18.99 29.99 0.15
CA SER A 178 -18.25 29.17 -0.78
C SER A 178 -17.31 30.07 -1.54
N LYS A 179 -17.49 31.38 -1.35
CA LYS A 179 -16.67 32.37 -2.01
C LYS A 179 -15.82 33.23 -1.09
N LEU A 180 -15.99 33.02 0.21
CA LEU A 180 -15.21 33.74 1.23
C LEU A 180 -13.79 33.29 1.01
N GLY A 181 -13.66 32.09 0.46
CA GLY A 181 -12.35 31.53 0.21
C GLY A 181 -11.46 32.47 -0.59
N GLU A 182 -11.68 32.52 -1.89
CA GLU A 182 -10.87 33.33 -2.79
C GLU A 182 -10.95 34.82 -2.64
N PHE A 183 -12.14 35.34 -2.39
CA PHE A 183 -12.26 36.77 -2.27
C PHE A 183 -11.39 37.34 -1.17
N ALA A 184 -11.05 36.49 -0.20
CA ALA A 184 -10.20 36.92 0.91
C ALA A 184 -8.75 37.03 0.43
N LYS A 185 -8.39 36.19 -0.54
CA LYS A 185 -7.04 36.19 -1.08
C LYS A 185 -6.68 37.48 -1.81
N VAL A 186 -7.65 38.09 -2.50
CA VAL A 186 -7.38 39.32 -3.23
C VAL A 186 -7.38 40.56 -2.35
N LEU A 187 -7.89 40.45 -1.13
CA LEU A 187 -7.90 41.59 -0.19
C LEU A 187 -6.52 41.75 0.45
N GLU A 188 -6.29 42.90 1.09
CA GLU A 188 -5.01 43.17 1.73
C GLU A 188 -5.14 43.15 3.24
N LEU A 189 -4.31 42.31 3.86
CA LEU A 189 -4.28 42.10 5.30
C LEU A 189 -5.22 42.93 6.16
N ASP A 190 -4.97 44.23 6.27
CA ASP A 190 -5.82 45.11 7.06
C ASP A 190 -7.28 44.65 6.94
N ASN A 191 -7.76 44.58 5.70
CA ASN A 191 -9.12 44.14 5.41
C ASN A 191 -9.35 42.75 5.96
N VAL A 192 -8.68 41.78 5.35
CA VAL A 192 -8.77 40.38 5.74
C VAL A 192 -8.85 40.21 7.26
N LYS A 193 -8.28 41.14 8.01
CA LYS A 193 -8.33 41.06 9.47
C LYS A 193 -9.62 41.68 9.97
N SER A 194 -9.90 42.90 9.52
CA SER A 194 -11.10 43.63 9.93
C SER A 194 -12.36 43.46 9.07
N GLU A 195 -12.40 42.40 8.26
CA GLU A 195 -13.56 42.13 7.40
C GLU A 195 -13.76 40.64 7.11
N ILE A 196 -12.83 40.04 6.38
CA ILE A 196 -12.95 38.62 6.09
C ILE A 196 -13.26 37.94 7.42
N ILE A 197 -12.28 37.94 8.31
CA ILE A 197 -12.40 37.33 9.64
C ILE A 197 -13.81 37.47 10.24
N PRO A 198 -14.32 38.70 10.38
CA PRO A 198 -15.67 38.88 10.94
C PRO A 198 -16.68 38.06 10.15
N MET A 199 -16.62 38.19 8.83
CA MET A 199 -17.53 37.43 7.98
C MET A 199 -17.29 35.94 8.23
N PHE A 200 -16.02 35.55 8.16
CA PHE A 200 -15.62 34.18 8.40
C PHE A 200 -16.19 33.66 9.72
N SER A 201 -16.25 34.52 10.73
CA SER A 201 -16.80 34.13 12.04
C SER A 201 -18.33 33.95 11.98
N ASN A 202 -19.03 35.03 11.67
CA ASN A 202 -20.49 35.02 11.57
C ASN A 202 -20.92 33.77 10.80
N LEU A 203 -20.29 33.61 9.64
CA LEU A 203 -20.59 32.48 8.77
C LEU A 203 -20.26 31.16 9.42
N ALA A 204 -19.17 31.11 10.17
CA ALA A 204 -18.80 29.86 10.83
C ALA A 204 -19.80 29.53 11.93
N SER A 205 -20.62 30.51 12.29
CA SER A 205 -21.63 30.34 13.34
C SER A 205 -23.06 30.59 12.87
N ASP A 206 -23.26 30.64 11.55
CA ASP A 206 -24.60 30.87 11.00
C ASP A 206 -25.58 29.78 11.45
N GLU A 207 -26.86 30.15 11.52
CA GLU A 207 -27.91 29.23 11.93
C GLU A 207 -27.88 27.89 11.18
N GLN A 208 -27.75 27.95 9.86
CA GLN A 208 -27.70 26.76 9.01
C GLN A 208 -26.40 25.99 9.12
N ASP A 209 -26.47 24.72 9.51
CA ASP A 209 -25.22 23.98 9.62
C ASP A 209 -24.60 23.87 8.23
N SER A 210 -25.44 23.88 7.19
CA SER A 210 -24.96 23.80 5.82
C SER A 210 -24.14 25.03 5.42
N VAL A 211 -23.99 26.00 6.31
CA VAL A 211 -23.21 27.18 5.96
C VAL A 211 -21.95 27.28 6.83
N ARG A 212 -22.11 27.00 8.12
CA ARG A 212 -20.95 27.04 9.01
C ARG A 212 -19.97 26.09 8.33
N LEU A 213 -20.54 25.01 7.84
CA LEU A 213 -19.78 23.99 7.14
C LEU A 213 -18.97 24.68 6.05
N LEU A 214 -19.67 25.29 5.10
CA LEU A 214 -18.98 25.99 4.01
C LEU A 214 -18.01 27.02 4.55
N ALA A 215 -18.21 27.47 5.79
CA ALA A 215 -17.32 28.47 6.36
C ALA A 215 -15.99 27.81 6.63
N VAL A 216 -16.02 26.80 7.51
CA VAL A 216 -14.82 26.06 7.85
C VAL A 216 -13.96 25.75 6.63
N GLU A 217 -14.58 25.32 5.54
CA GLU A 217 -13.80 25.01 4.36
C GLU A 217 -12.84 26.19 4.15
N ALA A 218 -13.37 27.39 4.27
CA ALA A 218 -12.58 28.60 4.07
C ALA A 218 -11.36 28.73 4.98
N CYS A 219 -11.50 28.28 6.23
CA CYS A 219 -10.46 28.37 7.25
C CYS A 219 -9.02 28.23 6.77
N VAL A 220 -8.66 27.06 6.24
CA VAL A 220 -7.29 26.88 5.78
C VAL A 220 -6.75 28.07 4.96
N ASN A 221 -7.40 28.40 3.84
CA ASN A 221 -6.97 29.51 2.97
C ASN A 221 -6.86 30.82 3.72
N ILE A 222 -7.79 31.07 4.64
CA ILE A 222 -7.73 32.28 5.41
C ILE A 222 -6.42 32.21 6.22
N ALA A 223 -6.35 31.25 7.12
CA ALA A 223 -5.17 31.05 7.95
C ALA A 223 -3.89 31.03 7.12
N GLN A 224 -4.01 30.73 5.84
CA GLN A 224 -2.81 30.69 5.02
C GLN A 224 -2.51 32.09 4.49
N LEU A 225 -3.14 33.10 5.10
CA LEU A 225 -2.90 34.46 4.66
C LEU A 225 -2.62 35.39 5.82
N LEU A 226 -2.31 34.80 6.98
CA LEU A 226 -2.04 35.58 8.18
C LEU A 226 -0.82 35.02 8.92
N PRO A 227 0.15 35.87 9.27
CA PRO A 227 1.31 35.32 9.99
C PRO A 227 0.88 34.80 11.38
N GLN A 228 1.50 33.70 11.81
CA GLN A 228 1.21 33.04 13.09
C GLN A 228 0.70 33.99 14.17
N GLU A 229 1.45 35.06 14.40
CA GLU A 229 1.10 36.05 15.41
C GLU A 229 -0.40 36.26 15.62
N ASP A 230 -1.12 36.51 14.52
CA ASP A 230 -2.56 36.77 14.56
C ASP A 230 -3.50 35.57 14.71
N LEU A 231 -3.15 34.47 14.03
CA LEU A 231 -3.97 33.27 14.05
C LEU A 231 -4.53 32.92 15.41
N GLU A 232 -3.70 32.98 16.44
CA GLU A 232 -4.16 32.68 17.78
C GLU A 232 -5.29 33.63 18.16
N ALA A 233 -5.24 34.82 17.55
CA ALA A 233 -6.22 35.86 17.82
C ALA A 233 -7.44 35.88 16.90
N LEU A 234 -7.28 35.38 15.67
CA LEU A 234 -8.38 35.37 14.70
C LEU A 234 -9.01 34.02 14.38
N VAL A 235 -8.21 33.16 13.77
CA VAL A 235 -8.68 31.84 13.36
C VAL A 235 -9.00 30.86 14.48
N MET A 236 -8.12 30.76 15.46
CA MET A 236 -8.31 29.80 16.55
C MET A 236 -9.65 29.74 17.28
N PRO A 237 -10.15 30.87 17.79
CA PRO A 237 -11.43 30.89 18.51
C PRO A 237 -12.49 30.18 17.67
N THR A 238 -12.52 30.56 16.40
CA THR A 238 -13.47 30.01 15.45
C THR A 238 -13.16 28.54 15.27
N LEU A 239 -11.98 28.26 14.69
CA LEU A 239 -11.54 26.91 14.44
C LEU A 239 -11.78 26.03 15.64
N ARG A 240 -11.51 26.58 16.83
CA ARG A 240 -11.72 25.87 18.10
C ARG A 240 -13.19 25.48 18.19
N GLN A 241 -14.06 26.45 17.99
CA GLN A 241 -15.50 26.25 18.04
C GLN A 241 -15.90 25.14 17.06
N ALA A 242 -15.33 25.20 15.85
CA ALA A 242 -15.60 24.23 14.80
C ALA A 242 -15.51 22.81 15.31
N ALA A 243 -14.32 22.40 15.73
CA ALA A 243 -14.12 21.05 16.23
C ALA A 243 -15.27 20.57 17.13
N GLU A 244 -15.86 21.47 17.91
CA GLU A 244 -16.96 21.12 18.82
C GLU A 244 -18.36 21.15 18.15
N ASP A 245 -18.49 21.98 17.11
CA ASP A 245 -19.75 22.17 16.40
C ASP A 245 -20.85 21.12 16.53
N LYS A 246 -22.06 21.62 16.73
CA LYS A 246 -23.25 20.81 16.86
C LYS A 246 -23.37 19.84 15.69
N SER A 247 -23.09 20.33 14.48
CA SER A 247 -23.21 19.49 13.27
C SER A 247 -22.04 18.60 12.97
N TRP A 248 -22.26 17.29 13.00
CA TRP A 248 -21.17 16.40 12.72
C TRP A 248 -20.55 16.80 11.41
N ARG A 249 -21.40 17.14 10.44
CA ARG A 249 -20.92 17.54 9.12
C ARG A 249 -19.79 18.56 9.24
N VAL A 250 -19.91 19.46 10.20
CA VAL A 250 -18.86 20.47 10.38
C VAL A 250 -17.60 19.89 11.01
N ARG A 251 -17.78 19.07 12.04
CA ARG A 251 -16.68 18.45 12.74
C ARG A 251 -15.95 17.64 11.70
N TYR A 252 -16.72 17.00 10.84
CA TYR A 252 -16.19 16.20 9.74
C TYR A 252 -15.28 17.08 8.88
N MET A 253 -15.76 18.28 8.54
CA MET A 253 -14.95 19.20 7.75
C MET A 253 -13.61 19.36 8.40
N VAL A 254 -13.65 19.71 9.69
CA VAL A 254 -12.47 19.92 10.51
C VAL A 254 -11.62 18.66 10.49
N ALA A 255 -12.25 17.53 10.79
CA ALA A 255 -11.53 16.29 10.80
C ALA A 255 -10.81 16.10 9.48
N ASP A 256 -11.58 15.97 8.41
CA ASP A 256 -11.00 15.74 7.10
C ASP A 256 -9.89 16.66 6.66
N LYS A 257 -9.98 17.95 6.97
CA LYS A 257 -8.93 18.90 6.57
C LYS A 257 -7.92 19.13 7.70
N PHE A 258 -7.90 18.21 8.66
CA PHE A 258 -7.04 18.31 9.83
C PHE A 258 -5.56 18.46 9.55
N THR A 259 -5.03 17.65 8.67
CA THR A 259 -3.62 17.78 8.38
C THR A 259 -3.39 19.13 7.75
N GLU A 260 -4.16 19.42 6.71
CA GLU A 260 -4.03 20.68 6.02
C GLU A 260 -3.98 21.85 7.00
N LEU A 261 -4.82 21.81 8.03
CA LEU A 261 -4.87 22.87 9.04
C LEU A 261 -3.56 22.91 9.79
N GLN A 262 -3.09 21.73 10.19
CA GLN A 262 -1.83 21.65 10.89
C GLN A 262 -0.91 22.61 10.14
N LYS A 263 -0.46 22.19 8.96
CA LYS A 263 0.44 22.98 8.13
C LYS A 263 0.00 24.42 7.90
N ALA A 264 -1.28 24.70 8.13
CA ALA A 264 -1.81 26.04 7.96
C ALA A 264 -1.53 26.78 9.22
N VAL A 265 -2.00 26.22 10.33
CA VAL A 265 -1.78 26.80 11.64
C VAL A 265 -0.27 26.94 11.78
N GLY A 266 0.27 26.24 12.76
CA GLY A 266 1.70 26.27 12.99
C GLY A 266 2.01 25.07 13.86
N PRO A 267 3.28 24.79 14.09
CA PRO A 267 3.72 23.66 14.91
C PRO A 267 3.47 23.75 16.43
N GLU A 268 3.30 24.95 16.99
CA GLU A 268 3.05 25.02 18.43
C GLU A 268 1.56 25.04 18.72
N ILE A 269 0.80 25.81 17.94
CA ILE A 269 -0.64 25.92 18.13
C ILE A 269 -1.18 24.50 18.00
N THR A 270 -0.43 23.68 17.27
CA THR A 270 -0.83 22.29 17.02
C THR A 270 -1.06 21.52 18.32
N LYS A 271 -0.09 21.54 19.24
CA LYS A 271 -0.26 20.82 20.51
C LYS A 271 -1.06 21.63 21.53
N THR A 272 -1.02 22.94 21.39
CA THR A 272 -1.75 23.81 22.30
C THR A 272 -3.24 23.68 22.07
N ASP A 273 -3.64 23.58 20.80
CA ASP A 273 -5.05 23.49 20.44
C ASP A 273 -5.54 22.28 19.65
N LEU A 274 -4.94 22.03 18.49
CA LEU A 274 -5.40 20.90 17.68
C LEU A 274 -5.35 19.54 18.36
N VAL A 275 -4.17 19.13 18.83
CA VAL A 275 -4.00 17.83 19.49
C VAL A 275 -5.14 17.49 20.46
N PRO A 276 -5.49 18.44 21.34
CA PRO A 276 -6.57 18.13 22.28
C PRO A 276 -7.82 17.82 21.46
N ALA A 277 -8.08 18.68 20.48
CA ALA A 277 -9.22 18.55 19.60
C ALA A 277 -9.21 17.21 18.89
N PHE A 278 -8.08 16.89 18.24
CA PHE A 278 -7.95 15.65 17.49
C PHE A 278 -8.44 14.49 18.33
N GLN A 279 -8.13 14.53 19.62
CA GLN A 279 -8.54 13.48 20.55
C GLN A 279 -10.05 13.28 20.62
N ASN A 280 -10.78 14.40 20.62
CA ASN A 280 -12.22 14.34 20.70
C ASN A 280 -12.83 13.93 19.36
N LEU A 281 -12.10 14.23 18.29
CA LEU A 281 -12.58 13.83 16.97
C LEU A 281 -12.49 12.32 16.95
N MET A 282 -11.32 11.78 17.30
CA MET A 282 -11.15 10.33 17.32
C MET A 282 -12.16 9.71 18.28
N LYS A 283 -12.57 10.47 19.29
CA LYS A 283 -13.56 9.97 20.23
C LYS A 283 -14.96 10.41 19.78
N ASP A 284 -15.03 11.17 18.68
CA ASP A 284 -16.32 11.69 18.19
C ASP A 284 -17.47 10.70 18.16
N CYS A 285 -18.65 11.23 18.45
CA CYS A 285 -19.89 10.47 18.48
C CYS A 285 -20.18 9.79 17.16
N GLU A 286 -20.10 10.56 16.06
CA GLU A 286 -20.37 10.06 14.70
C GLU A 286 -19.19 9.39 14.01
N ALA A 287 -19.33 8.10 13.74
CA ALA A 287 -18.27 7.33 13.11
C ALA A 287 -17.73 8.01 11.87
N GLU A 288 -18.62 8.46 11.01
CA GLU A 288 -18.20 9.12 9.79
C GLU A 288 -17.12 10.15 10.11
N VAL A 289 -17.03 10.53 11.37
CA VAL A 289 -16.00 11.49 11.80
C VAL A 289 -14.82 10.74 12.40
N ARG A 290 -15.12 9.75 13.23
CA ARG A 290 -14.05 8.98 13.84
C ARG A 290 -13.18 8.48 12.70
N ALA A 291 -13.85 7.95 11.67
CA ALA A 291 -13.17 7.41 10.52
C ALA A 291 -12.33 8.49 9.85
N ALA A 292 -13.00 9.57 9.47
CA ALA A 292 -12.32 10.68 8.82
C ALA A 292 -11.13 11.11 9.66
N ALA A 293 -11.20 10.84 10.96
CA ALA A 293 -10.11 11.20 11.87
C ALA A 293 -8.97 10.20 11.74
N SER A 294 -9.30 8.93 11.93
CA SER A 294 -8.33 7.83 11.88
C SER A 294 -7.40 7.89 10.66
N HIS A 295 -7.91 8.31 9.52
CA HIS A 295 -7.07 8.41 8.34
C HIS A 295 -5.97 9.41 8.60
N LYS A 296 -6.31 10.48 9.31
CA LYS A 296 -5.32 11.51 9.57
C LYS A 296 -4.22 11.16 10.58
N VAL A 297 -4.41 10.09 11.33
CA VAL A 297 -3.43 9.68 12.33
C VAL A 297 -1.95 9.78 11.97
N LYS A 298 -1.49 8.92 11.06
CA LYS A 298 -0.09 8.91 10.65
C LYS A 298 0.44 10.28 10.31
N GLU A 299 0.00 10.81 9.18
CA GLU A 299 0.45 12.11 8.73
C GLU A 299 0.42 13.13 9.88
N PHE A 300 -0.60 13.10 10.73
CA PHE A 300 -0.66 14.06 11.81
C PHE A 300 0.55 13.92 12.68
N CYS A 301 0.84 12.70 13.10
CA CYS A 301 1.99 12.45 13.95
C CYS A 301 3.30 12.84 13.27
N GLU A 302 3.50 12.38 12.04
CA GLU A 302 4.72 12.71 11.28
C GLU A 302 5.04 14.19 11.31
N ASN A 303 4.07 15.00 10.93
CA ASN A 303 4.23 16.45 10.90
C ASN A 303 4.04 17.15 12.23
N LEU A 304 4.32 16.44 13.33
CA LEU A 304 4.21 17.05 14.64
C LEU A 304 5.52 17.79 14.84
N SER A 305 5.77 18.32 16.04
CA SER A 305 7.01 19.05 16.31
C SER A 305 8.20 18.10 16.45
N ALA A 306 9.19 18.27 15.57
CA ALA A 306 10.40 17.44 15.55
C ALA A 306 10.78 16.83 16.92
N ASP A 307 10.57 17.62 17.97
CA ASP A 307 10.89 17.23 19.34
C ASP A 307 9.81 16.49 20.12
N CYS A 308 8.81 17.24 20.60
CA CYS A 308 7.69 16.72 21.41
C CYS A 308 6.97 15.49 20.83
N ARG A 309 7.19 15.27 19.54
CA ARG A 309 6.58 14.15 18.84
C ARG A 309 6.43 12.92 19.73
N GLU A 310 7.49 12.14 19.84
CA GLU A 310 7.50 10.92 20.65
C GLU A 310 6.65 11.06 21.90
N ASN A 311 6.70 12.24 22.51
CA ASN A 311 5.96 12.53 23.73
C ASN A 311 4.45 12.50 23.50
N VAL A 312 3.96 13.59 22.91
CA VAL A 312 2.54 13.76 22.59
C VAL A 312 1.87 12.50 22.03
N ILE A 313 2.52 11.85 21.07
CA ILE A 313 2.00 10.64 20.45
C ILE A 313 1.66 9.61 21.52
N MET A 314 2.65 9.32 22.35
CA MET A 314 2.55 8.34 23.43
C MET A 314 1.57 8.74 24.54
N SER A 315 1.60 10.02 24.90
CA SER A 315 0.77 10.59 25.96
C SER A 315 -0.65 10.99 25.56
N GLN A 316 -0.79 11.50 24.33
CA GLN A 316 -2.07 11.94 23.82
C GLN A 316 -2.72 10.97 22.85
N ILE A 317 -2.19 10.93 21.62
CA ILE A 317 -2.74 10.08 20.57
C ILE A 317 -2.85 8.60 20.89
N LEU A 318 -1.71 7.96 21.04
CA LEU A 318 -1.62 6.53 21.31
C LEU A 318 -2.77 5.83 22.06
N PRO A 319 -3.25 6.43 23.17
CA PRO A 319 -4.34 5.84 23.96
C PRO A 319 -5.67 5.77 23.21
N CYS A 320 -5.97 6.84 22.48
CA CYS A 320 -7.21 6.92 21.70
C CYS A 320 -7.17 5.79 20.68
N ILE A 321 -6.06 5.74 19.96
CA ILE A 321 -5.83 4.71 18.97
C ILE A 321 -6.25 3.38 19.54
N LYS A 322 -5.54 2.93 20.57
CA LYS A 322 -5.81 1.65 21.22
C LYS A 322 -7.29 1.44 21.48
N GLU A 323 -8.05 2.54 21.54
CA GLU A 323 -9.49 2.44 21.74
C GLU A 323 -10.17 2.27 20.38
N LEU A 324 -9.60 2.91 19.36
CA LEU A 324 -10.12 2.84 17.99
C LEU A 324 -10.05 1.42 17.44
N VAL A 325 -8.96 0.71 17.72
CA VAL A 325 -8.79 -0.64 17.23
C VAL A 325 -9.99 -1.51 17.54
N SER A 326 -10.66 -1.19 18.64
CA SER A 326 -11.83 -1.95 19.08
C SER A 326 -13.12 -1.26 18.70
N ASP A 327 -13.05 -0.32 17.77
CA ASP A 327 -14.24 0.41 17.36
C ASP A 327 -15.29 -0.52 16.76
N ALA A 328 -16.54 -0.06 16.81
CA ALA A 328 -17.69 -0.82 16.34
C ALA A 328 -17.88 -0.76 14.86
N ASN A 329 -17.52 0.39 14.30
CA ASN A 329 -17.67 0.66 12.88
C ASN A 329 -16.58 0.08 12.00
N GLN A 330 -16.96 -0.91 11.17
CA GLN A 330 -16.04 -1.60 10.27
C GLN A 330 -15.13 -0.62 9.54
N HIS A 331 -15.57 0.62 9.42
CA HIS A 331 -14.79 1.64 8.73
C HIS A 331 -13.69 2.24 9.57
N VAL A 332 -14.05 2.94 10.64
CA VAL A 332 -13.02 3.52 11.48
C VAL A 332 -11.89 2.50 11.67
N LYS A 333 -12.25 1.27 12.05
CA LYS A 333 -11.26 0.22 12.23
C LYS A 333 -10.39 0.21 10.98
N SER A 334 -11.06 -0.11 9.88
CA SER A 334 -10.46 -0.20 8.55
C SER A 334 -9.56 0.97 8.20
N ALA A 335 -10.07 2.18 8.39
CA ALA A 335 -9.30 3.34 8.09
C ALA A 335 -7.98 3.27 8.85
N LEU A 336 -8.08 3.26 10.16
CA LEU A 336 -6.92 3.22 11.05
C LEU A 336 -5.92 2.13 10.71
N ALA A 337 -6.44 0.91 10.52
CA ALA A 337 -5.61 -0.24 10.20
C ALA A 337 -4.71 0.02 9.00
N SER A 338 -5.08 1.01 8.20
CA SER A 338 -4.33 1.35 7.00
C SER A 338 -3.11 2.17 7.36
N VAL A 339 -3.32 3.24 8.11
CA VAL A 339 -2.24 4.14 8.48
C VAL A 339 -1.43 3.84 9.75
N ILE A 340 -1.95 2.98 10.61
CA ILE A 340 -1.31 2.69 11.89
C ILE A 340 0.12 2.14 11.91
N MET A 341 0.49 1.38 10.90
CA MET A 341 1.84 0.82 10.86
C MET A 341 2.83 1.94 10.64
N GLY A 342 2.32 3.11 10.29
CA GLY A 342 3.19 4.24 10.02
C GLY A 342 3.83 4.87 11.23
N LEU A 343 3.39 4.46 12.41
CA LEU A 343 3.91 4.97 13.66
C LEU A 343 5.02 4.10 14.22
N SER A 344 6.10 3.93 13.48
CA SER A 344 7.19 3.12 13.98
C SER A 344 8.48 3.85 13.74
N PRO A 345 8.79 4.17 12.48
CA PRO A 345 10.03 4.89 12.29
C PRO A 345 9.85 6.23 13.00
N ILE A 346 8.67 6.40 13.56
CA ILE A 346 8.30 7.62 14.27
C ILE A 346 8.40 7.43 15.79
N LEU A 347 7.98 6.26 16.28
CA LEU A 347 8.08 5.97 17.71
C LEU A 347 9.41 5.27 17.95
N GLY A 348 9.38 3.94 18.12
CA GLY A 348 10.63 3.23 18.35
C GLY A 348 10.50 1.73 18.49
N LYS A 349 11.59 1.02 18.24
CA LYS A 349 11.59 -0.43 18.34
C LYS A 349 10.80 -0.91 19.56
N ASP A 350 11.38 -0.73 20.74
CA ASP A 350 10.75 -1.16 21.97
C ASP A 350 9.30 -0.67 22.04
N ASN A 351 9.12 0.65 22.07
CA ASN A 351 7.78 1.22 22.13
C ASN A 351 6.84 0.43 21.26
N THR A 352 7.21 0.32 19.99
CA THR A 352 6.41 -0.41 19.03
C THR A 352 6.09 -1.79 19.53
N ILE A 353 7.11 -2.49 20.00
CA ILE A 353 6.92 -3.85 20.49
C ILE A 353 6.01 -3.92 21.70
N GLU A 354 6.12 -2.94 22.58
CA GLU A 354 5.28 -2.94 23.75
C GLU A 354 3.90 -2.44 23.45
N HIS A 355 3.83 -1.35 22.68
CA HIS A 355 2.57 -0.70 22.36
C HIS A 355 1.85 -0.95 21.04
N LEU A 356 2.58 -1.37 20.01
CA LEU A 356 1.91 -1.56 18.72
C LEU A 356 1.62 -2.96 18.21
N LEU A 357 2.50 -3.93 18.44
CA LEU A 357 2.23 -5.29 17.97
C LEU A 357 0.87 -5.82 18.44
N PRO A 358 0.52 -5.61 19.72
CA PRO A 358 -0.78 -6.10 20.21
C PRO A 358 -1.85 -5.48 19.33
N LEU A 359 -1.66 -4.21 19.00
CA LEU A 359 -2.59 -3.52 18.13
C LEU A 359 -2.62 -4.27 16.80
N PHE A 360 -1.50 -4.24 16.08
CA PHE A 360 -1.40 -4.92 14.79
C PHE A 360 -2.01 -6.32 14.87
N LEU A 361 -1.60 -7.03 15.90
CA LEU A 361 -2.07 -8.39 16.12
C LEU A 361 -3.59 -8.44 16.29
N ALA A 362 -4.13 -7.46 17.01
CA ALA A 362 -5.55 -7.41 17.24
C ALA A 362 -6.22 -7.34 15.89
N GLN A 363 -5.59 -6.56 15.02
CA GLN A 363 -6.09 -6.35 13.68
C GLN A 363 -5.83 -7.56 12.81
N LEU A 364 -4.61 -8.07 12.80
CA LEU A 364 -4.33 -9.26 12.00
C LEU A 364 -5.43 -10.32 12.13
N LYS A 365 -6.23 -10.22 13.19
CA LYS A 365 -7.27 -11.19 13.46
C LYS A 365 -8.69 -10.69 13.31
N ASP A 366 -8.85 -9.39 13.01
CA ASP A 366 -10.18 -8.82 12.87
C ASP A 366 -11.08 -9.69 11.97
N GLU A 367 -12.39 -9.65 12.20
CA GLU A 367 -13.30 -10.45 11.40
C GLU A 367 -13.53 -9.81 10.04
N CYS A 368 -12.99 -8.62 9.84
CA CYS A 368 -13.13 -7.92 8.56
C CYS A 368 -11.91 -8.06 7.67
N PRO A 369 -12.13 -8.41 6.41
CA PRO A 369 -11.00 -8.57 5.47
C PRO A 369 -10.37 -7.24 5.07
N GLU A 370 -11.19 -6.22 4.86
CA GLU A 370 -10.65 -4.92 4.50
C GLU A 370 -9.63 -4.58 5.59
N VAL A 371 -9.84 -5.09 6.80
CA VAL A 371 -8.89 -4.80 7.89
C VAL A 371 -7.69 -5.72 7.79
N ARG A 372 -7.95 -7.01 7.95
CA ARG A 372 -6.91 -8.02 7.85
C ARG A 372 -6.07 -7.62 6.68
N LEU A 373 -6.75 -7.20 5.62
CA LEU A 373 -6.04 -6.80 4.43
C LEU A 373 -5.16 -5.62 4.71
N ASN A 374 -5.75 -4.54 5.20
CA ASN A 374 -4.99 -3.33 5.46
C ASN A 374 -3.78 -3.49 6.36
N ILE A 375 -3.84 -4.42 7.30
CA ILE A 375 -2.69 -4.62 8.17
C ILE A 375 -1.56 -5.36 7.48
N ILE A 376 -1.91 -6.42 6.78
CA ILE A 376 -0.90 -7.20 6.09
C ILE A 376 -0.07 -6.34 5.16
N SER A 377 -0.70 -5.39 4.47
CA SER A 377 0.04 -4.58 3.52
C SER A 377 1.23 -3.76 4.01
N ASN A 378 1.23 -3.35 5.27
CA ASN A 378 2.37 -2.58 5.72
C ASN A 378 3.47 -3.30 6.54
N LEU A 379 3.29 -4.59 6.75
CA LEU A 379 4.26 -5.38 7.50
C LEU A 379 5.71 -5.18 7.02
N ASP A 380 5.91 -5.35 5.72
CA ASP A 380 7.23 -5.24 5.07
C ASP A 380 8.11 -4.21 5.77
N CYS A 381 7.42 -3.28 6.43
CA CYS A 381 8.03 -2.18 7.16
C CYS A 381 8.45 -2.56 8.57
N VAL A 382 7.53 -2.41 9.54
CA VAL A 382 7.77 -2.71 10.96
C VAL A 382 8.95 -3.66 11.20
N ASN A 383 9.11 -4.62 10.29
CA ASN A 383 10.22 -5.56 10.38
C ASN A 383 11.55 -4.80 10.38
N GLU A 384 11.51 -3.54 9.96
CA GLU A 384 12.68 -2.68 9.92
C GLU A 384 12.90 -2.22 11.35
N VAL A 385 11.80 -1.77 11.95
CA VAL A 385 11.77 -1.27 13.32
C VAL A 385 12.12 -2.35 14.33
N ILE A 386 11.14 -3.19 14.67
CA ILE A 386 11.39 -4.27 15.62
C ILE A 386 12.28 -5.29 14.92
N GLY A 387 13.06 -6.03 15.69
CA GLY A 387 13.95 -7.00 15.08
C GLY A 387 13.26 -8.04 14.22
N ILE A 388 14.04 -8.65 13.32
CA ILE A 388 13.53 -9.68 12.44
C ILE A 388 13.14 -10.88 13.31
N ARG A 389 13.94 -11.15 14.34
CA ARG A 389 13.65 -12.26 15.23
C ARG A 389 12.38 -11.94 16.01
N GLN A 390 12.21 -10.66 16.35
CA GLN A 390 11.02 -10.24 17.09
C GLN A 390 9.80 -10.53 16.25
N LEU A 391 9.94 -10.28 14.96
CA LEU A 391 8.85 -10.51 14.03
C LEU A 391 8.38 -11.95 14.07
N SER A 392 9.32 -12.89 14.08
CA SER A 392 9.00 -14.31 14.09
C SER A 392 8.40 -14.87 15.38
N GLN A 393 8.64 -14.18 16.49
CA GLN A 393 8.13 -14.66 17.77
C GLN A 393 6.83 -13.93 18.17
N SER A 394 6.27 -13.16 17.22
CA SER A 394 5.04 -12.42 17.49
C SER A 394 4.03 -12.50 16.35
N LEU A 395 4.47 -12.11 15.16
CA LEU A 395 3.62 -12.07 13.98
C LEU A 395 3.67 -13.29 13.06
N LEU A 396 4.86 -13.84 12.84
CA LEU A 396 5.02 -15.00 11.96
C LEU A 396 3.80 -15.90 12.10
N PRO A 397 3.41 -16.23 13.35
CA PRO A 397 2.23 -17.09 13.62
C PRO A 397 0.97 -16.62 12.89
N ALA A 398 0.51 -15.42 13.23
CA ALA A 398 -0.69 -14.83 12.65
C ALA A 398 -0.64 -14.95 11.14
N ILE A 399 0.49 -14.53 10.60
CA ILE A 399 0.76 -14.57 9.18
C ILE A 399 0.50 -15.95 8.60
N VAL A 400 0.92 -17.00 9.30
CA VAL A 400 0.71 -18.35 8.81
C VAL A 400 -0.77 -18.65 8.83
N GLU A 401 -1.42 -18.30 9.93
CA GLU A 401 -2.86 -18.54 10.05
C GLU A 401 -3.55 -17.75 8.94
N LEU A 402 -2.97 -16.60 8.62
CA LEU A 402 -3.47 -15.73 7.58
C LEU A 402 -3.41 -16.42 6.22
N ALA A 403 -2.38 -17.22 5.99
CA ALA A 403 -2.22 -17.91 4.71
C ALA A 403 -3.30 -18.96 4.41
N GLU A 404 -4.18 -19.17 5.37
CA GLU A 404 -5.27 -20.13 5.19
C GLU A 404 -6.49 -19.35 5.55
N ASP A 405 -6.43 -18.07 5.24
CA ASP A 405 -7.54 -17.18 5.52
C ASP A 405 -8.66 -17.56 4.56
N ALA A 406 -9.88 -17.38 5.04
CA ALA A 406 -11.08 -17.71 4.29
C ALA A 406 -11.18 -17.02 2.93
N LYS A 407 -10.82 -15.74 2.91
CA LYS A 407 -10.90 -14.89 1.74
C LYS A 407 -9.66 -14.93 0.85
N TRP A 408 -9.85 -15.17 -0.45
CA TRP A 408 -8.71 -15.23 -1.34
C TRP A 408 -7.84 -13.99 -1.34
N ARG A 409 -8.42 -12.80 -1.19
CA ARG A 409 -7.54 -11.64 -1.18
C ARG A 409 -6.57 -11.82 -0.07
N VAL A 410 -7.09 -11.89 1.15
CA VAL A 410 -6.20 -12.07 2.28
C VAL A 410 -5.11 -13.09 2.00
N ARG A 411 -5.52 -14.21 1.41
CA ARG A 411 -4.55 -15.21 1.06
C ARG A 411 -3.60 -14.50 0.15
N LEU A 412 -4.07 -14.11 -1.04
CA LEU A 412 -3.23 -13.41 -2.01
C LEU A 412 -2.26 -12.46 -1.33
N ALA A 413 -2.80 -11.63 -0.44
CA ALA A 413 -1.97 -10.71 0.29
C ALA A 413 -0.80 -11.46 0.92
N ILE A 414 -1.06 -12.45 1.74
CA ILE A 414 0.03 -13.19 2.35
C ILE A 414 1.03 -13.64 1.30
N ILE A 415 0.53 -14.29 0.24
CA ILE A 415 1.40 -14.77 -0.84
C ILE A 415 2.39 -13.72 -1.40
N GLU A 416 1.92 -12.52 -1.71
CA GLU A 416 2.82 -11.52 -2.30
C GLU A 416 3.87 -10.99 -1.33
N TYR A 417 3.66 -11.27 -0.07
CA TYR A 417 4.59 -10.82 0.95
C TYR A 417 5.65 -11.90 1.16
N MET A 418 5.20 -13.16 1.15
CA MET A 418 6.06 -14.31 1.38
C MET A 418 7.48 -14.19 0.83
N PRO A 419 7.62 -13.87 -0.47
CA PRO A 419 9.00 -13.79 -0.95
C PRO A 419 9.82 -12.88 -0.08
N LEU A 420 9.36 -11.66 0.13
CA LEU A 420 10.11 -10.70 0.93
C LEU A 420 10.34 -11.27 2.31
N LEU A 421 9.28 -11.81 2.89
CA LEU A 421 9.37 -12.41 4.21
C LEU A 421 10.49 -13.43 4.29
N ALA A 422 10.33 -14.56 3.60
CA ALA A 422 11.36 -15.58 3.62
C ALA A 422 12.70 -14.86 3.57
N GLY A 423 12.96 -14.16 2.47
CA GLY A 423 14.22 -13.45 2.38
C GLY A 423 14.76 -13.08 3.75
N GLN A 424 14.03 -12.21 4.45
CA GLN A 424 14.40 -11.75 5.78
C GLN A 424 14.64 -12.85 6.81
N LEU A 425 13.75 -13.83 6.87
CA LEU A 425 13.89 -14.91 7.84
C LEU A 425 15.07 -15.82 7.64
N GLY A 426 15.54 -15.94 6.40
CA GLY A 426 16.65 -16.82 6.10
C GLY A 426 16.16 -18.10 5.46
N VAL A 427 16.91 -18.61 4.47
CA VAL A 427 16.50 -19.82 3.79
C VAL A 427 16.28 -21.00 4.73
N GLU A 428 17.27 -21.26 5.56
CA GLU A 428 17.18 -22.38 6.50
C GLU A 428 15.85 -22.36 7.26
N PHE A 429 15.44 -21.19 7.73
CA PHE A 429 14.18 -21.09 8.47
C PHE A 429 13.00 -21.48 7.58
N PHE A 430 12.92 -20.83 6.42
CA PHE A 430 11.86 -21.08 5.45
C PHE A 430 11.71 -22.59 5.33
N ASP A 431 12.80 -23.22 4.87
CA ASP A 431 12.88 -24.66 4.67
C ASP A 431 12.04 -25.42 5.68
N GLU A 432 12.01 -24.92 6.91
CA GLU A 432 11.26 -25.58 7.96
C GLU A 432 9.76 -25.50 7.76
N LYS A 433 9.12 -24.54 8.44
CA LYS A 433 7.66 -24.43 8.32
C LYS A 433 7.06 -23.31 7.47
N LEU A 434 7.72 -23.03 6.35
CA LEU A 434 7.24 -22.03 5.42
C LEU A 434 7.11 -22.68 4.06
N ASN A 435 8.06 -23.55 3.71
CA ASN A 435 8.03 -24.23 2.43
C ASN A 435 6.65 -24.82 2.25
N SER A 436 6.35 -25.83 3.06
CA SER A 436 5.06 -26.52 3.02
C SER A 436 3.88 -25.57 2.72
N LEU A 437 3.89 -24.41 3.39
CA LEU A 437 2.86 -23.40 3.23
C LEU A 437 2.76 -22.91 1.80
N CYS A 438 3.91 -22.56 1.22
CA CYS A 438 3.99 -22.05 -0.14
C CYS A 438 3.56 -23.03 -1.21
N MET A 439 3.61 -24.32 -0.89
CA MET A 439 3.24 -25.35 -1.84
C MET A 439 1.74 -25.61 -1.84
N ALA A 440 1.13 -25.50 -0.66
CA ALA A 440 -0.31 -25.72 -0.52
C ALA A 440 -1.07 -24.83 -1.49
N TRP A 441 -0.70 -23.56 -1.51
CA TRP A 441 -1.34 -22.61 -2.39
C TRP A 441 -1.46 -23.15 -3.83
N LEU A 442 -0.52 -23.98 -4.28
CA LEU A 442 -0.62 -24.51 -5.64
C LEU A 442 -1.90 -25.30 -5.83
N VAL A 443 -2.72 -25.37 -4.80
CA VAL A 443 -3.95 -26.12 -4.91
C VAL A 443 -5.15 -25.36 -4.37
N ASP A 444 -5.01 -24.05 -4.26
CA ASP A 444 -6.10 -23.23 -3.74
C ASP A 444 -7.33 -23.27 -4.67
N HIS A 445 -8.51 -23.29 -4.05
CA HIS A 445 -9.77 -23.33 -4.77
C HIS A 445 -9.83 -22.30 -5.88
N VAL A 446 -9.23 -21.15 -5.63
CA VAL A 446 -9.24 -20.08 -6.60
C VAL A 446 -7.95 -19.88 -7.40
N TYR A 447 -8.14 -19.98 -8.71
CA TYR A 447 -7.09 -19.83 -9.71
C TYR A 447 -6.14 -18.69 -9.44
N ALA A 448 -6.67 -17.48 -9.35
CA ALA A 448 -5.80 -16.35 -9.08
C ALA A 448 -4.79 -16.73 -8.00
N ILE A 449 -5.25 -17.41 -6.95
CA ILE A 449 -4.37 -17.78 -5.86
C ILE A 449 -3.29 -18.75 -6.28
N ARG A 450 -3.68 -19.80 -6.97
CA ARG A 450 -2.73 -20.80 -7.40
C ARG A 450 -1.69 -20.15 -8.27
N GLU A 451 -2.17 -19.40 -9.28
CA GLU A 451 -1.29 -18.69 -10.19
C GLU A 451 -0.23 -17.90 -9.45
N ALA A 452 -0.65 -17.14 -8.45
CA ALA A 452 0.27 -16.32 -7.65
C ALA A 452 1.27 -17.22 -6.95
N ALA A 453 0.76 -18.25 -6.29
CA ALA A 453 1.60 -19.19 -5.58
C ALA A 453 2.71 -19.69 -6.48
N THR A 454 2.38 -19.95 -7.74
CA THR A 454 3.36 -20.44 -8.71
C THR A 454 4.45 -19.42 -8.91
N SER A 455 4.05 -18.18 -9.17
CA SER A 455 5.03 -17.14 -9.38
C SER A 455 5.91 -17.08 -8.13
N ASN A 456 5.25 -17.15 -6.98
CA ASN A 456 5.94 -17.13 -5.69
C ASN A 456 7.18 -18.02 -5.69
N LEU A 457 7.07 -19.22 -6.24
CA LEU A 457 8.20 -20.13 -6.28
C LEU A 457 9.31 -19.40 -7.00
N LYS A 458 9.05 -19.06 -8.27
CA LYS A 458 10.04 -18.35 -9.07
C LYS A 458 10.68 -17.27 -8.24
N LYS A 459 9.87 -16.42 -7.64
CA LYS A 459 10.42 -15.35 -6.83
C LYS A 459 11.32 -15.95 -5.76
N LEU A 460 10.79 -16.94 -5.04
CA LEU A 460 11.50 -17.64 -3.95
C LEU A 460 12.86 -18.23 -4.35
N VAL A 461 12.90 -18.77 -5.55
CA VAL A 461 14.12 -19.33 -6.07
C VAL A 461 15.10 -18.20 -6.27
N GLU A 462 14.67 -17.16 -6.99
CA GLU A 462 15.51 -16.00 -7.28
C GLU A 462 16.20 -15.49 -6.01
N LYS A 463 15.48 -15.63 -4.90
CA LYS A 463 15.95 -15.19 -3.62
C LYS A 463 16.79 -16.27 -2.92
N PHE A 464 16.63 -17.53 -3.30
CA PHE A 464 17.35 -18.57 -2.61
C PHE A 464 18.26 -19.48 -3.41
N GLY A 465 18.34 -19.29 -4.72
CA GLY A 465 19.21 -20.15 -5.51
C GLY A 465 18.62 -21.44 -6.09
N LYS A 466 18.98 -21.73 -7.33
CA LYS A 466 18.52 -22.92 -8.04
C LYS A 466 18.89 -24.21 -7.34
N GLU A 467 19.99 -24.16 -6.60
CA GLU A 467 20.45 -25.31 -5.84
C GLU A 467 19.28 -25.63 -4.91
N TRP A 468 18.86 -24.59 -4.19
CA TRP A 468 17.74 -24.68 -3.26
C TRP A 468 16.51 -25.24 -3.95
N ALA A 469 16.18 -24.68 -5.11
CA ALA A 469 15.03 -25.13 -5.89
C ALA A 469 15.15 -26.62 -6.05
N HIS A 470 16.31 -27.01 -6.58
CA HIS A 470 16.61 -28.40 -6.87
C HIS A 470 16.36 -29.46 -5.81
N ALA A 471 16.60 -29.13 -4.56
CA ALA A 471 16.42 -30.14 -3.54
C ALA A 471 15.25 -29.90 -2.62
N THR A 472 14.57 -28.78 -2.81
CA THR A 472 13.43 -28.41 -1.94
C THR A 472 12.08 -28.23 -2.65
N ILE A 473 12.15 -27.72 -3.88
CA ILE A 473 10.97 -27.44 -4.66
C ILE A 473 10.72 -28.45 -5.75
N ILE A 474 11.56 -28.42 -6.79
CA ILE A 474 11.47 -29.32 -7.93
C ILE A 474 10.81 -30.66 -7.57
N PRO A 475 11.29 -31.32 -6.51
CA PRO A 475 10.74 -32.60 -6.08
C PRO A 475 9.21 -32.54 -5.94
N LYS A 476 8.76 -31.96 -4.83
CA LYS A 476 7.34 -31.83 -4.52
C LYS A 476 6.47 -31.49 -5.73
N VAL A 477 7.07 -30.76 -6.67
CA VAL A 477 6.39 -30.38 -7.89
C VAL A 477 6.24 -31.59 -8.79
N LEU A 478 7.34 -32.24 -9.14
CA LEU A 478 7.24 -33.41 -10.00
C LEU A 478 6.36 -34.45 -9.34
N ALA A 479 6.52 -34.64 -8.04
CA ALA A 479 5.71 -35.63 -7.32
C ALA A 479 4.22 -35.32 -7.51
N MET A 480 3.91 -34.04 -7.61
CA MET A 480 2.53 -33.58 -7.79
C MET A 480 1.95 -33.99 -9.15
N SER A 481 2.82 -34.41 -10.06
CA SER A 481 2.36 -34.82 -11.39
C SER A 481 1.82 -36.23 -11.31
N GLY A 482 1.68 -36.72 -10.08
CA GLY A 482 1.15 -38.05 -9.88
C GLY A 482 -0.31 -38.00 -9.47
N ASP A 483 -0.65 -36.99 -8.66
CA ASP A 483 -2.02 -36.80 -8.16
C ASP A 483 -3.07 -37.07 -9.23
N PRO A 484 -4.00 -37.99 -8.92
CA PRO A 484 -5.11 -38.43 -9.76
C PRO A 484 -5.95 -37.30 -10.35
N ASN A 485 -6.12 -36.22 -9.58
CA ASN A 485 -6.89 -35.07 -10.05
C ASN A 485 -6.10 -34.46 -11.21
N TYR A 486 -6.67 -34.54 -12.41
CA TYR A 486 -5.99 -34.05 -13.58
C TYR A 486 -5.62 -32.58 -13.48
N LEU A 487 -6.46 -31.79 -12.84
CA LEU A 487 -6.16 -30.37 -12.71
C LEU A 487 -4.75 -30.13 -12.14
N HIS A 488 -4.47 -30.76 -11.00
CA HIS A 488 -3.19 -30.67 -10.31
C HIS A 488 -1.98 -31.03 -11.16
N ARG A 489 -2.11 -32.05 -11.98
CA ARG A 489 -1.01 -32.43 -12.84
C ARG A 489 -0.73 -31.24 -13.76
N MET A 490 -1.78 -30.50 -14.10
CA MET A 490 -1.57 -29.34 -14.93
C MET A 490 -0.75 -28.33 -14.14
N THR A 491 -1.20 -28.02 -12.92
CA THR A 491 -0.52 -27.07 -12.05
C THR A 491 0.97 -27.40 -12.13
N THR A 492 1.27 -28.69 -12.07
CA THR A 492 2.63 -29.20 -12.14
C THR A 492 3.34 -28.73 -13.40
N LEU A 493 2.76 -29.00 -14.57
CA LEU A 493 3.39 -28.58 -15.80
C LEU A 493 3.63 -27.08 -15.80
N PHE A 494 2.78 -26.36 -15.04
CA PHE A 494 2.89 -24.90 -14.95
C PHE A 494 4.11 -24.51 -14.13
N CYS A 495 4.24 -25.07 -12.93
CA CYS A 495 5.40 -24.75 -12.12
C CYS A 495 6.60 -24.95 -13.02
N ILE A 496 6.73 -26.13 -13.62
CA ILE A 496 7.85 -26.37 -14.52
C ILE A 496 7.99 -25.18 -15.47
N ASN A 497 6.86 -24.74 -16.01
CA ASN A 497 6.84 -23.61 -16.93
C ASN A 497 7.52 -22.41 -16.32
N VAL A 498 7.28 -22.20 -15.03
CA VAL A 498 7.84 -21.07 -14.32
C VAL A 498 9.26 -21.25 -13.84
N LEU A 499 9.48 -22.32 -13.07
CA LEU A 499 10.81 -22.63 -12.52
C LEU A 499 11.89 -22.67 -13.60
N SER A 500 11.57 -23.28 -14.74
CA SER A 500 12.52 -23.38 -15.84
C SER A 500 13.14 -22.03 -16.15
N GLU A 501 12.36 -20.96 -15.99
CA GLU A 501 12.85 -19.62 -16.25
C GLU A 501 14.06 -19.24 -15.38
N VAL A 502 14.15 -19.81 -14.19
CA VAL A 502 15.24 -19.48 -13.26
C VAL A 502 16.10 -20.61 -12.74
N CYS A 503 15.95 -21.80 -13.28
CA CYS A 503 16.76 -22.90 -12.79
C CYS A 503 17.90 -23.27 -13.74
N GLY A 504 17.98 -22.59 -14.88
CA GLY A 504 19.06 -22.85 -15.82
C GLY A 504 19.01 -24.18 -16.56
N GLN A 505 19.68 -24.22 -17.70
CA GLN A 505 19.72 -25.41 -18.55
C GLN A 505 19.96 -26.75 -17.83
N ASP A 506 21.17 -26.97 -17.36
CA ASP A 506 21.49 -28.23 -16.70
C ASP A 506 20.46 -28.79 -15.72
N ILE A 507 19.56 -27.97 -15.17
CA ILE A 507 18.59 -28.50 -14.22
C ILE A 507 17.21 -28.80 -14.80
N THR A 508 16.82 -28.00 -15.78
CA THR A 508 15.54 -28.17 -16.45
C THR A 508 15.57 -29.48 -17.21
N THR A 509 16.67 -29.69 -17.94
CA THR A 509 16.87 -30.87 -18.75
C THR A 509 16.96 -32.18 -18.00
N LYS A 510 17.41 -32.19 -16.75
CA LYS A 510 17.50 -33.47 -16.06
C LYS A 510 16.47 -33.73 -14.96
N HIS A 511 15.68 -32.73 -14.64
CA HIS A 511 14.67 -32.91 -13.59
C HIS A 511 13.25 -32.54 -13.99
N MET A 512 13.11 -31.82 -15.10
CA MET A 512 11.79 -31.40 -15.53
C MET A 512 11.46 -31.85 -16.96
N LEU A 513 12.29 -31.45 -17.93
CA LEU A 513 12.09 -31.82 -19.33
C LEU A 513 11.57 -33.24 -19.43
N PRO A 514 12.03 -34.10 -18.52
CA PRO A 514 11.58 -35.49 -18.50
C PRO A 514 10.11 -35.57 -18.13
N THR A 515 9.78 -35.29 -16.87
CA THR A 515 8.40 -35.35 -16.41
C THR A 515 7.44 -34.67 -17.36
N VAL A 516 7.91 -33.63 -18.07
CA VAL A 516 7.04 -32.95 -19.01
C VAL A 516 6.70 -33.86 -20.15
N LEU A 517 7.71 -34.43 -20.78
CA LEU A 517 7.56 -35.34 -21.92
C LEU A 517 6.74 -36.57 -21.57
N ARG A 518 6.87 -37.04 -20.33
CA ARG A 518 6.16 -38.22 -19.88
C ARG A 518 4.64 -38.00 -19.82
N MET A 519 4.21 -36.88 -19.23
CA MET A 519 2.80 -36.58 -19.10
C MET A 519 2.15 -36.37 -20.46
N ALA A 520 2.97 -36.20 -21.49
CA ALA A 520 2.48 -36.02 -22.86
C ALA A 520 1.73 -37.28 -23.31
N GLY A 521 1.45 -38.15 -22.36
CA GLY A 521 0.71 -39.36 -22.64
C GLY A 521 -0.29 -39.53 -21.51
N ASP A 522 -0.91 -38.42 -21.12
CA ASP A 522 -1.88 -38.44 -20.04
C ASP A 522 -3.27 -38.79 -20.58
N PRO A 523 -3.99 -39.69 -19.90
CA PRO A 523 -5.33 -40.06 -20.36
C PRO A 523 -6.25 -38.86 -20.59
N VAL A 524 -5.97 -37.76 -19.89
CA VAL A 524 -6.76 -36.54 -20.02
C VAL A 524 -6.16 -35.57 -21.03
N ALA A 525 -6.80 -35.47 -22.19
CA ALA A 525 -6.35 -34.59 -23.28
C ALA A 525 -5.87 -33.21 -22.82
N ASN A 526 -6.53 -32.66 -21.81
CA ASN A 526 -6.15 -31.34 -21.32
C ASN A 526 -4.70 -31.32 -20.86
N VAL A 527 -4.33 -32.30 -20.04
CA VAL A 527 -2.96 -32.37 -19.55
C VAL A 527 -2.02 -32.30 -20.75
N ARG A 528 -2.42 -32.98 -21.81
CA ARG A 528 -1.61 -33.03 -23.02
C ARG A 528 -1.65 -31.79 -23.90
N PHE A 529 -2.78 -31.10 -23.99
CA PHE A 529 -2.79 -29.92 -24.84
C PHE A 529 -1.91 -28.87 -24.16
N ASN A 530 -1.69 -29.04 -22.86
CA ASN A 530 -0.86 -28.13 -22.07
C ASN A 530 0.61 -28.56 -22.11
N VAL A 531 0.84 -29.87 -22.08
CA VAL A 531 2.21 -30.41 -22.14
C VAL A 531 2.93 -29.94 -23.38
N ALA A 532 2.17 -29.68 -24.43
CA ALA A 532 2.77 -29.19 -25.65
C ALA A 532 3.19 -27.74 -25.39
N LYS A 533 2.20 -26.94 -25.03
CA LYS A 533 2.40 -25.54 -24.73
C LYS A 533 3.65 -25.35 -23.88
N SER A 534 3.86 -26.30 -22.97
CA SER A 534 4.99 -26.29 -22.04
C SER A 534 6.33 -26.54 -22.73
N LEU A 535 6.39 -27.65 -23.47
CA LEU A 535 7.60 -28.00 -24.21
C LEU A 535 7.93 -26.84 -25.10
N GLN A 536 6.92 -26.04 -25.41
CA GLN A 536 7.14 -24.88 -26.24
C GLN A 536 7.81 -23.84 -25.36
N LYS A 537 7.23 -23.64 -24.18
CA LYS A 537 7.74 -22.67 -23.20
C LYS A 537 9.19 -22.93 -22.83
N ILE A 538 9.44 -24.09 -22.22
CA ILE A 538 10.79 -24.44 -21.80
C ILE A 538 11.60 -24.91 -23.00
N GLY A 539 11.33 -24.31 -24.15
CA GLY A 539 12.03 -24.70 -25.36
C GLY A 539 13.39 -24.05 -25.48
N PRO A 540 13.42 -22.72 -25.68
CA PRO A 540 14.65 -21.94 -25.83
C PRO A 540 15.69 -22.19 -24.76
N ILE A 541 15.25 -22.60 -23.59
CA ILE A 541 16.20 -22.89 -22.52
C ILE A 541 17.11 -24.02 -22.98
N LEU A 542 16.49 -25.14 -23.36
CA LEU A 542 17.21 -26.32 -23.82
C LEU A 542 18.26 -26.02 -24.89
N ASP A 543 18.97 -27.08 -25.32
CA ASP A 543 20.01 -26.97 -26.36
C ASP A 543 19.55 -27.73 -27.60
N ASN A 544 19.83 -27.18 -28.78
CA ASN A 544 19.45 -27.80 -30.04
C ASN A 544 19.58 -29.32 -29.99
N SER A 545 20.59 -29.80 -29.27
CA SER A 545 20.85 -31.23 -29.12
C SER A 545 19.68 -31.96 -28.44
N THR A 546 19.58 -31.78 -27.13
CA THR A 546 18.53 -32.42 -26.33
C THR A 546 17.16 -32.21 -26.92
N LEU A 547 16.99 -31.08 -27.60
CA LEU A 547 15.70 -30.77 -28.21
C LEU A 547 15.31 -31.82 -29.23
N GLN A 548 15.99 -31.83 -30.37
CA GLN A 548 15.72 -32.77 -31.44
C GLN A 548 15.84 -34.24 -31.03
N SER A 549 16.46 -34.49 -29.88
CA SER A 549 16.64 -35.85 -29.40
C SER A 549 15.40 -36.38 -28.69
N GLU A 550 14.85 -35.60 -27.77
CA GLU A 550 13.67 -36.03 -27.03
C GLU A 550 12.46 -35.11 -27.18
N VAL A 551 12.69 -33.83 -27.44
CA VAL A 551 11.59 -32.89 -27.61
C VAL A 551 10.86 -33.17 -28.93
N LYS A 552 11.40 -32.66 -30.03
CA LYS A 552 10.80 -32.84 -31.34
C LYS A 552 10.19 -34.23 -31.54
N PRO A 553 10.96 -35.29 -31.24
CA PRO A 553 10.45 -36.66 -31.41
C PRO A 553 9.08 -36.91 -30.75
N ILE A 554 9.05 -36.84 -29.43
CA ILE A 554 7.83 -37.08 -28.66
C ILE A 554 6.95 -35.82 -28.60
N LEU A 555 7.05 -35.01 -29.64
CA LEU A 555 6.28 -33.78 -29.75
C LEU A 555 5.51 -33.97 -31.06
N GLU A 556 6.18 -34.61 -32.02
CA GLU A 556 5.57 -34.88 -33.31
C GLU A 556 4.38 -35.78 -33.09
N LYS A 557 4.62 -36.94 -32.47
CA LYS A 557 3.56 -37.90 -32.19
C LYS A 557 2.35 -37.19 -31.63
N LEU A 558 2.57 -35.99 -31.11
CA LEU A 558 1.49 -35.21 -30.54
C LEU A 558 0.60 -34.62 -31.63
N THR A 559 1.20 -34.15 -32.73
CA THR A 559 0.38 -33.58 -33.81
C THR A 559 -0.61 -34.63 -34.31
N GLN A 560 -0.46 -35.87 -33.84
CA GLN A 560 -1.33 -36.97 -34.23
C GLN A 560 -2.24 -37.45 -33.10
N ASP A 561 -2.64 -36.52 -32.23
CA ASP A 561 -3.54 -36.87 -31.13
C ASP A 561 -4.93 -36.52 -31.66
N GLN A 562 -5.97 -37.05 -31.02
CA GLN A 562 -7.33 -36.80 -31.44
C GLN A 562 -7.68 -35.33 -31.24
N ASP A 563 -8.13 -35.01 -30.02
CA ASP A 563 -8.53 -33.65 -29.64
C ASP A 563 -7.78 -32.55 -30.41
N VAL A 564 -8.51 -31.83 -31.25
CA VAL A 564 -7.96 -30.74 -32.06
C VAL A 564 -7.10 -29.78 -31.26
N ASP A 565 -7.56 -29.43 -30.06
CA ASP A 565 -6.82 -28.51 -29.20
C ASP A 565 -5.39 -29.01 -29.08
N VAL A 566 -5.22 -30.30 -28.77
CA VAL A 566 -3.89 -30.89 -28.63
C VAL A 566 -3.09 -30.54 -29.88
N LYS A 567 -3.64 -30.89 -31.02
CA LYS A 567 -3.00 -30.62 -32.30
C LYS A 567 -2.73 -29.12 -32.39
N TYR A 568 -3.80 -28.32 -32.33
CA TYR A 568 -3.73 -26.87 -32.40
C TYR A 568 -2.42 -26.36 -31.80
N PHE A 569 -2.07 -26.85 -30.61
CA PHE A 569 -0.86 -26.45 -29.90
C PHE A 569 0.37 -27.26 -30.26
N ALA A 570 0.26 -28.58 -30.17
CA ALA A 570 1.35 -29.48 -30.45
C ALA A 570 2.29 -28.97 -31.54
N GLN A 571 1.74 -28.68 -32.70
CA GLN A 571 2.54 -28.20 -33.83
C GLN A 571 2.93 -26.73 -33.70
N GLU A 572 2.08 -25.93 -33.06
CA GLU A 572 2.36 -24.52 -32.87
C GLU A 572 3.76 -24.43 -32.26
N ALA A 573 4.09 -25.41 -31.44
CA ALA A 573 5.40 -25.47 -30.81
C ALA A 573 6.42 -25.57 -31.92
N LEU A 574 6.33 -26.65 -32.67
CA LEU A 574 7.23 -26.92 -33.77
C LEU A 574 7.36 -25.74 -34.73
N THR A 575 6.40 -24.83 -34.71
CA THR A 575 6.41 -23.67 -35.60
C THR A 575 7.30 -22.52 -35.09
N VAL A 576 7.83 -22.67 -33.89
CA VAL A 576 8.67 -21.63 -33.31
C VAL A 576 10.11 -22.14 -33.19
N LEU A 577 10.24 -23.40 -32.84
CA LEU A 577 11.52 -24.07 -32.65
C LEU A 577 12.19 -24.47 -33.99
N SER A 578 11.45 -24.34 -35.08
CA SER A 578 11.94 -24.67 -36.42
C SER A 578 11.93 -26.18 -36.69
N LEU A 579 10.74 -26.78 -36.73
CA LEU A 579 10.62 -28.22 -36.98
C LEU A 579 9.45 -28.59 -37.93
N LEU B 1 20.96 -36.36 46.08
CA LEU B 1 19.93 -35.28 46.18
C LEU B 1 18.53 -35.87 46.01
N TYR B 2 17.98 -35.74 44.81
CA TYR B 2 16.64 -36.25 44.51
C TYR B 2 16.53 -36.72 43.03
N PRO B 3 16.56 -35.78 42.05
CA PRO B 3 16.47 -36.22 40.65
C PRO B 3 17.82 -36.39 39.96
N ILE B 4 18.89 -36.60 40.74
CA ILE B 4 20.24 -36.80 40.20
C ILE B 4 20.42 -38.25 39.77
N ALA B 5 19.68 -39.14 40.43
CA ALA B 5 19.71 -40.57 40.11
C ALA B 5 18.34 -40.91 39.50
N VAL B 6 17.56 -39.86 39.25
CA VAL B 6 16.23 -39.97 38.65
C VAL B 6 16.29 -39.42 37.23
N LEU B 7 16.89 -38.25 37.06
CA LEU B 7 17.02 -37.65 35.75
C LEU B 7 17.97 -38.50 34.92
N ILE B 8 19.05 -38.97 35.54
CA ILE B 8 20.03 -39.79 34.84
C ILE B 8 19.36 -40.93 34.07
N ASP B 9 18.28 -41.48 34.65
CA ASP B 9 17.54 -42.55 34.00
C ASP B 9 16.66 -41.95 32.91
N GLU B 10 16.29 -40.68 33.12
CA GLU B 10 15.47 -39.95 32.16
C GLU B 10 16.40 -39.50 31.03
N LEU B 11 17.70 -39.49 31.33
CA LEU B 11 18.74 -39.08 30.38
C LEU B 11 19.40 -40.26 29.63
N ARG B 12 20.02 -41.18 30.36
CA ARG B 12 20.65 -42.32 29.70
C ARG B 12 19.56 -42.95 28.82
N ASN B 13 18.33 -42.52 29.07
CA ASN B 13 17.13 -42.96 28.35
C ASN B 13 17.48 -43.57 27.01
N GLU B 14 16.93 -44.76 26.77
CA GLU B 14 17.16 -45.48 25.53
C GLU B 14 16.97 -44.57 24.32
N ASP B 15 15.79 -43.95 24.21
CA ASP B 15 15.48 -43.06 23.10
C ASP B 15 15.96 -41.64 23.43
N VAL B 16 16.29 -40.87 22.39
CA VAL B 16 16.77 -39.51 22.56
C VAL B 16 15.62 -38.50 22.59
N GLN B 17 14.64 -38.71 21.72
CA GLN B 17 13.46 -37.84 21.61
C GLN B 17 12.81 -37.52 22.96
N LEU B 18 13.14 -38.31 23.98
CA LEU B 18 12.58 -38.10 25.32
C LEU B 18 13.50 -37.26 26.19
N ARG B 19 14.80 -37.29 25.89
CA ARG B 19 15.77 -36.50 26.64
C ARG B 19 15.48 -35.02 26.45
N LEU B 20 14.79 -34.70 25.36
CA LEU B 20 14.41 -33.33 25.06
C LEU B 20 13.33 -32.98 26.07
N ASN B 21 12.30 -33.83 26.15
CA ASN B 21 11.19 -33.65 27.08
C ASN B 21 11.73 -33.67 28.51
N SER B 22 13.04 -33.85 28.64
CA SER B 22 13.70 -33.88 29.92
C SER B 22 14.36 -32.54 30.21
N ILE B 23 15.19 -32.09 29.27
CA ILE B 23 15.87 -30.83 29.44
C ILE B 23 14.90 -29.68 29.28
N LYS B 24 13.98 -29.81 28.33
CA LYS B 24 12.99 -28.77 28.08
C LYS B 24 12.28 -28.31 29.34
N LYS B 25 12.32 -29.14 30.38
CA LYS B 25 11.67 -28.80 31.65
C LYS B 25 12.71 -28.72 32.77
N LEU B 26 13.98 -28.72 32.38
CA LEU B 26 15.10 -28.64 33.33
C LEU B 26 15.02 -27.37 34.17
N SER B 27 13.83 -26.77 34.25
CA SER B 27 13.63 -25.55 35.03
C SER B 27 12.88 -25.88 36.29
N THR B 28 11.98 -26.87 36.21
CA THR B 28 11.22 -27.27 37.36
C THR B 28 12.10 -28.13 38.26
N ILE B 29 13.02 -28.88 37.68
CA ILE B 29 13.90 -29.68 38.51
C ILE B 29 14.65 -28.70 39.38
N ALA B 30 14.92 -27.52 38.84
CA ALA B 30 15.64 -26.49 39.57
C ALA B 30 14.75 -26.01 40.70
N LEU B 31 13.48 -25.80 40.39
CA LEU B 31 12.53 -25.35 41.40
C LEU B 31 12.55 -26.37 42.52
N ALA B 32 12.52 -27.64 42.14
CA ALA B 32 12.55 -28.73 43.09
C ALA B 32 13.77 -28.52 43.98
N LEU B 33 14.95 -28.81 43.45
CA LEU B 33 16.16 -28.61 44.23
C LEU B 33 16.11 -27.19 44.79
N GLY B 34 16.87 -26.94 45.86
CA GLY B 34 16.89 -25.60 46.43
C GLY B 34 17.92 -24.78 45.69
N VAL B 35 17.83 -23.45 45.79
CA VAL B 35 18.81 -22.61 45.12
C VAL B 35 20.18 -23.14 45.53
N GLU B 36 20.22 -23.72 46.72
CA GLU B 36 21.43 -24.28 47.29
C GLU B 36 21.80 -25.58 46.59
N ARG B 37 20.79 -26.35 46.20
CA ARG B 37 21.01 -27.63 45.53
C ARG B 37 21.20 -27.49 44.03
N THR B 38 20.42 -26.60 43.42
CA THR B 38 20.52 -26.39 42.00
C THR B 38 22.00 -26.34 41.65
N ARG B 39 22.70 -25.41 42.29
CA ARG B 39 24.12 -25.21 42.07
C ARG B 39 25.02 -26.23 42.76
N SER B 40 24.43 -27.04 43.64
CA SER B 40 25.21 -28.03 44.38
C SER B 40 25.67 -29.16 43.46
N GLU B 41 24.73 -29.94 42.97
CA GLU B 41 25.05 -31.06 42.08
C GLU B 41 24.31 -31.06 40.75
N LEU B 42 23.44 -30.07 40.52
CA LEU B 42 22.72 -30.02 39.25
C LEU B 42 23.61 -29.50 38.13
N LEU B 43 24.26 -28.36 38.36
CA LEU B 43 25.14 -27.80 37.36
C LEU B 43 26.39 -28.64 37.17
N PRO B 44 27.10 -28.96 38.27
CA PRO B 44 28.30 -29.79 38.13
C PRO B 44 28.01 -31.05 37.34
N PHE B 45 26.72 -31.36 37.22
CA PHE B 45 26.28 -32.54 36.47
C PHE B 45 26.26 -32.16 35.00
N LEU B 46 25.41 -31.19 34.68
CA LEU B 46 25.27 -30.72 33.31
C LEU B 46 26.60 -30.26 32.72
N THR B 47 27.60 -30.06 33.57
CA THR B 47 28.90 -29.58 33.12
C THR B 47 29.82 -30.68 32.54
N ASP B 48 30.26 -31.62 33.37
CA ASP B 48 31.15 -32.67 32.88
C ASP B 48 30.41 -33.83 32.20
N THR B 49 29.12 -33.65 31.97
CA THR B 49 28.30 -34.66 31.33
C THR B 49 27.78 -34.16 29.98
N ILE B 50 26.52 -34.45 29.68
CA ILE B 50 25.87 -34.05 28.44
C ILE B 50 26.82 -33.89 27.23
N TYR B 51 26.72 -34.85 26.34
CA TYR B 51 27.53 -34.94 25.12
C TYR B 51 26.57 -35.08 23.94
N ASP B 52 25.32 -35.33 24.29
CA ASP B 52 24.22 -35.54 23.36
C ASP B 52 24.22 -34.84 22.00
N GLU B 53 23.14 -35.09 21.25
CA GLU B 53 22.97 -34.52 19.92
C GLU B 53 22.90 -32.99 19.99
N ASP B 54 23.37 -32.36 18.92
CA ASP B 54 23.38 -30.90 18.84
C ASP B 54 22.02 -30.32 19.19
N GLU B 55 20.96 -31.10 19.03
CA GLU B 55 19.62 -30.61 19.35
C GLU B 55 19.41 -30.51 20.85
N VAL B 56 19.93 -31.50 21.58
CA VAL B 56 19.82 -31.53 23.03
C VAL B 56 20.58 -30.34 23.58
N LEU B 57 21.82 -30.23 23.15
CA LEU B 57 22.67 -29.14 23.56
C LEU B 57 21.90 -27.84 23.38
N LEU B 58 21.49 -27.60 22.14
CA LEU B 58 20.74 -26.40 21.79
C LEU B 58 19.68 -26.06 22.83
N ALA B 59 19.08 -27.09 23.41
CA ALA B 59 18.06 -26.87 24.41
C ALA B 59 18.72 -26.41 25.72
N LEU B 60 19.70 -27.19 26.16
CA LEU B 60 20.41 -26.88 27.37
C LEU B 60 20.86 -25.44 27.32
N ALA B 61 21.70 -25.14 26.34
CA ALA B 61 22.22 -23.81 26.15
C ALA B 61 21.11 -22.77 26.24
N GLU B 62 19.99 -23.03 25.58
CA GLU B 62 18.88 -22.10 25.58
C GLU B 62 18.34 -21.99 26.99
N GLN B 63 18.07 -23.16 27.56
CA GLN B 63 17.53 -23.27 28.88
C GLN B 63 18.43 -22.49 29.85
N LEU B 64 19.72 -22.83 29.86
CA LEU B 64 20.68 -22.18 30.72
C LEU B 64 20.66 -20.65 30.68
N GLY B 65 19.88 -20.10 29.74
CA GLY B 65 19.78 -18.67 29.62
C GLY B 65 19.03 -18.12 30.81
N THR B 66 17.78 -18.55 30.96
CA THR B 66 16.94 -18.14 32.09
C THR B 66 17.41 -19.07 33.19
N PHE B 67 17.98 -18.51 34.24
CA PHE B 67 18.50 -19.31 35.34
C PHE B 67 19.24 -18.40 36.27
N THR B 68 19.52 -17.18 35.81
CA THR B 68 20.24 -16.22 36.61
C THR B 68 19.66 -16.09 38.01
N THR B 69 18.44 -16.58 38.19
CA THR B 69 17.79 -16.52 39.49
C THR B 69 17.69 -17.92 40.10
N LEU B 70 17.19 -18.88 39.33
CA LEU B 70 17.03 -20.26 39.76
C LEU B 70 18.32 -20.85 40.33
N VAL B 71 19.11 -20.03 40.99
CA VAL B 71 20.34 -20.52 41.58
C VAL B 71 20.90 -19.51 42.55
N GLY B 72 20.17 -18.41 42.68
CA GLY B 72 20.56 -17.35 43.59
C GLY B 72 20.12 -16.01 43.04
N GLY B 73 20.87 -15.53 42.08
CA GLY B 73 20.58 -14.25 41.47
C GLY B 73 21.93 -13.65 41.18
N PRO B 74 21.98 -12.36 40.81
CA PRO B 74 23.25 -11.71 40.50
C PRO B 74 24.37 -12.07 41.46
N GLU B 75 24.01 -12.71 42.58
CA GLU B 75 24.98 -13.12 43.58
C GLU B 75 25.78 -14.34 43.15
N TYR B 76 25.12 -15.28 42.50
CA TYR B 76 25.78 -16.51 42.06
C TYR B 76 25.65 -16.76 40.58
N VAL B 77 25.18 -15.76 39.84
CA VAL B 77 24.99 -15.91 38.40
C VAL B 77 26.18 -16.51 37.73
N HIS B 78 27.34 -16.27 38.30
CA HIS B 78 28.59 -16.77 37.76
C HIS B 78 28.72 -18.29 37.79
N CYS B 79 27.66 -18.97 38.17
CA CYS B 79 27.73 -20.42 38.23
C CYS B 79 27.33 -21.07 36.93
N LEU B 80 26.81 -20.25 36.04
CA LEU B 80 26.37 -20.72 34.75
C LEU B 80 27.50 -20.68 33.74
N LEU B 81 28.57 -19.97 34.07
CA LEU B 81 29.70 -19.86 33.17
C LEU B 81 30.27 -21.20 32.71
N PRO B 82 30.68 -22.07 33.65
CA PRO B 82 31.24 -23.36 33.27
C PRO B 82 30.50 -24.18 32.20
N PRO B 83 29.22 -24.49 32.44
CA PRO B 83 28.50 -25.28 31.43
C PRO B 83 28.32 -24.57 30.10
N LEU B 84 28.38 -23.24 30.09
CA LEU B 84 28.22 -22.50 28.84
C LEU B 84 29.54 -22.45 28.06
N GLU B 85 30.58 -21.93 28.69
CA GLU B 85 31.88 -21.84 28.04
C GLU B 85 32.20 -23.13 27.30
N SER B 86 31.47 -24.20 27.60
CA SER B 86 31.74 -25.46 26.91
C SER B 86 30.88 -25.56 25.68
N LEU B 87 29.65 -25.07 25.77
CA LEU B 87 28.77 -25.11 24.62
C LEU B 87 29.35 -24.15 23.63
N ALA B 88 29.74 -22.98 24.13
CA ALA B 88 30.31 -21.95 23.30
C ALA B 88 31.35 -22.57 22.39
N THR B 89 31.93 -23.70 22.81
CA THR B 89 32.97 -24.34 22.01
C THR B 89 32.54 -25.50 21.13
N VAL B 90 31.27 -25.89 21.19
CA VAL B 90 30.80 -26.96 20.33
C VAL B 90 30.98 -26.49 18.89
N GLU B 91 31.17 -27.41 17.96
CA GLU B 91 31.37 -27.02 16.57
C GLU B 91 30.07 -26.64 15.87
N GLU B 92 28.95 -27.27 16.27
CA GLU B 92 27.69 -26.95 15.63
C GLU B 92 27.21 -25.54 15.95
N THR B 93 27.38 -24.64 15.00
CA THR B 93 27.01 -23.24 15.16
C THR B 93 25.73 -22.98 15.93
N VAL B 94 24.61 -23.52 15.47
CA VAL B 94 23.36 -23.29 16.15
C VAL B 94 23.56 -23.39 17.66
N VAL B 95 24.28 -24.43 18.08
CA VAL B 95 24.58 -24.67 19.49
C VAL B 95 25.36 -23.55 20.12
N ARG B 96 26.60 -23.34 19.65
CA ARG B 96 27.43 -22.30 20.21
C ARG B 96 26.90 -20.89 19.95
N ASP B 97 25.93 -20.76 19.06
CA ASP B 97 25.32 -19.46 18.78
C ASP B 97 24.55 -19.10 20.06
N LYS B 98 23.65 -20.01 20.47
CA LYS B 98 22.83 -19.89 21.70
C LYS B 98 23.70 -19.62 22.91
N ALA B 99 24.61 -20.54 23.19
CA ALA B 99 25.53 -20.40 24.31
C ALA B 99 25.96 -18.95 24.49
N VAL B 100 26.41 -18.35 23.39
CA VAL B 100 26.86 -16.98 23.39
C VAL B 100 25.71 -16.05 23.74
N GLU B 101 24.56 -16.28 23.13
CA GLU B 101 23.37 -15.48 23.41
C GLU B 101 23.10 -15.44 24.92
N SER B 102 23.03 -16.66 25.48
CA SER B 102 22.81 -16.89 26.91
C SER B 102 23.86 -16.12 27.68
N LEU B 103 25.13 -16.39 27.34
CA LEU B 103 26.24 -15.71 27.97
C LEU B 103 26.06 -14.21 28.01
N ARG B 104 25.66 -13.62 26.89
CA ARG B 104 25.48 -12.18 26.83
C ARG B 104 24.43 -11.73 27.81
N ALA B 105 23.37 -12.51 27.92
CA ALA B 105 22.24 -12.20 28.81
C ALA B 105 22.59 -12.30 30.28
N ILE B 106 23.13 -13.42 30.71
CA ILE B 106 23.47 -13.53 32.11
C ILE B 106 24.57 -12.53 32.40
N SER B 107 25.25 -12.10 31.36
CA SER B 107 26.33 -11.13 31.52
C SER B 107 26.01 -9.99 32.44
N HIS B 108 24.91 -9.29 32.16
CA HIS B 108 24.51 -8.15 32.95
C HIS B 108 24.16 -8.51 34.38
N GLU B 109 23.68 -9.72 34.59
CA GLU B 109 23.34 -10.16 35.93
C GLU B 109 24.60 -10.18 36.78
N HIS B 110 25.76 -10.03 36.13
CA HIS B 110 27.05 -10.04 36.82
C HIS B 110 27.44 -8.71 37.40
N SER B 111 28.03 -8.73 38.59
CA SER B 111 28.46 -7.50 39.21
C SER B 111 29.79 -7.18 38.59
N PRO B 112 30.17 -5.90 38.55
CA PRO B 112 31.46 -5.58 37.96
C PRO B 112 32.52 -6.47 38.62
N SER B 113 32.42 -6.60 39.93
CA SER B 113 33.35 -7.42 40.70
C SER B 113 33.39 -8.85 40.18
N ASP B 114 32.25 -9.33 39.69
CA ASP B 114 32.17 -10.67 39.14
C ASP B 114 32.70 -10.71 37.71
N LEU B 115 32.42 -9.67 36.95
CA LEU B 115 32.89 -9.60 35.57
C LEU B 115 34.38 -9.78 35.52
N GLU B 116 35.10 -8.81 36.04
CA GLU B 116 36.55 -8.89 36.02
C GLU B 116 37.01 -10.23 36.53
N ALA B 117 36.31 -10.77 37.52
CA ALA B 117 36.69 -12.03 38.14
C ALA B 117 36.40 -13.36 37.44
N HIS B 118 35.28 -13.46 36.72
CA HIS B 118 34.97 -14.72 36.07
C HIS B 118 34.56 -14.66 34.61
N PHE B 119 33.83 -13.61 34.25
CA PHE B 119 33.37 -13.43 32.87
C PHE B 119 34.54 -13.13 31.95
N VAL B 120 35.14 -11.96 32.11
CA VAL B 120 36.28 -11.55 31.28
C VAL B 120 37.26 -12.71 30.99
N PRO B 121 37.59 -13.51 32.00
CA PRO B 121 38.51 -14.62 31.74
C PRO B 121 37.89 -15.63 30.79
N LEU B 122 36.58 -15.75 30.85
CA LEU B 122 35.90 -16.68 29.97
C LEU B 122 36.13 -16.18 28.58
N VAL B 123 35.92 -14.87 28.42
CA VAL B 123 36.13 -14.22 27.14
C VAL B 123 37.54 -14.57 26.72
N LYS B 124 38.52 -14.17 27.52
CA LYS B 124 39.88 -14.49 27.19
C LYS B 124 40.13 -15.98 26.92
N ARG B 125 39.53 -16.89 27.69
CA ARG B 125 39.82 -18.30 27.43
C ARG B 125 39.35 -18.75 26.06
N LEU B 126 38.26 -18.15 25.59
CA LEU B 126 37.71 -18.52 24.30
C LEU B 126 38.50 -17.87 23.19
N ALA B 127 38.84 -16.61 23.41
CA ALA B 127 39.59 -15.83 22.45
C ALA B 127 41.02 -16.33 22.22
N GLY B 128 41.53 -17.11 23.14
CA GLY B 128 42.87 -17.62 23.01
C GLY B 128 42.86 -19.10 22.69
N GLY B 129 41.74 -19.58 22.18
CA GLY B 129 41.62 -20.99 21.89
C GLY B 129 42.19 -21.51 20.61
N ASP B 130 42.67 -22.75 20.67
CA ASP B 130 43.25 -23.45 19.52
C ASP B 130 42.18 -23.56 18.45
N TRP B 131 40.97 -23.90 18.86
CA TRP B 131 39.84 -24.06 17.94
C TRP B 131 39.33 -22.74 17.40
N PHE B 132 39.32 -22.59 16.09
CA PHE B 132 38.87 -21.34 15.56
C PHE B 132 37.49 -21.05 16.10
N THR B 133 36.68 -22.09 16.24
CA THR B 133 35.32 -21.92 16.73
C THR B 133 35.23 -21.11 18.02
N SER B 134 36.04 -21.48 19.01
CA SER B 134 36.04 -20.76 20.27
C SER B 134 36.20 -19.26 20.02
N ARG B 135 37.20 -18.89 19.24
CA ARG B 135 37.44 -17.48 18.95
C ARG B 135 36.20 -16.80 18.43
N THR B 136 35.60 -17.40 17.42
CA THR B 136 34.41 -16.84 16.83
C THR B 136 33.45 -16.53 17.96
N SER B 137 33.20 -17.53 18.81
CA SER B 137 32.29 -17.35 19.94
C SER B 137 32.72 -16.20 20.81
N ALA B 138 34.02 -16.09 21.02
CA ALA B 138 34.53 -15.03 21.83
C ALA B 138 34.05 -13.69 21.32
N CYS B 139 34.29 -13.42 20.04
CA CYS B 139 33.93 -12.15 19.44
C CYS B 139 32.60 -11.57 19.86
N GLY B 140 31.68 -12.41 20.28
CA GLY B 140 30.38 -11.90 20.69
C GLY B 140 30.26 -11.36 22.11
N LEU B 141 31.29 -11.53 22.91
CA LEU B 141 31.19 -11.10 24.28
C LEU B 141 32.00 -9.90 24.73
N PHE B 142 32.72 -9.22 23.85
CA PHE B 142 33.45 -8.07 24.37
C PHE B 142 32.51 -6.92 24.62
N SER B 143 31.65 -6.70 23.64
CA SER B 143 30.66 -5.65 23.69
C SER B 143 30.01 -5.50 25.06
N VAL B 144 29.65 -6.63 25.68
CA VAL B 144 28.95 -6.56 26.95
C VAL B 144 29.67 -6.34 28.25
N CYS B 145 30.81 -6.98 28.49
CA CYS B 145 31.46 -6.75 29.77
C CYS B 145 32.24 -5.45 29.81
N TYR B 146 32.99 -5.19 28.74
CA TYR B 146 33.81 -3.98 28.62
C TYR B 146 33.27 -2.69 29.23
N PRO B 147 31.97 -2.41 29.05
CA PRO B 147 31.43 -1.18 29.61
C PRO B 147 31.55 -1.03 31.10
N ARG B 148 31.53 -2.13 31.84
CA ARG B 148 31.56 -2.01 33.29
C ARG B 148 32.82 -2.33 34.08
N VAL B 149 33.79 -3.01 33.49
CA VAL B 149 35.01 -3.33 34.21
C VAL B 149 36.01 -2.18 34.29
N SER B 150 37.17 -2.46 34.89
CA SER B 150 38.21 -1.45 35.08
C SER B 150 38.87 -0.94 33.83
N SER B 151 39.44 0.26 33.94
CA SER B 151 40.13 0.89 32.83
C SER B 151 41.34 0.06 32.53
N ALA B 152 41.62 -0.89 33.41
CA ALA B 152 42.75 -1.75 33.22
C ALA B 152 42.33 -2.97 32.43
N VAL B 153 41.16 -3.50 32.75
CA VAL B 153 40.66 -4.68 32.08
C VAL B 153 40.16 -4.34 30.69
N LYS B 154 39.60 -3.15 30.55
CA LYS B 154 39.11 -2.72 29.24
C LYS B 154 40.31 -2.82 28.32
N ALA B 155 41.39 -2.18 28.75
CA ALA B 155 42.62 -2.17 28.00
C ALA B 155 42.96 -3.59 27.57
N GLU B 156 42.88 -4.55 28.49
CA GLU B 156 43.19 -5.92 28.13
C GLU B 156 42.22 -6.38 27.05
N LEU B 157 40.95 -6.03 27.18
CA LEU B 157 39.97 -6.50 26.21
C LEU B 157 40.25 -5.99 24.81
N ARG B 158 40.56 -4.69 24.70
CA ARG B 158 40.85 -4.09 23.40
C ARG B 158 42.01 -4.83 22.78
N GLN B 159 43.08 -4.99 23.53
CA GLN B 159 44.23 -5.72 23.03
C GLN B 159 43.74 -7.06 22.47
N TYR B 160 42.93 -7.77 23.24
CA TYR B 160 42.41 -9.08 22.82
C TYR B 160 41.54 -9.05 21.56
N PHE B 161 40.59 -8.13 21.53
CA PHE B 161 39.69 -8.00 20.38
C PHE B 161 40.44 -7.68 19.10
N ARG B 162 41.63 -7.12 19.24
CA ARG B 162 42.46 -6.78 18.11
C ARG B 162 43.04 -8.05 17.52
N ASN B 163 43.66 -8.89 18.35
CA ASN B 163 44.25 -10.15 17.89
C ASN B 163 43.19 -11.00 17.21
N LEU B 164 41.95 -10.66 17.42
CA LEU B 164 40.92 -11.45 16.81
C LEU B 164 40.65 -10.92 15.42
N CYS B 165 40.81 -9.62 15.21
CA CYS B 165 40.60 -9.05 13.89
C CYS B 165 41.71 -9.48 12.96
N SER B 166 42.75 -10.07 13.54
CA SER B 166 43.90 -10.51 12.79
C SER B 166 44.03 -12.00 12.78
N ASP B 167 42.95 -12.70 13.10
CA ASP B 167 43.04 -14.14 13.15
C ASP B 167 43.47 -14.75 11.85
N ASP B 168 44.36 -15.73 11.94
CA ASP B 168 44.84 -16.41 10.75
C ASP B 168 43.64 -16.95 9.99
N THR B 169 42.56 -17.19 10.71
CA THR B 169 41.39 -17.72 10.06
C THR B 169 40.41 -16.62 9.72
N PRO B 170 39.87 -16.67 8.50
CA PRO B 170 38.90 -15.69 8.00
C PRO B 170 37.63 -15.71 8.83
N MET B 171 37.17 -16.91 9.18
CA MET B 171 35.97 -17.02 9.98
C MET B 171 36.08 -16.03 11.11
N VAL B 172 37.07 -16.24 11.99
CA VAL B 172 37.26 -15.35 13.11
C VAL B 172 37.30 -13.88 12.71
N ARG B 173 37.96 -13.60 11.58
CA ARG B 173 38.07 -12.24 11.11
C ARG B 173 36.69 -11.75 10.82
N ARG B 174 35.94 -12.51 10.06
CA ARG B 174 34.59 -12.10 9.74
C ARG B 174 33.81 -11.93 11.05
N ALA B 175 34.15 -12.73 12.05
CA ALA B 175 33.47 -12.64 13.33
C ALA B 175 33.80 -11.31 13.98
N ALA B 176 35.09 -11.03 14.07
CA ALA B 176 35.52 -9.79 14.70
C ALA B 176 34.93 -8.63 13.92
N ALA B 177 34.82 -8.81 12.61
CA ALA B 177 34.28 -7.77 11.78
C ALA B 177 32.87 -7.41 12.24
N SER B 178 31.94 -8.32 12.02
CA SER B 178 30.53 -8.09 12.37
C SER B 178 30.30 -7.61 13.80
N LYS B 179 31.29 -7.83 14.66
CA LYS B 179 31.17 -7.41 16.04
C LYS B 179 31.89 -6.09 16.26
N LEU B 180 32.72 -5.71 15.30
CA LEU B 180 33.47 -4.49 15.41
C LEU B 180 32.59 -3.30 15.67
N GLY B 181 31.50 -3.22 14.94
CA GLY B 181 30.59 -2.10 15.12
C GLY B 181 30.14 -1.87 16.56
N GLU B 182 29.45 -2.83 17.16
CA GLU B 182 28.97 -2.61 18.50
C GLU B 182 30.04 -2.44 19.55
N PHE B 183 31.18 -3.11 19.41
CA PHE B 183 32.22 -2.96 20.40
C PHE B 183 32.71 -1.53 20.42
N ALA B 184 32.65 -0.86 19.28
CA ALA B 184 33.10 0.53 19.18
C ALA B 184 32.17 1.42 19.98
N LYS B 185 30.87 1.23 19.77
CA LYS B 185 29.87 2.01 20.46
C LYS B 185 30.10 2.09 21.96
N VAL B 186 30.92 1.19 22.51
CA VAL B 186 31.16 1.22 23.95
C VAL B 186 32.49 1.80 24.40
N LEU B 187 33.42 2.01 23.47
CA LEU B 187 34.71 2.57 23.88
C LEU B 187 34.56 4.08 23.87
N GLU B 188 35.43 4.78 24.58
CA GLU B 188 35.36 6.23 24.61
C GLU B 188 36.10 6.81 23.42
N LEU B 189 35.53 7.86 22.83
CA LEU B 189 36.11 8.50 21.67
C LEU B 189 37.58 8.28 21.37
N ASP B 190 38.47 8.67 22.27
CA ASP B 190 39.91 8.53 22.04
C ASP B 190 40.33 7.12 21.63
N ASN B 191 39.83 6.12 22.34
CA ASN B 191 40.15 4.74 22.01
C ASN B 191 39.54 4.38 20.67
N VAL B 192 38.34 4.88 20.41
CA VAL B 192 37.66 4.63 19.15
C VAL B 192 38.50 5.20 18.04
N LYS B 193 39.05 6.38 18.29
CA LYS B 193 39.88 7.06 17.32
C LYS B 193 41.21 6.38 17.11
N SER B 194 41.96 6.16 18.18
CA SER B 194 43.27 5.55 18.04
C SER B 194 43.36 4.02 17.93
N GLU B 195 42.29 3.30 18.23
CA GLU B 195 42.35 1.85 18.15
C GLU B 195 41.32 1.20 17.25
N ILE B 196 40.10 1.71 17.27
CA ILE B 196 39.08 1.12 16.43
C ILE B 196 39.35 1.42 14.95
N ILE B 197 39.50 2.70 14.65
CA ILE B 197 39.74 3.11 13.27
C ILE B 197 40.81 2.23 12.64
N PRO B 198 41.93 1.99 13.34
CA PRO B 198 42.98 1.15 12.78
C PRO B 198 42.47 -0.25 12.45
N MET B 199 41.80 -0.88 13.41
CA MET B 199 41.24 -2.21 13.20
C MET B 199 40.23 -2.16 12.07
N PHE B 200 39.35 -1.17 12.13
CA PHE B 200 38.33 -1.01 11.13
C PHE B 200 39.00 -0.98 9.77
N SER B 201 39.97 -0.08 9.64
CA SER B 201 40.69 0.11 8.41
C SER B 201 41.27 -1.17 7.85
N ASN B 202 42.01 -1.87 8.68
CA ASN B 202 42.62 -3.10 8.23
C ASN B 202 41.56 -4.10 7.77
N LEU B 203 40.41 -4.09 8.41
CA LEU B 203 39.36 -5.03 8.06
C LEU B 203 38.73 -4.69 6.74
N ALA B 204 38.59 -3.39 6.49
CA ALA B 204 37.97 -2.89 5.26
C ALA B 204 38.76 -3.24 4.01
N SER B 205 40.02 -3.63 4.21
CA SER B 205 40.87 -4.00 3.10
C SER B 205 41.43 -5.41 3.29
N ASP B 206 40.77 -6.23 4.10
CA ASP B 206 41.25 -7.58 4.33
C ASP B 206 41.40 -8.23 2.95
N GLU B 207 42.26 -9.22 2.87
CA GLU B 207 42.47 -9.92 1.62
C GLU B 207 41.16 -10.47 1.09
N GLN B 208 40.28 -10.95 1.96
CA GLN B 208 39.00 -11.53 1.53
C GLN B 208 37.80 -10.58 1.52
N ASP B 209 37.05 -10.58 0.42
CA ASP B 209 35.90 -9.71 0.36
C ASP B 209 34.93 -10.08 1.45
N SER B 210 34.76 -11.38 1.66
CA SER B 210 33.88 -11.90 2.71
C SER B 210 34.13 -11.14 4.00
N VAL B 211 35.32 -10.57 4.15
CA VAL B 211 35.61 -9.82 5.35
C VAL B 211 35.40 -8.35 5.03
N ARG B 212 36.08 -7.85 4.00
CA ARG B 212 35.98 -6.44 3.60
C ARG B 212 34.55 -6.00 3.61
N LEU B 213 33.72 -6.88 3.11
CA LEU B 213 32.31 -6.66 3.03
C LEU B 213 31.73 -6.26 4.39
N LEU B 214 32.09 -6.99 5.45
CA LEU B 214 31.54 -6.67 6.76
C LEU B 214 32.09 -5.36 7.26
N ALA B 215 33.27 -5.00 6.83
CA ALA B 215 33.80 -3.73 7.29
C ALA B 215 32.78 -2.62 6.99
N VAL B 216 32.22 -2.65 5.79
CA VAL B 216 31.25 -1.65 5.42
C VAL B 216 30.20 -1.38 6.48
N GLU B 217 29.57 -2.44 6.98
CA GLU B 217 28.55 -2.27 8.00
C GLU B 217 29.08 -1.41 9.15
N ALA B 218 30.21 -1.80 9.69
CA ALA B 218 30.79 -1.05 10.77
C ALA B 218 31.00 0.42 10.40
N CYS B 219 31.37 0.68 9.14
CA CYS B 219 31.63 2.06 8.75
C CYS B 219 30.51 2.96 9.18
N VAL B 220 29.30 2.42 9.19
CA VAL B 220 28.17 3.24 9.61
C VAL B 220 28.27 3.49 11.09
N ASN B 221 28.08 2.45 11.91
CA ASN B 221 28.15 2.60 13.36
C ASN B 221 29.35 3.46 13.76
N ILE B 222 30.51 3.16 13.21
CA ILE B 222 31.69 3.92 13.56
C ILE B 222 31.49 5.39 13.26
N ALA B 223 31.04 5.69 12.05
CA ALA B 223 30.80 7.07 11.63
C ALA B 223 29.77 7.80 12.49
N GLN B 224 28.90 7.07 13.18
CA GLN B 224 27.88 7.72 14.01
C GLN B 224 28.52 8.22 15.30
N LEU B 225 29.71 7.73 15.58
CA LEU B 225 30.42 8.08 16.80
C LEU B 225 31.33 9.28 16.73
N LEU B 226 31.93 9.53 15.58
CA LEU B 226 32.86 10.64 15.42
C LEU B 226 32.24 11.95 14.96
N PRO B 227 32.62 13.07 15.57
CA PRO B 227 32.02 14.32 15.09
C PRO B 227 32.63 14.63 13.71
N GLN B 228 31.86 15.27 12.83
CA GLN B 228 32.27 15.59 11.47
C GLN B 228 33.76 15.89 11.24
N GLU B 229 34.31 16.80 12.04
CA GLU B 229 35.71 17.20 11.94
C GLU B 229 36.65 16.02 11.67
N ASP B 230 36.35 14.89 12.31
CA ASP B 230 37.17 13.69 12.24
C ASP B 230 36.93 12.76 11.05
N LEU B 231 35.68 12.55 10.70
CA LEU B 231 35.32 11.64 9.62
C LEU B 231 36.16 11.70 8.35
N GLU B 232 36.38 12.90 7.83
CA GLU B 232 37.15 13.02 6.61
C GLU B 232 38.55 12.46 6.79
N ALA B 233 39.02 12.52 8.04
CA ALA B 233 40.36 12.06 8.33
C ALA B 233 40.44 10.62 8.77
N LEU B 234 39.32 10.05 9.19
CA LEU B 234 39.33 8.67 9.64
C LEU B 234 38.46 7.72 8.83
N VAL B 235 37.22 8.13 8.62
CA VAL B 235 36.27 7.32 7.91
C VAL B 235 36.30 7.30 6.38
N MET B 236 35.92 8.42 5.79
CA MET B 236 35.80 8.62 4.34
C MET B 236 36.75 7.89 3.36
N PRO B 237 38.06 8.06 3.52
CA PRO B 237 38.96 7.38 2.59
C PRO B 237 38.51 5.92 2.45
N THR B 238 38.34 5.28 3.59
CA THR B 238 37.92 3.88 3.65
C THR B 238 36.57 3.73 2.99
N LEU B 239 35.62 4.54 3.45
CA LEU B 239 34.28 4.52 2.90
C LEU B 239 34.30 4.72 1.38
N ARG B 240 35.15 5.63 0.90
CA ARG B 240 35.22 5.89 -0.54
C ARG B 240 35.70 4.67 -1.27
N GLN B 241 36.80 4.11 -0.77
CA GLN B 241 37.37 2.92 -1.38
C GLN B 241 36.34 1.81 -1.40
N ALA B 242 35.51 1.78 -0.36
CA ALA B 242 34.45 0.78 -0.22
C ALA B 242 33.57 0.85 -1.45
N ALA B 243 32.91 1.98 -1.62
CA ALA B 243 32.04 2.15 -2.76
C ALA B 243 32.72 1.73 -4.09
N GLU B 244 34.01 1.99 -4.19
CA GLU B 244 34.79 1.67 -5.39
C GLU B 244 35.30 0.23 -5.40
N ASP B 245 35.29 -0.41 -4.24
CA ASP B 245 35.76 -1.79 -4.09
C ASP B 245 35.55 -2.67 -5.33
N LYS B 246 36.46 -3.61 -5.54
CA LYS B 246 36.38 -4.50 -6.68
C LYS B 246 35.24 -5.49 -6.59
N SER B 247 34.91 -5.93 -5.37
CA SER B 247 33.84 -6.91 -5.17
C SER B 247 32.48 -6.29 -5.17
N TRP B 248 31.65 -6.65 -6.13
CA TRP B 248 30.32 -6.06 -6.15
C TRP B 248 29.64 -6.31 -4.81
N ARG B 249 29.97 -7.43 -4.18
CA ARG B 249 29.40 -7.77 -2.89
C ARG B 249 29.67 -6.61 -1.94
N VAL B 250 30.90 -6.11 -1.94
CA VAL B 250 31.18 -4.99 -1.08
C VAL B 250 30.35 -3.80 -1.55
N ARG B 251 30.54 -3.36 -2.79
CA ARG B 251 29.80 -2.22 -3.31
C ARG B 251 28.34 -2.36 -2.92
N TYR B 252 27.85 -3.57 -3.07
CA TYR B 252 26.47 -3.88 -2.74
C TYR B 252 26.18 -3.41 -1.31
N MET B 253 27.00 -3.83 -0.36
CA MET B 253 26.78 -3.40 1.02
C MET B 253 26.65 -1.89 1.10
N VAL B 254 27.61 -1.19 0.52
CA VAL B 254 27.59 0.27 0.52
C VAL B 254 26.27 0.75 -0.03
N ALA B 255 25.85 0.16 -1.13
CA ALA B 255 24.59 0.56 -1.72
C ALA B 255 23.49 0.34 -0.71
N ASP B 256 23.31 -0.93 -0.31
CA ASP B 256 22.25 -1.30 0.63
C ASP B 256 22.25 -0.51 1.92
N LYS B 257 23.42 -0.03 2.35
CA LYS B 257 23.47 0.73 3.59
C LYS B 257 23.63 2.23 3.34
N PHE B 258 23.52 2.60 2.08
CA PHE B 258 23.68 3.98 1.69
C PHE B 258 22.99 5.06 2.51
N THR B 259 21.66 5.02 2.61
CA THR B 259 20.93 6.03 3.39
C THR B 259 21.38 6.02 4.86
N GLU B 260 21.63 4.83 5.38
CA GLU B 260 22.07 4.73 6.75
C GLU B 260 23.36 5.54 6.80
N LEU B 261 24.29 5.27 5.90
CA LEU B 261 25.54 6.02 5.89
C LEU B 261 25.19 7.51 5.89
N GLN B 262 24.53 7.96 4.82
CA GLN B 262 24.13 9.35 4.66
C GLN B 262 23.74 9.96 5.99
N LYS B 263 22.82 9.33 6.69
CA LYS B 263 22.44 9.89 7.99
C LYS B 263 23.70 10.01 8.82
N ALA B 264 24.33 8.88 9.10
CA ALA B 264 25.53 8.85 9.91
C ALA B 264 26.59 9.84 9.47
N VAL B 265 26.99 9.74 8.22
CA VAL B 265 28.01 10.60 7.65
C VAL B 265 27.80 12.04 8.00
N GLY B 266 26.69 12.62 7.53
CA GLY B 266 26.37 14.01 7.78
C GLY B 266 25.85 14.75 6.54
N PRO B 267 25.06 15.81 6.71
CA PRO B 267 24.55 16.52 5.53
C PRO B 267 25.57 16.97 4.47
N GLU B 268 26.49 17.86 4.83
CA GLU B 268 27.44 18.34 3.83
C GLU B 268 28.21 17.22 3.15
N ILE B 269 28.87 16.39 3.96
CA ILE B 269 29.69 15.28 3.50
C ILE B 269 28.98 14.46 2.43
N THR B 270 27.66 14.45 2.50
CA THR B 270 26.82 13.71 1.58
C THR B 270 26.91 14.20 0.13
N LYS B 271 26.87 15.53 -0.06
CA LYS B 271 26.95 16.12 -1.41
C LYS B 271 28.38 16.10 -1.94
N THR B 272 29.32 16.37 -1.04
CA THR B 272 30.73 16.36 -1.39
C THR B 272 31.17 14.96 -1.83
N ASP B 273 30.69 13.95 -1.11
CA ASP B 273 31.08 12.57 -1.36
C ASP B 273 30.03 11.53 -1.76
N LEU B 274 28.97 11.39 -0.98
CA LEU B 274 27.99 10.38 -1.30
C LEU B 274 27.32 10.57 -2.63
N VAL B 275 26.77 11.76 -2.85
CA VAL B 275 26.10 12.03 -4.12
C VAL B 275 26.90 11.50 -5.31
N PRO B 276 28.15 11.92 -5.45
CA PRO B 276 28.88 11.38 -6.59
C PRO B 276 28.74 9.87 -6.54
N ALA B 277 29.27 9.28 -5.46
CA ALA B 277 29.25 7.84 -5.20
C ALA B 277 27.91 7.19 -5.56
N PHE B 278 26.83 7.74 -5.01
CA PHE B 278 25.49 7.24 -5.25
C PHE B 278 25.22 7.12 -6.73
N GLN B 279 25.70 8.09 -7.51
CA GLN B 279 25.51 8.09 -8.95
C GLN B 279 26.25 6.92 -9.57
N ASN B 280 27.49 6.71 -9.13
CA ASN B 280 28.32 5.63 -9.64
C ASN B 280 27.71 4.29 -9.31
N LEU B 281 27.07 4.22 -8.16
CA LEU B 281 26.45 2.97 -7.78
C LEU B 281 25.28 2.68 -8.72
N MET B 282 24.47 3.69 -9.02
CA MET B 282 23.34 3.53 -9.94
C MET B 282 23.84 3.07 -11.30
N LYS B 283 25.09 3.41 -11.59
CA LYS B 283 25.70 3.03 -12.85
C LYS B 283 26.61 1.83 -12.66
N ASP B 284 26.43 1.07 -11.58
CA ASP B 284 27.30 -0.06 -11.36
C ASP B 284 27.16 -1.13 -12.44
N CYS B 285 28.18 -1.95 -12.60
CA CYS B 285 28.19 -2.99 -13.61
C CYS B 285 27.21 -4.10 -13.26
N GLU B 286 27.16 -4.47 -11.98
CA GLU B 286 26.25 -5.54 -11.52
C GLU B 286 24.85 -4.99 -11.24
N ALA B 287 23.89 -5.59 -11.94
CA ALA B 287 22.50 -5.19 -11.78
C ALA B 287 22.19 -5.18 -10.30
N GLU B 288 22.43 -6.31 -9.67
CA GLU B 288 22.21 -6.45 -8.25
C GLU B 288 22.54 -5.14 -7.54
N VAL B 289 23.70 -4.56 -7.83
CA VAL B 289 24.06 -3.33 -7.14
C VAL B 289 23.19 -2.16 -7.51
N ARG B 290 22.82 -2.06 -8.78
CA ARG B 290 21.96 -0.97 -9.28
C ARG B 290 20.59 -1.08 -8.60
N ALA B 291 20.06 -2.30 -8.62
CA ALA B 291 18.80 -2.62 -7.99
C ALA B 291 18.88 -2.11 -6.56
N ALA B 292 19.95 -2.50 -5.87
CA ALA B 292 20.15 -2.04 -4.51
C ALA B 292 19.93 -0.56 -4.58
N ALA B 293 20.91 0.12 -5.14
CA ALA B 293 20.89 1.56 -5.29
C ALA B 293 19.53 2.11 -5.64
N SER B 294 18.92 1.55 -6.68
CA SER B 294 17.60 2.06 -7.08
C SER B 294 16.65 2.20 -5.90
N HIS B 295 16.52 1.14 -5.11
CA HIS B 295 15.63 1.14 -3.97
C HIS B 295 15.88 2.35 -3.09
N LYS B 296 17.14 2.76 -2.97
CA LYS B 296 17.41 3.88 -2.09
C LYS B 296 17.03 5.27 -2.56
N VAL B 297 16.93 5.46 -3.88
CA VAL B 297 16.60 6.77 -4.45
C VAL B 297 15.69 7.72 -3.65
N LYS B 298 14.46 7.33 -3.36
CA LYS B 298 13.57 8.22 -2.63
C LYS B 298 14.14 8.60 -1.29
N GLU B 299 14.35 7.60 -0.46
CA GLU B 299 14.87 7.83 0.88
C GLU B 299 16.10 8.71 0.89
N PHE B 300 17.00 8.48 -0.05
CA PHE B 300 18.22 9.28 -0.13
C PHE B 300 17.94 10.74 -0.41
N CYS B 301 17.20 11.00 -1.49
CA CYS B 301 16.84 12.36 -1.89
C CYS B 301 16.05 13.06 -0.80
N GLU B 302 15.13 12.32 -0.22
CA GLU B 302 14.29 12.86 0.84
C GLU B 302 15.18 13.47 1.90
N ASN B 303 16.28 12.81 2.23
CA ASN B 303 17.16 13.29 3.27
C ASN B 303 18.34 14.18 2.89
N LEU B 304 18.21 14.92 1.80
CA LEU B 304 19.26 15.84 1.40
C LEU B 304 18.93 17.11 2.14
N SER B 305 19.91 18.00 2.25
CA SER B 305 19.73 19.25 2.97
C SER B 305 18.56 20.09 2.46
N ALA B 306 17.74 20.55 3.38
CA ALA B 306 16.57 21.38 3.10
C ALA B 306 16.74 22.23 1.84
N ASP B 307 17.92 22.83 1.68
CA ASP B 307 18.19 23.68 0.52
C ASP B 307 18.54 22.93 -0.75
N CYS B 308 19.79 23.04 -1.19
CA CYS B 308 20.30 22.40 -2.41
C CYS B 308 19.35 21.36 -3.03
N ARG B 309 18.84 20.46 -2.19
CA ARG B 309 17.93 19.40 -2.60
C ARG B 309 17.39 19.50 -4.04
N GLU B 310 16.37 20.34 -4.25
CA GLU B 310 15.79 20.47 -5.59
C GLU B 310 16.91 20.43 -6.63
N ASN B 311 17.91 21.28 -6.44
CA ASN B 311 19.03 21.31 -7.37
C ASN B 311 19.59 19.91 -7.57
N VAL B 312 20.29 19.44 -6.54
CA VAL B 312 20.95 18.12 -6.56
C VAL B 312 20.12 17.02 -7.21
N ILE B 313 18.83 16.99 -6.90
CA ILE B 313 17.94 15.97 -7.43
C ILE B 313 17.81 16.09 -8.95
N MET B 314 17.55 17.31 -9.42
CA MET B 314 17.37 17.58 -10.85
C MET B 314 18.66 17.56 -11.68
N SER B 315 19.73 18.06 -11.07
CA SER B 315 21.04 18.15 -11.68
C SER B 315 21.92 16.90 -11.55
N GLN B 316 21.94 16.32 -10.36
CA GLN B 316 22.77 15.16 -10.08
C GLN B 316 22.13 13.77 -10.11
N ILE B 317 20.88 13.64 -9.67
CA ILE B 317 20.25 12.32 -9.66
C ILE B 317 19.32 12.03 -10.84
N LEU B 318 18.23 12.80 -10.88
CA LEU B 318 17.22 12.68 -11.91
C LEU B 318 17.75 12.20 -13.27
N PRO B 319 18.94 12.67 -13.64
CA PRO B 319 19.46 12.20 -14.92
C PRO B 319 19.76 10.72 -14.92
N CYS B 320 20.20 10.19 -13.78
CA CYS B 320 20.54 8.76 -13.66
C CYS B 320 19.27 7.94 -13.66
N ILE B 321 18.34 8.34 -12.80
CA ILE B 321 17.06 7.69 -12.68
C ILE B 321 16.49 7.41 -14.07
N LYS B 322 16.41 8.47 -14.86
CA LYS B 322 15.90 8.34 -16.21
C LYS B 322 16.65 7.29 -17.01
N GLU B 323 17.91 7.01 -16.64
CA GLU B 323 18.67 5.99 -17.40
C GLU B 323 18.40 4.61 -16.79
N LEU B 324 17.98 4.60 -15.53
CA LEU B 324 17.65 3.37 -14.82
C LEU B 324 16.32 2.85 -15.36
N VAL B 325 15.39 3.77 -15.62
CA VAL B 325 14.09 3.41 -16.17
C VAL B 325 14.21 2.54 -17.44
N SER B 326 15.25 2.72 -18.23
CA SER B 326 15.40 1.92 -19.45
C SER B 326 16.31 0.73 -19.22
N ASP B 327 16.74 0.55 -17.97
CA ASP B 327 17.65 -0.52 -17.59
C ASP B 327 17.24 -1.86 -18.24
N ALA B 328 18.21 -2.68 -18.55
CA ALA B 328 17.90 -3.94 -19.17
C ALA B 328 17.41 -4.98 -18.18
N ASN B 329 17.75 -4.79 -16.92
CA ASN B 329 17.35 -5.75 -15.90
C ASN B 329 15.95 -5.53 -15.37
N GLN B 330 15.14 -6.59 -15.38
CA GLN B 330 13.75 -6.50 -14.91
C GLN B 330 13.72 -5.97 -13.48
N HIS B 331 14.56 -6.55 -12.63
CA HIS B 331 14.62 -6.17 -11.23
C HIS B 331 15.02 -4.72 -10.99
N VAL B 332 16.04 -4.25 -11.69
CA VAL B 332 16.42 -2.87 -11.46
C VAL B 332 15.22 -2.01 -11.79
N LYS B 333 14.66 -2.22 -12.98
CA LYS B 333 13.50 -1.46 -13.40
C LYS B 333 12.44 -1.46 -12.32
N SER B 334 12.05 -2.67 -11.93
CA SER B 334 11.05 -2.89 -10.90
C SER B 334 11.36 -2.19 -9.58
N ALA B 335 12.61 -2.29 -9.15
CA ALA B 335 13.02 -1.66 -7.91
C ALA B 335 12.71 -0.17 -7.89
N LEU B 336 13.17 0.55 -8.91
CA LEU B 336 12.96 2.01 -9.02
C LEU B 336 11.49 2.37 -9.10
N ALA B 337 10.73 1.58 -9.83
CA ALA B 337 9.29 1.82 -9.98
C ALA B 337 8.53 1.88 -8.64
N SER B 338 9.07 1.24 -7.61
CA SER B 338 8.40 1.21 -6.32
C SER B 338 8.70 2.37 -5.40
N VAL B 339 9.71 3.16 -5.76
CA VAL B 339 10.11 4.29 -4.94
C VAL B 339 10.16 5.60 -5.70
N ILE B 340 10.12 5.50 -7.02
CA ILE B 340 10.22 6.67 -7.85
C ILE B 340 9.18 7.72 -7.55
N MET B 341 7.93 7.31 -7.39
CA MET B 341 6.89 8.30 -7.17
C MET B 341 6.99 9.10 -5.89
N GLY B 342 7.69 8.57 -4.89
CA GLY B 342 7.80 9.32 -3.66
C GLY B 342 8.62 10.59 -3.85
N LEU B 343 9.13 10.77 -5.07
CA LEU B 343 9.92 11.95 -5.38
C LEU B 343 9.05 13.17 -5.60
N SER B 344 7.80 12.95 -5.96
CA SER B 344 6.87 14.04 -6.23
C SER B 344 6.74 15.13 -5.19
N PRO B 345 6.28 14.78 -3.98
CA PRO B 345 6.13 15.84 -2.98
C PRO B 345 7.45 16.52 -2.69
N ILE B 346 8.52 15.97 -3.24
CA ILE B 346 9.82 16.55 -3.02
C ILE B 346 10.06 17.57 -4.11
N LEU B 347 10.20 17.12 -5.34
CA LEU B 347 10.41 18.04 -6.45
C LEU B 347 9.28 19.06 -6.47
N GLY B 348 8.07 18.59 -6.23
CA GLY B 348 6.91 19.47 -6.24
C GLY B 348 6.11 19.36 -7.53
N LYS B 349 4.99 20.08 -7.58
CA LYS B 349 4.10 20.04 -8.74
C LYS B 349 4.73 20.23 -10.13
N ASP B 350 4.89 21.48 -10.56
CA ASP B 350 5.47 21.76 -11.87
C ASP B 350 6.62 20.82 -12.19
N ASN B 351 7.53 20.67 -11.22
CA ASN B 351 8.71 19.80 -11.35
C ASN B 351 8.32 18.37 -11.69
N THR B 352 7.43 17.83 -10.86
CA THR B 352 6.95 16.47 -11.03
C THR B 352 6.30 16.33 -12.39
N ILE B 353 5.56 17.37 -12.80
CA ILE B 353 4.83 17.36 -14.06
C ILE B 353 5.67 17.43 -15.30
N GLU B 354 6.78 18.14 -15.24
CA GLU B 354 7.64 18.26 -16.40
C GLU B 354 8.68 17.15 -16.55
N HIS B 355 9.21 16.67 -15.42
CA HIS B 355 10.25 15.65 -15.44
C HIS B 355 9.88 14.26 -14.99
N LEU B 356 8.84 14.14 -14.15
CA LEU B 356 8.45 12.83 -13.64
C LEU B 356 7.39 12.02 -14.40
N LEU B 357 6.18 12.56 -14.56
CA LEU B 357 5.12 11.84 -15.29
C LEU B 357 5.63 11.08 -16.51
N PRO B 358 6.33 11.77 -17.41
CA PRO B 358 6.83 11.08 -18.60
C PRO B 358 7.43 9.74 -18.23
N LEU B 359 8.01 9.70 -17.04
CA LEU B 359 8.65 8.50 -16.49
C LEU B 359 7.56 7.51 -16.04
N PHE B 360 6.75 8.00 -15.11
CA PHE B 360 5.65 7.23 -14.60
C PHE B 360 4.99 6.63 -15.80
N LEU B 361 4.75 7.49 -16.78
CA LEU B 361 4.09 7.08 -17.98
C LEU B 361 4.75 5.89 -18.66
N ALA B 362 6.07 5.95 -18.81
CA ALA B 362 6.78 4.89 -19.51
C ALA B 362 6.84 3.63 -18.67
N GLN B 363 6.83 3.81 -17.36
CA GLN B 363 6.85 2.67 -16.48
C GLN B 363 5.43 2.11 -16.54
N LEU B 364 4.47 3.00 -16.35
CA LEU B 364 3.07 2.63 -16.40
C LEU B 364 2.79 1.84 -17.68
N LYS B 365 3.72 1.85 -18.63
CA LYS B 365 3.53 1.15 -19.89
C LYS B 365 4.53 0.06 -20.16
N ASP B 366 5.50 -0.10 -19.26
CA ASP B 366 6.55 -1.10 -19.39
C ASP B 366 5.99 -2.49 -19.71
N GLU B 367 6.83 -3.39 -20.21
CA GLU B 367 6.32 -4.71 -20.54
C GLU B 367 6.36 -5.70 -19.38
N CYS B 368 6.68 -5.20 -18.20
CA CYS B 368 6.78 -6.04 -17.00
C CYS B 368 5.73 -5.73 -15.96
N PRO B 369 4.81 -6.66 -15.74
CA PRO B 369 3.73 -6.51 -14.77
C PRO B 369 4.23 -6.07 -13.41
N GLU B 370 5.37 -6.60 -13.01
CA GLU B 370 5.92 -6.24 -11.72
C GLU B 370 6.05 -4.73 -11.72
N VAL B 371 6.50 -4.19 -12.84
CA VAL B 371 6.69 -2.75 -12.94
C VAL B 371 5.39 -1.97 -13.10
N ARG B 372 4.52 -2.43 -13.99
CA ARG B 372 3.25 -1.76 -14.19
C ARG B 372 2.58 -1.76 -12.83
N LEU B 373 2.65 -2.91 -12.16
CA LEU B 373 2.05 -3.11 -10.87
C LEU B 373 2.57 -2.13 -9.84
N ASN B 374 3.88 -2.00 -9.72
CA ASN B 374 4.47 -1.07 -8.76
C ASN B 374 4.10 0.39 -8.99
N ILE B 375 4.18 0.85 -10.23
CA ILE B 375 3.82 2.23 -10.47
C ILE B 375 2.41 2.47 -10.03
N ILE B 376 1.49 1.58 -10.41
CA ILE B 376 0.08 1.74 -10.07
C ILE B 376 -0.07 1.97 -8.57
N SER B 377 0.73 1.26 -7.80
CA SER B 377 0.66 1.38 -6.36
C SER B 377 0.50 2.79 -5.85
N ASN B 378 1.50 3.63 -6.11
CA ASN B 378 1.42 4.98 -5.60
C ASN B 378 0.80 6.08 -6.47
N LEU B 379 -0.09 5.77 -7.39
CA LEU B 379 -0.72 6.84 -8.15
C LEU B 379 -1.42 7.64 -7.08
N ASP B 380 -1.90 6.90 -6.11
CA ASP B 380 -2.65 7.39 -4.97
C ASP B 380 -2.24 8.76 -4.43
N CYS B 381 -0.96 9.06 -4.59
CA CYS B 381 -0.42 10.28 -4.03
C CYS B 381 0.22 11.35 -4.93
N VAL B 382 0.71 11.03 -6.11
CA VAL B 382 1.27 12.11 -6.95
C VAL B 382 0.04 13.03 -7.17
N ASN B 383 -1.15 12.43 -7.08
CA ASN B 383 -2.41 13.14 -7.22
C ASN B 383 -2.69 13.88 -5.91
N GLU B 384 -1.62 14.27 -5.24
CA GLU B 384 -1.70 15.02 -4.00
C GLU B 384 -0.71 16.11 -4.28
N VAL B 385 0.17 15.81 -5.23
CA VAL B 385 1.21 16.74 -5.66
C VAL B 385 0.68 17.50 -6.86
N ILE B 386 0.48 16.82 -7.98
CA ILE B 386 -0.07 17.52 -9.11
C ILE B 386 -1.55 17.61 -8.77
N GLY B 387 -2.37 18.14 -9.65
CA GLY B 387 -3.77 18.23 -9.28
C GLY B 387 -4.63 17.08 -9.76
N ILE B 388 -5.84 16.97 -9.22
CA ILE B 388 -6.76 15.94 -9.64
C ILE B 388 -7.12 16.28 -11.08
N ARG B 389 -7.01 17.55 -11.42
CA ARG B 389 -7.29 18.02 -12.76
C ARG B 389 -6.14 17.58 -13.64
N GLN B 390 -4.93 17.73 -13.13
CA GLN B 390 -3.74 17.35 -13.89
C GLN B 390 -3.63 15.84 -14.08
N LEU B 391 -3.98 15.10 -13.05
CA LEU B 391 -3.92 13.65 -13.09
C LEU B 391 -4.71 13.06 -14.23
N SER B 392 -5.92 13.58 -14.44
CA SER B 392 -6.82 13.09 -15.47
C SER B 392 -6.46 13.46 -16.89
N GLN B 393 -5.61 14.46 -17.06
CA GLN B 393 -5.23 14.89 -18.40
C GLN B 393 -4.00 14.13 -18.90
N SER B 394 -3.27 13.52 -17.97
CA SER B 394 -2.04 12.80 -18.33
C SER B 394 -1.92 11.35 -17.85
N LEU B 395 -2.57 11.01 -16.74
CA LEU B 395 -2.50 9.67 -16.23
C LEU B 395 -3.75 8.82 -16.46
N LEU B 396 -4.93 9.41 -16.26
CA LEU B 396 -6.20 8.69 -16.44
C LEU B 396 -6.19 7.76 -17.65
N PRO B 397 -5.77 8.28 -18.81
CA PRO B 397 -5.70 7.52 -20.07
C PRO B 397 -5.00 6.17 -19.91
N ALA B 398 -3.81 6.19 -19.33
CA ALA B 398 -3.07 4.96 -19.13
C ALA B 398 -3.85 4.09 -18.15
N ILE B 399 -4.38 4.74 -17.12
CA ILE B 399 -5.15 4.04 -16.12
C ILE B 399 -6.28 3.29 -16.77
N VAL B 400 -7.05 3.96 -17.59
CA VAL B 400 -8.14 3.27 -18.26
C VAL B 400 -7.58 2.19 -19.18
N GLU B 401 -6.40 2.42 -19.73
CA GLU B 401 -5.86 1.43 -20.60
C GLU B 401 -5.41 0.27 -19.73
N LEU B 402 -5.02 0.60 -18.51
CA LEU B 402 -4.56 -0.40 -17.56
C LEU B 402 -5.72 -1.26 -17.06
N ALA B 403 -6.91 -0.71 -17.13
CA ALA B 403 -8.07 -1.42 -16.63
C ALA B 403 -8.34 -2.67 -17.44
N GLU B 404 -7.80 -2.73 -18.65
CA GLU B 404 -8.03 -3.90 -19.50
C GLU B 404 -6.68 -4.45 -19.83
N ASP B 405 -5.77 -4.33 -18.88
CA ASP B 405 -4.42 -4.83 -19.06
C ASP B 405 -4.57 -6.28 -19.45
N ALA B 406 -3.48 -7.00 -19.56
CA ALA B 406 -3.61 -8.38 -19.94
C ALA B 406 -3.47 -9.29 -18.76
N LYS B 407 -2.76 -8.83 -17.74
CA LYS B 407 -2.55 -9.66 -16.57
C LYS B 407 -3.58 -9.36 -15.48
N TRP B 408 -4.32 -10.37 -15.03
CA TRP B 408 -5.35 -10.09 -14.02
C TRP B 408 -4.83 -9.24 -12.88
N ARG B 409 -3.64 -9.55 -12.37
CA ARG B 409 -3.16 -8.76 -11.26
C ARG B 409 -3.08 -7.27 -11.57
N VAL B 410 -2.73 -6.89 -12.79
CA VAL B 410 -2.66 -5.46 -13.10
C VAL B 410 -4.10 -4.99 -13.13
N ARG B 411 -5.00 -5.83 -13.63
CA ARG B 411 -6.39 -5.43 -13.64
C ARG B 411 -6.79 -5.26 -12.18
N LEU B 412 -6.64 -6.32 -11.39
CA LEU B 412 -7.00 -6.22 -9.99
C LEU B 412 -6.56 -4.88 -9.44
N ALA B 413 -5.30 -4.55 -9.66
CA ALA B 413 -4.73 -3.29 -9.19
C ALA B 413 -5.57 -2.06 -9.53
N ILE B 414 -5.84 -1.86 -10.81
CA ILE B 414 -6.64 -0.70 -11.23
C ILE B 414 -7.96 -0.73 -10.50
N ILE B 415 -8.55 -1.91 -10.42
CA ILE B 415 -9.83 -2.12 -9.77
C ILE B 415 -9.80 -1.66 -8.34
N GLU B 416 -8.69 -1.90 -7.65
CA GLU B 416 -8.65 -1.52 -6.27
C GLU B 416 -8.43 -0.04 -6.10
N TYR B 417 -7.91 0.60 -7.13
CA TYR B 417 -7.70 2.04 -7.05
C TYR B 417 -9.00 2.77 -7.35
N MET B 418 -9.87 2.18 -8.16
CA MET B 418 -11.10 2.83 -8.59
C MET B 418 -11.94 3.55 -7.58
N PRO B 419 -12.38 2.87 -6.54
CA PRO B 419 -13.21 3.61 -5.57
C PRO B 419 -12.69 4.96 -5.13
N LEU B 420 -11.40 5.04 -4.82
CA LEU B 420 -10.79 6.30 -4.40
C LEU B 420 -10.78 7.31 -5.56
N LEU B 421 -10.21 6.88 -6.69
CA LEU B 421 -10.09 7.70 -7.89
C LEU B 421 -11.44 8.26 -8.30
N ALA B 422 -12.48 7.45 -8.21
CA ALA B 422 -13.81 7.93 -8.56
C ALA B 422 -14.16 9.03 -7.56
N GLY B 423 -13.98 8.74 -6.28
CA GLY B 423 -14.26 9.73 -5.26
C GLY B 423 -13.59 11.03 -5.66
N GLN B 424 -12.30 10.95 -5.97
CA GLN B 424 -11.52 12.12 -6.36
C GLN B 424 -12.05 12.77 -7.63
N LEU B 425 -12.36 11.98 -8.64
CA LEU B 425 -12.85 12.54 -9.89
C LEU B 425 -14.24 13.09 -9.83
N GLY B 426 -14.99 12.69 -8.81
CA GLY B 426 -16.36 13.15 -8.65
C GLY B 426 -17.31 12.30 -9.48
N VAL B 427 -18.58 12.26 -9.11
CA VAL B 427 -19.57 11.46 -9.83
C VAL B 427 -19.83 11.84 -11.28
N GLU B 428 -20.23 13.08 -11.49
CA GLU B 428 -20.52 13.59 -12.84
C GLU B 428 -19.47 13.19 -13.89
N PHE B 429 -18.22 13.02 -13.47
CA PHE B 429 -17.17 12.61 -14.42
C PHE B 429 -17.26 11.09 -14.51
N PHE B 430 -17.31 10.45 -13.34
CA PHE B 430 -17.36 9.02 -13.25
C PHE B 430 -18.37 8.52 -14.24
N ASP B 431 -19.59 9.03 -14.11
CA ASP B 431 -20.68 8.61 -14.97
C ASP B 431 -20.40 8.64 -16.46
N GLU B 432 -19.47 9.47 -16.91
CA GLU B 432 -19.21 9.47 -18.33
C GLU B 432 -18.42 8.26 -18.78
N LYS B 433 -17.09 8.32 -18.72
CA LYS B 433 -16.30 7.17 -19.18
C LYS B 433 -15.79 6.16 -18.16
N LEU B 434 -16.16 6.32 -16.91
CA LEU B 434 -15.70 5.41 -15.88
C LEU B 434 -16.69 4.29 -15.53
N ASN B 435 -17.97 4.62 -15.52
CA ASN B 435 -19.00 3.64 -15.21
C ASN B 435 -18.84 2.35 -15.99
N SER B 436 -19.05 2.45 -17.30
CA SER B 436 -18.92 1.31 -18.20
C SER B 436 -17.66 0.50 -17.92
N LEU B 437 -16.52 1.17 -17.79
CA LEU B 437 -15.26 0.52 -17.51
C LEU B 437 -15.35 -0.36 -16.26
N CYS B 438 -15.98 0.18 -15.22
CA CYS B 438 -16.15 -0.53 -13.97
C CYS B 438 -17.12 -1.66 -14.09
N MET B 439 -17.95 -1.61 -15.13
CA MET B 439 -18.96 -2.63 -15.31
C MET B 439 -18.48 -3.85 -16.08
N ALA B 440 -17.63 -3.60 -17.07
CA ALA B 440 -17.05 -4.65 -17.91
C ALA B 440 -16.42 -5.73 -17.06
N TRP B 441 -15.58 -5.31 -16.11
CA TRP B 441 -14.89 -6.21 -15.22
C TRP B 441 -15.82 -7.25 -14.65
N LEU B 442 -17.10 -6.96 -14.58
CA LEU B 442 -18.04 -7.93 -14.04
C LEU B 442 -18.12 -9.15 -14.96
N VAL B 443 -17.43 -9.07 -16.10
CA VAL B 443 -17.42 -10.15 -17.07
C VAL B 443 -15.99 -10.63 -17.39
N ASP B 444 -15.03 -10.23 -16.57
CA ASP B 444 -13.67 -10.66 -16.82
C ASP B 444 -13.55 -12.15 -16.70
N HIS B 445 -12.90 -12.75 -17.69
CA HIS B 445 -12.73 -14.19 -17.72
C HIS B 445 -12.24 -14.78 -16.41
N VAL B 446 -11.58 -13.99 -15.57
CA VAL B 446 -11.09 -14.55 -14.32
C VAL B 446 -11.88 -14.20 -13.09
N TYR B 447 -12.35 -15.25 -12.42
CA TYR B 447 -13.12 -15.15 -11.20
C TYR B 447 -12.61 -14.03 -10.31
N ALA B 448 -11.51 -14.27 -9.61
CA ALA B 448 -10.98 -13.26 -8.72
C ALA B 448 -11.31 -11.87 -9.23
N ILE B 449 -10.99 -11.58 -10.49
CA ILE B 449 -11.29 -10.25 -11.00
C ILE B 449 -12.75 -9.89 -10.93
N ARG B 450 -13.63 -10.72 -11.47
CA ARG B 450 -15.06 -10.42 -11.41
C ARG B 450 -15.47 -10.18 -9.96
N GLU B 451 -15.00 -11.06 -9.09
CA GLU B 451 -15.31 -11.00 -7.67
C GLU B 451 -15.00 -9.64 -7.10
N ALA B 452 -13.81 -9.13 -7.32
CA ALA B 452 -13.44 -7.81 -6.79
C ALA B 452 -14.20 -6.73 -7.54
N ALA B 453 -14.65 -7.08 -8.73
CA ALA B 453 -15.38 -6.19 -9.58
C ALA B 453 -16.67 -5.91 -8.85
N THR B 454 -17.38 -6.98 -8.55
CA THR B 454 -18.64 -6.93 -7.83
C THR B 454 -18.47 -6.06 -6.60
N SER B 455 -17.54 -6.45 -5.76
CA SER B 455 -17.27 -5.70 -4.55
C SER B 455 -17.11 -4.19 -4.83
N ASN B 456 -16.35 -3.89 -5.86
CA ASN B 456 -16.14 -2.50 -6.21
C ASN B 456 -17.45 -1.73 -6.24
N LEU B 457 -18.48 -2.34 -6.81
CA LEU B 457 -19.78 -1.71 -6.88
C LEU B 457 -20.14 -1.25 -5.48
N LYS B 458 -20.27 -2.20 -4.54
CA LYS B 458 -20.59 -1.83 -3.18
C LYS B 458 -19.80 -0.60 -2.80
N LYS B 459 -18.49 -0.68 -2.98
CA LYS B 459 -17.63 0.44 -2.66
C LYS B 459 -18.15 1.67 -3.38
N LEU B 460 -18.29 1.56 -4.70
CA LEU B 460 -18.76 2.68 -5.49
C LEU B 460 -20.03 3.28 -4.92
N VAL B 461 -20.94 2.44 -4.45
CA VAL B 461 -22.17 2.94 -3.86
C VAL B 461 -21.84 3.74 -2.61
N GLU B 462 -21.17 3.10 -1.66
CA GLU B 462 -20.80 3.73 -0.42
C GLU B 462 -20.32 5.16 -0.64
N LYS B 463 -19.58 5.36 -1.73
CA LYS B 463 -19.06 6.68 -1.98
C LYS B 463 -19.99 7.57 -2.82
N PHE B 464 -20.81 6.99 -3.67
CA PHE B 464 -21.66 7.84 -4.48
C PHE B 464 -23.12 8.00 -4.03
N GLY B 465 -23.70 6.97 -3.40
CA GLY B 465 -25.08 7.06 -2.93
C GLY B 465 -26.14 6.26 -3.65
N LYS B 466 -26.85 5.38 -2.93
CA LYS B 466 -27.90 4.51 -3.48
C LYS B 466 -28.89 5.12 -4.47
N GLU B 467 -29.05 6.43 -4.46
CA GLU B 467 -29.93 7.06 -5.44
C GLU B 467 -29.20 6.78 -6.75
N TRP B 468 -27.93 7.18 -6.78
CA TRP B 468 -27.05 6.98 -7.93
C TRP B 468 -27.00 5.50 -8.32
N ALA B 469 -27.00 4.64 -7.31
CA ALA B 469 -26.99 3.21 -7.57
C ALA B 469 -28.26 2.86 -8.34
N HIS B 470 -29.35 3.49 -7.94
CA HIS B 470 -30.65 3.26 -8.53
C HIS B 470 -30.78 3.67 -10.00
N ALA B 471 -30.14 4.75 -10.38
CA ALA B 471 -30.27 5.21 -11.73
C ALA B 471 -29.14 4.86 -12.67
N THR B 472 -28.15 4.12 -12.19
CA THR B 472 -26.99 3.79 -13.02
C THR B 472 -26.50 2.33 -12.95
N ILE B 473 -26.19 1.87 -11.75
CA ILE B 473 -25.70 0.51 -11.54
C ILE B 473 -26.87 -0.46 -11.59
N ILE B 474 -27.66 -0.47 -10.51
CA ILE B 474 -28.84 -1.32 -10.39
C ILE B 474 -29.42 -1.80 -11.71
N PRO B 475 -29.66 -0.88 -12.67
CA PRO B 475 -30.20 -1.24 -13.97
C PRO B 475 -29.28 -2.18 -14.74
N LYS B 476 -28.12 -1.66 -15.15
CA LYS B 476 -27.15 -2.46 -15.90
C LYS B 476 -26.89 -3.82 -15.28
N VAL B 477 -27.08 -3.93 -13.97
CA VAL B 477 -26.85 -5.20 -13.30
C VAL B 477 -27.88 -6.26 -13.63
N LEU B 478 -29.13 -5.86 -13.52
CA LEU B 478 -30.22 -6.78 -13.77
C LEU B 478 -30.27 -7.20 -15.23
N ALA B 479 -29.90 -6.29 -16.12
CA ALA B 479 -29.91 -6.60 -17.55
C ALA B 479 -29.01 -7.81 -17.82
N MET B 480 -28.10 -8.01 -16.89
CA MET B 480 -27.14 -9.07 -16.98
C MET B 480 -27.79 -10.42 -16.71
N SER B 481 -28.85 -10.42 -15.92
CA SER B 481 -29.51 -11.69 -15.59
C SER B 481 -30.17 -12.34 -16.78
N GLY B 482 -29.94 -11.78 -17.97
CA GLY B 482 -30.51 -12.34 -19.18
C GLY B 482 -29.45 -12.78 -20.17
N ASP B 483 -28.18 -12.68 -19.77
CA ASP B 483 -27.08 -13.08 -20.63
C ASP B 483 -27.24 -14.58 -20.87
N PRO B 484 -26.80 -15.07 -22.04
CA PRO B 484 -26.93 -16.50 -22.33
C PRO B 484 -25.91 -17.42 -21.66
N ASN B 485 -24.85 -16.83 -21.10
CA ASN B 485 -23.81 -17.59 -20.43
C ASN B 485 -24.18 -17.63 -18.97
N TYR B 486 -24.73 -18.76 -18.52
CA TYR B 486 -25.16 -18.88 -17.12
C TYR B 486 -24.23 -18.18 -16.14
N LEU B 487 -22.92 -18.28 -16.40
CA LEU B 487 -21.92 -17.65 -15.56
C LEU B 487 -22.21 -16.18 -15.28
N HIS B 488 -22.61 -15.43 -16.29
CA HIS B 488 -22.89 -14.02 -16.05
C HIS B 488 -24.15 -13.84 -15.25
N ARG B 489 -25.13 -14.69 -15.49
CA ARG B 489 -26.36 -14.58 -14.76
C ARG B 489 -26.05 -14.77 -13.30
N MET B 490 -25.14 -15.69 -13.01
CA MET B 490 -24.77 -15.88 -11.63
C MET B 490 -24.22 -14.57 -11.06
N THR B 491 -23.28 -13.98 -11.78
CA THR B 491 -22.69 -12.76 -11.31
C THR B 491 -23.80 -11.75 -10.96
N THR B 492 -24.91 -11.81 -11.70
CA THR B 492 -26.03 -10.90 -11.46
C THR B 492 -26.59 -11.06 -10.06
N LEU B 493 -26.77 -12.30 -9.65
CA LEU B 493 -27.27 -12.57 -8.31
C LEU B 493 -26.17 -12.07 -7.38
N PHE B 494 -24.94 -12.50 -7.63
CA PHE B 494 -23.85 -12.06 -6.78
C PHE B 494 -23.78 -10.56 -6.63
N CYS B 495 -24.17 -9.82 -7.66
CA CYS B 495 -24.15 -8.39 -7.52
C CYS B 495 -25.22 -8.00 -6.51
N ILE B 496 -26.46 -8.36 -6.81
CA ILE B 496 -27.58 -8.09 -5.94
C ILE B 496 -27.22 -8.45 -4.52
N ASN B 497 -26.74 -9.68 -4.32
CA ASN B 497 -26.33 -10.15 -2.99
C ASN B 497 -25.58 -9.09 -2.21
N VAL B 498 -24.79 -8.29 -2.90
CA VAL B 498 -24.03 -7.25 -2.25
C VAL B 498 -24.69 -5.88 -2.30
N LEU B 499 -25.20 -5.48 -3.45
CA LEU B 499 -25.89 -4.20 -3.57
C LEU B 499 -26.97 -4.07 -2.48
N SER B 500 -27.69 -5.15 -2.23
CA SER B 500 -28.72 -5.14 -1.20
C SER B 500 -28.16 -4.55 0.07
N GLU B 501 -27.11 -5.19 0.57
CA GLU B 501 -26.42 -4.77 1.79
C GLU B 501 -26.35 -3.25 2.02
N VAL B 502 -26.53 -2.45 0.99
CA VAL B 502 -26.45 -1.01 1.18
C VAL B 502 -27.45 -0.17 0.39
N CYS B 503 -28.32 -0.81 -0.37
CA CYS B 503 -29.31 -0.08 -1.16
C CYS B 503 -30.60 0.22 -0.41
N GLY B 504 -30.81 -0.52 0.68
CA GLY B 504 -32.01 -0.31 1.47
C GLY B 504 -33.27 -0.93 0.92
N GLN B 505 -34.07 -1.52 1.83
CA GLN B 505 -35.33 -2.19 1.50
C GLN B 505 -36.08 -1.70 0.26
N ASP B 506 -36.59 -0.47 0.32
CA ASP B 506 -37.33 0.07 -0.82
C ASP B 506 -36.67 -0.27 -2.15
N ILE B 507 -35.40 0.09 -2.31
CA ILE B 507 -34.65 -0.16 -3.54
C ILE B 507 -34.48 -1.64 -3.88
N THR B 508 -34.21 -2.44 -2.85
CA THR B 508 -33.99 -3.87 -3.00
C THR B 508 -35.26 -4.61 -3.35
N THR B 509 -36.36 -4.21 -2.74
CA THR B 509 -37.63 -4.88 -2.99
C THR B 509 -38.27 -4.54 -4.33
N LYS B 510 -38.16 -3.30 -4.78
CA LYS B 510 -38.76 -2.94 -6.07
C LYS B 510 -37.83 -3.19 -7.26
N HIS B 511 -36.60 -3.62 -7.02
CA HIS B 511 -35.71 -3.83 -8.15
C HIS B 511 -34.82 -5.06 -8.16
N MET B 512 -34.55 -5.63 -7.01
CA MET B 512 -33.67 -6.79 -7.00
C MET B 512 -34.41 -8.09 -6.68
N LEU B 513 -35.26 -8.06 -5.66
CA LEU B 513 -36.05 -9.23 -5.28
C LEU B 513 -36.69 -9.82 -6.53
N PRO B 514 -37.41 -8.99 -7.30
CA PRO B 514 -38.07 -9.49 -8.52
C PRO B 514 -37.10 -10.33 -9.31
N THR B 515 -36.06 -9.68 -9.83
CA THR B 515 -35.03 -10.32 -10.64
C THR B 515 -34.48 -11.60 -10.01
N VAL B 516 -34.27 -11.58 -8.70
CA VAL B 516 -33.75 -12.77 -8.04
C VAL B 516 -34.77 -13.91 -8.07
N LEU B 517 -36.04 -13.57 -7.89
CA LEU B 517 -37.10 -14.58 -7.90
C LEU B 517 -37.29 -15.18 -9.28
N ARG B 518 -37.44 -14.30 -10.26
CA ARG B 518 -37.63 -14.75 -11.62
C ARG B 518 -36.59 -15.77 -12.02
N MET B 519 -35.35 -15.61 -11.54
CA MET B 519 -34.28 -16.53 -11.91
C MET B 519 -34.37 -17.88 -11.29
N ALA B 520 -35.27 -18.05 -10.33
CA ALA B 520 -35.43 -19.32 -9.64
C ALA B 520 -35.73 -20.46 -10.60
N GLY B 521 -36.17 -20.10 -11.82
CA GLY B 521 -36.51 -21.11 -12.81
C GLY B 521 -35.48 -21.30 -13.91
N ASP B 522 -34.31 -20.71 -13.73
CA ASP B 522 -33.24 -20.80 -14.72
C ASP B 522 -32.92 -22.26 -15.04
N PRO B 523 -32.72 -22.57 -16.33
CA PRO B 523 -32.39 -23.90 -16.82
C PRO B 523 -31.17 -24.52 -16.18
N VAL B 524 -30.18 -23.66 -15.89
CA VAL B 524 -28.94 -24.11 -15.28
C VAL B 524 -29.05 -24.21 -13.77
N ALA B 525 -28.66 -25.36 -13.24
CA ALA B 525 -28.72 -25.55 -11.79
C ALA B 525 -27.93 -24.46 -11.06
N ASN B 526 -26.62 -24.44 -11.30
CA ASN B 526 -25.73 -23.46 -10.68
C ASN B 526 -26.41 -22.11 -10.42
N VAL B 527 -27.32 -21.72 -11.32
CA VAL B 527 -28.03 -20.46 -11.17
C VAL B 527 -29.03 -20.61 -10.02
N ARG B 528 -29.87 -21.63 -10.10
CA ARG B 528 -30.89 -21.85 -9.08
C ARG B 528 -30.35 -22.14 -7.68
N PHE B 529 -29.47 -23.11 -7.58
CA PHE B 529 -28.96 -23.40 -6.27
C PHE B 529 -28.37 -22.10 -5.73
N ASN B 530 -27.92 -21.23 -6.62
CA ASN B 530 -27.34 -19.95 -6.23
C ASN B 530 -28.39 -18.86 -5.93
N VAL B 531 -29.54 -18.95 -6.60
CA VAL B 531 -30.58 -17.95 -6.37
C VAL B 531 -31.12 -18.11 -4.97
N ALA B 532 -31.11 -19.34 -4.48
CA ALA B 532 -31.62 -19.59 -3.15
C ALA B 532 -30.70 -18.87 -2.18
N LYS B 533 -29.44 -19.27 -2.21
CA LYS B 533 -28.44 -18.70 -1.34
C LYS B 533 -28.60 -17.19 -1.27
N SER B 534 -29.07 -16.61 -2.37
CA SER B 534 -29.24 -15.17 -2.48
C SER B 534 -30.43 -14.63 -1.69
N LEU B 535 -31.54 -15.38 -1.72
CA LEU B 535 -32.74 -14.98 -0.99
C LEU B 535 -32.35 -15.05 0.47
N GLN B 536 -31.51 -16.03 0.78
CA GLN B 536 -31.07 -16.13 2.15
C GLN B 536 -30.43 -14.78 2.45
N LYS B 537 -29.36 -14.49 1.72
CA LYS B 537 -28.64 -13.24 1.88
C LYS B 537 -29.52 -11.99 1.98
N ILE B 538 -30.28 -11.68 0.93
CA ILE B 538 -31.11 -10.47 1.00
C ILE B 538 -32.38 -10.69 1.78
N GLY B 539 -32.53 -11.87 2.38
CA GLY B 539 -33.72 -12.14 3.16
C GLY B 539 -33.93 -11.04 4.18
N PRO B 540 -33.16 -11.06 5.28
CA PRO B 540 -33.25 -10.07 6.34
C PRO B 540 -33.64 -8.66 5.92
N ILE B 541 -32.91 -8.08 4.99
CA ILE B 541 -33.22 -6.71 4.55
C ILE B 541 -34.69 -6.45 4.27
N LEU B 542 -35.39 -7.44 3.73
CA LEU B 542 -36.81 -7.30 3.41
C LEU B 542 -37.65 -7.28 4.69
N ASP B 543 -38.92 -6.91 4.56
CA ASP B 543 -39.85 -6.88 5.70
C ASP B 543 -40.66 -8.17 5.77
N ASN B 544 -40.94 -8.63 6.99
CA ASN B 544 -41.69 -9.89 7.19
C ASN B 544 -42.95 -9.95 6.34
N SER B 545 -43.33 -8.83 5.75
CA SER B 545 -44.52 -8.75 4.92
C SER B 545 -44.26 -9.26 3.50
N THR B 546 -43.27 -8.70 2.83
CA THR B 546 -42.95 -9.12 1.47
C THR B 546 -42.24 -10.46 1.43
N LEU B 547 -41.56 -10.82 2.51
CA LEU B 547 -40.85 -12.10 2.55
C LEU B 547 -41.80 -13.29 2.49
N GLN B 548 -42.94 -13.21 3.16
CA GLN B 548 -43.89 -14.32 3.13
C GLN B 548 -44.86 -14.16 1.97
N SER B 549 -44.83 -12.98 1.36
CA SER B 549 -45.70 -12.67 0.23
C SER B 549 -45.20 -13.26 -1.08
N GLU B 550 -43.95 -12.93 -1.42
CA GLU B 550 -43.33 -13.41 -2.67
C GLU B 550 -42.14 -14.35 -2.52
N VAL B 551 -41.39 -14.23 -1.43
CA VAL B 551 -40.22 -15.09 -1.22
C VAL B 551 -40.59 -16.49 -0.77
N LYS B 552 -40.91 -16.62 0.51
CA LYS B 552 -41.29 -17.89 1.12
C LYS B 552 -41.93 -18.85 0.12
N PRO B 553 -43.01 -18.42 -0.55
CA PRO B 553 -43.69 -19.27 -1.53
C PRO B 553 -42.76 -19.83 -2.61
N ILE B 554 -42.27 -18.93 -3.46
CA ILE B 554 -41.37 -19.30 -4.57
C ILE B 554 -39.99 -19.71 -4.09
N LEU B 555 -39.90 -20.10 -2.82
CA LEU B 555 -38.66 -20.55 -2.23
C LEU B 555 -38.96 -21.98 -1.85
N GLU B 556 -40.22 -22.21 -1.48
CA GLU B 556 -40.68 -23.53 -1.11
C GLU B 556 -40.62 -24.37 -2.37
N LYS B 557 -41.29 -23.87 -3.41
CA LYS B 557 -41.33 -24.56 -4.70
C LYS B 557 -39.94 -25.02 -5.10
N LEU B 558 -38.93 -24.43 -4.50
CA LEU B 558 -37.57 -24.82 -4.83
C LEU B 558 -37.16 -26.06 -4.06
N THR B 559 -37.68 -26.23 -2.85
CA THR B 559 -37.31 -27.39 -2.05
C THR B 559 -37.54 -28.69 -2.79
N GLN B 560 -38.30 -28.64 -3.87
CA GLN B 560 -38.59 -29.83 -4.65
C GLN B 560 -37.76 -30.00 -5.92
N ASP B 561 -36.89 -29.05 -6.21
CA ASP B 561 -36.05 -29.14 -7.43
C ASP B 561 -35.22 -30.42 -7.37
N GLN B 562 -34.99 -31.01 -8.54
CA GLN B 562 -34.21 -32.23 -8.63
C GLN B 562 -32.83 -32.03 -8.02
N ASP B 563 -31.91 -31.44 -8.80
CA ASP B 563 -30.54 -31.19 -8.36
C ASP B 563 -30.41 -31.00 -6.87
N VAL B 564 -29.80 -31.98 -6.21
CA VAL B 564 -29.62 -31.94 -4.77
C VAL B 564 -29.05 -30.62 -4.30
N ASP B 565 -27.98 -30.15 -4.94
CA ASP B 565 -27.37 -28.88 -4.56
C ASP B 565 -28.42 -27.78 -4.37
N VAL B 566 -29.40 -27.74 -5.27
CA VAL B 566 -30.45 -26.75 -5.16
C VAL B 566 -31.17 -26.97 -3.83
N LYS B 567 -31.78 -28.14 -3.66
CA LYS B 567 -32.48 -28.44 -2.43
C LYS B 567 -31.63 -28.06 -1.23
N TYR B 568 -30.43 -28.66 -1.15
CA TYR B 568 -29.49 -28.40 -0.07
C TYR B 568 -29.70 -26.98 0.44
N PHE B 569 -29.29 -26.01 -0.36
CA PHE B 569 -29.42 -24.61 -0.01
C PHE B 569 -30.86 -24.16 0.02
N ALA B 570 -31.64 -24.66 -0.93
CA ALA B 570 -33.04 -24.32 -1.06
C ALA B 570 -33.75 -24.21 0.27
N GLN B 571 -33.61 -25.23 1.11
CA GLN B 571 -34.27 -25.24 2.40
C GLN B 571 -33.43 -24.54 3.48
N GLU B 572 -32.11 -24.62 3.33
CA GLU B 572 -31.21 -23.99 4.29
C GLU B 572 -31.53 -22.53 4.51
N ALA B 573 -32.22 -21.93 3.54
CA ALA B 573 -32.59 -20.52 3.61
C ALA B 573 -33.83 -20.29 4.46
N LEU B 574 -34.71 -21.29 4.46
CA LEU B 574 -35.94 -21.25 5.25
C LEU B 574 -35.55 -21.42 6.71
N THR B 575 -34.67 -22.38 6.95
CA THR B 575 -34.17 -22.67 8.28
C THR B 575 -33.68 -21.40 9.00
N VAL B 576 -33.39 -20.36 8.24
CA VAL B 576 -32.90 -19.11 8.81
C VAL B 576 -33.96 -18.05 8.99
N LEU B 577 -34.87 -17.97 8.03
CA LEU B 577 -35.94 -16.99 8.04
C LEU B 577 -37.17 -17.57 8.75
N SER B 578 -36.96 -18.67 9.48
CA SER B 578 -38.03 -19.35 10.20
C SER B 578 -39.26 -19.64 9.33
N LEU B 579 -39.26 -20.82 8.70
CA LEU B 579 -40.35 -21.24 7.83
C LEU B 579 -40.40 -22.77 7.70
N GLY C 5 -41.51 7.15 11.49
CA GLY C 5 -40.73 6.63 10.32
C GLY C 5 -41.20 7.25 9.00
N VAL C 6 -41.11 6.48 7.91
CA VAL C 6 -41.52 6.94 6.58
C VAL C 6 -42.87 6.39 6.05
N ASP C 7 -43.97 7.06 6.40
CA ASP C 7 -45.31 6.65 5.96
C ASP C 7 -45.42 6.71 4.46
N ALA C 8 -46.29 5.88 3.92
CA ALA C 8 -46.50 5.89 2.48
C ALA C 8 -47.37 7.12 2.23
N MET C 9 -47.51 7.93 3.28
CA MET C 9 -48.28 9.16 3.18
C MET C 9 -47.34 10.28 2.76
N TYR C 10 -46.23 10.42 3.48
CA TYR C 10 -45.24 11.44 3.16
C TYR C 10 -44.56 11.13 1.84
N CYS C 11 -44.27 9.86 1.62
CA CYS C 11 -43.56 9.46 0.43
C CYS C 11 -43.69 7.96 0.20
N LYS C 12 -44.24 7.58 -0.96
CA LYS C 12 -44.37 6.16 -1.26
C LYS C 12 -43.21 5.79 -2.17
N GLN C 13 -42.46 4.74 -1.83
CA GLN C 13 -41.32 4.36 -2.66
C GLN C 13 -40.36 5.54 -2.78
N TRP C 14 -39.28 5.49 -1.98
CA TRP C 14 -38.29 6.56 -1.93
C TRP C 14 -37.58 7.00 -3.22
N PRO C 15 -36.45 6.39 -3.56
CA PRO C 15 -35.77 6.83 -4.78
C PRO C 15 -36.71 7.52 -5.80
N GLU C 16 -37.79 6.85 -6.18
CA GLU C 16 -38.77 7.32 -7.18
C GLU C 16 -39.54 8.62 -6.97
N CYS C 17 -40.60 8.57 -6.17
CA CYS C 17 -41.42 9.75 -5.89
C CYS C 17 -40.58 11.03 -5.86
N ALA C 18 -39.40 10.97 -5.26
CA ALA C 18 -38.53 12.11 -5.14
C ALA C 18 -38.20 12.70 -6.49
N LYS C 19 -38.38 11.90 -7.53
CA LYS C 19 -38.10 12.35 -8.89
C LYS C 19 -39.14 11.89 -9.91
N LYS C 20 -40.40 12.20 -9.65
CA LYS C 20 -41.52 11.83 -10.54
C LYS C 20 -41.43 10.47 -11.21
N MET C 21 -41.02 9.45 -10.47
CA MET C 21 -40.93 8.13 -11.07
C MET C 21 -42.22 7.32 -10.87
N SER C 22 -42.85 7.47 -9.70
CA SER C 22 -44.11 6.78 -9.40
C SER C 22 -45.23 7.56 -10.08
N ALA C 23 -46.15 6.82 -10.68
CA ALA C 23 -47.25 7.41 -11.42
C ALA C 23 -48.51 7.62 -10.60
N ASN C 24 -49.21 8.72 -10.88
CA ASN C 24 -50.44 9.10 -10.19
C ASN C 24 -50.34 8.76 -8.71
N CYS C 25 -49.26 9.22 -8.09
CA CYS C 25 -49.03 8.98 -6.67
C CYS C 25 -49.93 9.90 -5.85
N ILE C 26 -49.96 9.70 -4.54
CA ILE C 26 -50.81 10.50 -3.69
C ILE C 26 -50.15 10.70 -2.34
N CYS C 27 -48.84 10.91 -2.39
CA CYS C 27 -48.04 11.14 -1.18
C CYS C 27 -47.85 12.67 -1.12
N LEU C 28 -47.59 13.22 0.05
CA LEU C 28 -47.41 14.65 0.07
C LEU C 28 -46.27 15.02 -0.86
N LEU C 29 -45.12 14.40 -0.65
CA LEU C 29 -43.98 14.69 -1.49
C LEU C 29 -44.43 14.87 -2.93
N CYS C 30 -45.06 13.83 -3.47
CA CYS C 30 -45.52 13.94 -4.85
C CYS C 30 -46.48 15.12 -5.01
N LEU C 31 -47.56 15.11 -4.23
CA LEU C 31 -48.62 16.14 -4.28
C LEU C 31 -48.14 17.56 -4.05
N LEU C 32 -47.33 17.75 -3.02
CA LEU C 32 -46.77 19.05 -2.71
C LEU C 32 -45.95 19.61 -3.88
N ARG C 33 -45.34 18.73 -4.67
CA ARG C 33 -44.56 19.23 -5.79
C ARG C 33 -45.51 19.82 -6.76
N MET C 34 -46.60 19.11 -6.95
CA MET C 34 -47.59 19.55 -7.89
C MET C 34 -48.04 20.95 -7.51
N LYS C 35 -48.27 21.17 -6.22
CA LYS C 35 -48.69 22.49 -5.82
C LYS C 35 -47.63 23.39 -6.40
N HIS C 36 -46.38 23.04 -6.11
CA HIS C 36 -45.27 23.83 -6.58
C HIS C 36 -45.37 24.15 -8.06
N GLU C 37 -45.40 23.13 -8.90
CA GLU C 37 -45.50 23.37 -10.32
C GLU C 37 -46.67 24.31 -10.61
N ASN C 38 -47.87 23.80 -10.36
CA ASN C 38 -49.11 24.53 -10.53
C ASN C 38 -48.86 25.99 -10.07
N ARG C 39 -48.63 26.14 -8.79
CA ARG C 39 -48.40 27.44 -8.19
C ARG C 39 -47.39 28.31 -8.94
N LYS C 40 -46.54 27.68 -9.73
CA LYS C 40 -45.49 28.42 -10.42
C LYS C 40 -45.89 28.92 -11.79
N LEU C 41 -47.11 28.62 -12.21
CA LEU C 41 -47.61 29.07 -13.51
C LEU C 41 -48.06 30.52 -13.43
N TYR C 42 -48.97 30.79 -12.50
CA TYR C 42 -49.51 32.13 -12.30
C TYR C 42 -48.41 33.09 -11.82
N ARG C 43 -47.36 32.53 -11.23
CA ARG C 43 -46.24 33.33 -10.74
C ARG C 43 -44.98 33.10 -11.57
N LYS C 44 -44.08 34.08 -11.60
CA LYS C 44 -42.84 33.94 -12.36
C LYS C 44 -41.67 33.81 -11.38
N ASP C 45 -41.78 34.51 -10.25
CA ASP C 45 -40.79 34.52 -9.17
C ASP C 45 -40.38 33.11 -8.70
N PRO C 46 -39.12 32.95 -8.28
CA PRO C 46 -38.69 31.63 -7.81
C PRO C 46 -39.26 31.31 -6.41
N LEU C 47 -39.83 30.12 -6.27
CA LEU C 47 -40.40 29.66 -5.01
C LEU C 47 -39.33 29.36 -3.97
N VAL C 48 -39.68 29.52 -2.70
CA VAL C 48 -38.70 29.29 -1.63
C VAL C 48 -39.26 28.64 -0.37
N TRP C 49 -38.49 27.74 0.24
CA TRP C 49 -38.93 27.03 1.45
C TRP C 49 -39.97 27.69 2.34
N VAL C 50 -39.93 29.00 2.48
CA VAL C 50 -40.96 29.62 3.32
C VAL C 50 -42.32 29.33 2.67
N ASP C 51 -42.54 29.96 1.51
CA ASP C 51 -43.76 29.87 0.73
C ASP C 51 -44.10 28.49 0.18
N CYS C 52 -43.13 27.59 0.13
CA CYS C 52 -43.42 26.27 -0.38
C CYS C 52 -42.94 25.19 0.59
N TYR C 53 -43.68 24.09 0.68
CA TYR C 53 -43.27 23.02 1.57
C TYR C 53 -42.89 21.78 0.77
N CYS C 54 -42.69 21.95 -0.54
CA CYS C 54 -42.31 20.84 -1.43
C CYS C 54 -40.91 20.31 -1.07
N PHE C 55 -40.70 19.01 -1.27
CA PHE C 55 -39.42 18.41 -0.93
C PHE C 55 -38.18 19.07 -1.48
N ASP C 56 -38.29 19.64 -2.68
CA ASP C 56 -37.14 20.28 -3.31
C ASP C 56 -36.85 21.68 -2.76
N CYS C 57 -37.89 22.46 -2.52
CA CYS C 57 -37.69 23.80 -1.99
C CYS C 57 -36.97 23.63 -0.66
N PHE C 58 -37.32 22.54 0.03
CA PHE C 58 -36.77 22.18 1.34
C PHE C 58 -35.31 21.99 1.23
N ARG C 59 -34.95 20.98 0.43
CA ARG C 59 -33.56 20.64 0.18
C ARG C 59 -32.73 21.88 -0.15
N MET C 60 -33.22 22.69 -1.08
CA MET C 60 -32.48 23.84 -1.46
C MET C 60 -32.32 24.86 -0.36
N TRP C 61 -33.31 24.95 0.51
CA TRP C 61 -33.22 25.92 1.58
C TRP C 61 -32.13 25.57 2.58
N PHE C 62 -31.87 24.28 2.73
CA PHE C 62 -30.85 23.86 3.65
C PHE C 62 -29.73 23.20 2.90
N GLY C 63 -29.75 23.33 1.59
CA GLY C 63 -28.69 22.74 0.80
C GLY C 63 -28.34 21.34 1.27
N LEU C 64 -29.33 20.44 1.19
CA LEU C 64 -29.18 19.05 1.56
C LEU C 64 -29.33 18.25 0.28
N ASP C 65 -28.62 17.14 0.19
CA ASP C 65 -28.69 16.32 -1.01
C ASP C 65 -29.88 15.40 -1.01
N LEU C 66 -30.12 14.80 -2.15
CA LEU C 66 -31.23 13.90 -2.30
C LEU C 66 -30.87 12.57 -1.71
N CYS C 67 -31.31 12.33 -0.48
CA CYS C 67 -31.08 11.06 0.19
C CYS C 67 -32.07 10.87 1.32
N GLU C 68 -32.23 9.63 1.78
CA GLU C 68 -33.17 9.34 2.85
C GLU C 68 -32.88 10.17 4.07
N GLY C 69 -31.63 10.57 4.25
CA GLY C 69 -31.34 11.38 5.42
C GLY C 69 -32.23 12.61 5.38
N THR C 70 -32.15 13.29 4.23
CA THR C 70 -32.90 14.51 3.97
C THR C 70 -34.40 14.28 3.90
N LEU C 71 -34.80 13.08 3.51
CA LEU C 71 -36.22 12.76 3.41
C LEU C 71 -36.85 12.74 4.80
N LEU C 72 -36.09 12.18 5.75
CA LEU C 72 -36.53 12.08 7.15
C LEU C 72 -36.71 13.48 7.71
N LEU C 73 -35.69 14.32 7.58
CA LEU C 73 -35.79 15.68 8.06
C LEU C 73 -37.02 16.37 7.53
N TRP C 74 -37.16 16.39 6.22
CA TRP C 74 -38.31 17.00 5.57
C TRP C 74 -39.59 16.52 6.24
N CYS C 75 -39.66 15.22 6.51
CA CYS C 75 -40.85 14.72 7.15
C CYS C 75 -41.05 15.31 8.54
N ASP C 76 -40.03 15.28 9.38
CA ASP C 76 -40.19 15.85 10.71
C ASP C 76 -40.80 17.25 10.64
N ILE C 77 -40.37 18.04 9.66
CA ILE C 77 -40.86 19.40 9.50
C ILE C 77 -42.29 19.44 8.97
N ILE C 78 -42.59 18.59 7.98
CA ILE C 78 -43.94 18.57 7.46
C ILE C 78 -44.88 18.06 8.56
N GLY C 79 -44.31 17.29 9.48
CA GLY C 79 -45.08 16.76 10.60
C GLY C 79 -45.37 17.81 11.69
N GLN C 80 -44.31 18.44 12.18
CA GLN C 80 -44.46 19.48 13.19
C GLN C 80 -45.44 20.51 12.65
N THR C 81 -45.39 20.74 11.36
CA THR C 81 -46.27 21.72 10.75
C THR C 81 -47.71 21.29 10.60
N THR C 82 -47.94 20.03 10.21
CA THR C 82 -49.32 19.56 10.07
C THR C 82 -49.97 19.42 11.43
N TYR C 83 -49.16 19.35 12.49
CA TYR C 83 -49.70 19.21 13.84
C TYR C 83 -49.52 20.48 14.67
N ARG C 84 -50.33 21.49 14.32
CA ARG C 84 -50.33 22.81 14.93
C ARG C 84 -48.98 23.46 14.73
N GLY D 5 37.06 -26.70 -17.81
CA GLY D 5 35.68 -26.78 -17.30
C GLY D 5 35.49 -27.69 -16.10
N VAL D 6 34.24 -28.10 -15.87
CA VAL D 6 33.85 -28.97 -14.77
C VAL D 6 33.92 -30.46 -15.14
N ASP D 7 35.08 -31.09 -14.92
CA ASP D 7 35.23 -32.52 -15.22
C ASP D 7 34.33 -33.32 -14.33
N ALA D 8 33.78 -34.40 -14.89
CA ALA D 8 32.92 -35.22 -14.07
C ALA D 8 33.84 -35.85 -13.05
N MET D 9 35.13 -35.49 -13.13
CA MET D 9 36.13 -36.00 -12.21
C MET D 9 36.12 -35.19 -10.90
N TYR D 10 36.13 -33.87 -11.01
CA TYR D 10 36.10 -33.02 -9.82
C TYR D 10 34.75 -33.20 -9.15
N CYS D 11 33.72 -33.30 -9.99
CA CYS D 11 32.35 -33.46 -9.54
C CYS D 11 31.52 -33.98 -10.71
N LYS D 12 30.67 -34.99 -10.47
CA LYS D 12 29.81 -35.53 -11.52
C LYS D 12 28.39 -35.17 -11.10
N GLN D 13 27.65 -34.44 -11.95
CA GLN D 13 26.30 -34.01 -11.59
C GLN D 13 26.40 -33.02 -10.41
N TRP D 14 26.37 -31.73 -10.72
CA TRP D 14 26.52 -30.67 -9.70
C TRP D 14 25.62 -30.65 -8.46
N PRO D 15 24.46 -29.98 -8.55
CA PRO D 15 23.59 -29.93 -7.37
C PRO D 15 23.74 -31.09 -6.39
N GLU D 16 23.73 -32.32 -6.93
CA GLU D 16 23.81 -33.55 -6.15
C GLU D 16 25.05 -33.84 -5.32
N CYS D 17 26.11 -34.25 -6.02
CA CYS D 17 27.39 -34.59 -5.40
C CYS D 17 27.72 -33.68 -4.22
N ALA D 18 27.42 -32.40 -4.37
CA ALA D 18 27.67 -31.40 -3.34
C ALA D 18 26.94 -31.70 -2.02
N LYS D 19 25.92 -32.53 -2.09
CA LYS D 19 25.19 -32.85 -0.88
C LYS D 19 24.90 -34.34 -0.73
N LYS D 20 25.88 -35.17 -1.10
CA LYS D 20 25.78 -36.63 -1.00
C LYS D 20 24.58 -37.21 -1.72
N MET D 21 24.15 -36.56 -2.80
CA MET D 21 23.00 -37.09 -3.51
C MET D 21 23.37 -38.21 -4.49
N SER D 22 24.57 -38.17 -5.06
CA SER D 22 25.00 -39.21 -5.98
C SER D 22 25.33 -40.45 -5.16
N ALA D 23 25.04 -41.63 -5.70
CA ALA D 23 25.31 -42.88 -4.99
C ALA D 23 26.62 -43.49 -5.42
N ASN D 24 27.42 -43.88 -4.43
CA ASN D 24 28.74 -44.48 -4.67
C ASN D 24 29.43 -43.80 -5.84
N CYS D 25 29.77 -42.53 -5.60
CA CYS D 25 30.42 -41.69 -6.59
C CYS D 25 31.94 -41.84 -6.56
N ILE D 26 32.59 -41.30 -7.59
CA ILE D 26 34.03 -41.38 -7.66
C ILE D 26 34.62 -40.09 -8.22
N CYS D 27 34.17 -38.98 -7.65
CA CYS D 27 34.63 -37.64 -8.06
C CYS D 27 35.34 -37.09 -6.84
N LEU D 28 36.25 -36.15 -7.06
CA LEU D 28 37.00 -35.61 -5.94
C LEU D 28 36.06 -35.03 -4.89
N LEU D 29 35.13 -34.21 -5.33
CA LEU D 29 34.17 -33.60 -4.44
C LEU D 29 33.65 -34.66 -3.49
N CYS D 30 33.04 -35.70 -4.06
CA CYS D 30 32.51 -36.78 -3.24
C CYS D 30 33.59 -37.45 -2.38
N LEU D 31 34.60 -38.04 -3.03
CA LEU D 31 35.74 -38.73 -2.35
C LEU D 31 36.42 -37.91 -1.28
N LEU D 32 36.91 -36.74 -1.69
CA LEU D 32 37.59 -35.81 -0.81
C LEU D 32 36.79 -35.51 0.44
N ARG D 33 35.45 -35.55 0.34
CA ARG D 33 34.64 -35.30 1.52
C ARG D 33 34.82 -36.46 2.47
N MET D 34 34.73 -37.67 1.92
CA MET D 34 34.86 -38.87 2.71
C MET D 34 36.16 -38.78 3.50
N LYS D 35 37.23 -38.37 2.83
CA LYS D 35 38.50 -38.25 3.52
C LYS D 35 38.18 -37.44 4.77
N HIS D 36 37.50 -36.33 4.57
CA HIS D 36 37.16 -35.44 5.65
C HIS D 36 36.50 -36.15 6.79
N GLU D 37 35.41 -36.85 6.49
CA GLU D 37 34.68 -37.60 7.51
C GLU D 37 35.65 -38.58 8.17
N ASN D 38 36.05 -39.56 7.36
CA ASN D 38 36.98 -40.59 7.78
C ASN D 38 38.07 -39.98 8.66
N ARG D 39 38.63 -38.87 8.22
CA ARG D 39 39.73 -38.22 8.94
C ARG D 39 39.29 -37.58 10.24
N LYS D 40 37.99 -37.31 10.34
CA LYS D 40 37.44 -36.64 11.51
C LYS D 40 37.07 -37.59 12.64
N LEU D 41 37.35 -38.87 12.48
CA LEU D 41 37.06 -39.85 13.52
C LEU D 41 38.24 -39.93 14.46
N TYR D 42 39.44 -40.04 13.90
CA TYR D 42 40.64 -40.13 14.73
C TYR D 42 40.93 -38.79 15.41
N ARG D 43 40.25 -37.75 14.95
CA ARG D 43 40.46 -36.43 15.49
C ARG D 43 39.14 -35.84 15.94
N LYS D 44 39.20 -34.87 16.85
CA LYS D 44 38.00 -34.21 17.35
C LYS D 44 38.03 -32.75 16.87
N ASP D 45 39.25 -32.24 16.71
CA ASP D 45 39.55 -30.89 16.25
C ASP D 45 38.84 -30.54 14.97
N PRO D 46 38.48 -29.27 14.79
CA PRO D 46 37.79 -28.84 13.57
C PRO D 46 38.70 -28.75 12.35
N LEU D 47 38.27 -29.33 11.25
CA LEU D 47 39.05 -29.31 10.02
C LEU D 47 38.98 -27.94 9.37
N VAL D 48 40.03 -27.62 8.66
CA VAL D 48 40.09 -26.33 8.02
C VAL D 48 40.75 -26.37 6.64
N TRP D 49 40.30 -25.48 5.75
CA TRP D 49 40.82 -25.40 4.39
C TRP D 49 42.30 -25.68 4.28
N VAL D 50 43.03 -25.47 5.37
CA VAL D 50 44.46 -25.76 5.34
C VAL D 50 44.66 -27.27 5.17
N ASP D 51 44.39 -28.00 6.23
CA ASP D 51 44.54 -29.45 6.24
C ASP D 51 43.62 -30.20 5.28
N CYS D 52 42.44 -29.68 5.07
CA CYS D 52 41.47 -30.34 4.24
C CYS D 52 41.28 -29.61 2.89
N TYR D 53 40.92 -30.35 1.85
CA TYR D 53 40.74 -29.77 0.53
C TYR D 53 39.35 -30.15 0.11
N CYS D 54 38.53 -30.52 1.09
CA CYS D 54 37.18 -30.91 0.77
C CYS D 54 36.42 -29.65 0.35
N PHE D 55 35.49 -29.80 -0.58
CA PHE D 55 34.70 -28.68 -1.10
C PHE D 55 34.04 -27.80 -0.06
N ASP D 56 33.60 -28.39 1.04
CA ASP D 56 32.95 -27.66 2.13
C ASP D 56 33.99 -26.87 2.92
N CYS D 57 35.06 -27.51 3.35
CA CYS D 57 36.12 -26.81 4.08
C CYS D 57 36.52 -25.54 3.32
N PHE D 58 36.46 -25.66 1.99
CA PHE D 58 36.81 -24.60 1.06
C PHE D 58 35.81 -23.49 1.20
N ARG D 59 34.56 -23.84 0.91
CA ARG D 59 33.44 -22.90 0.98
C ARG D 59 33.44 -22.17 2.29
N MET D 60 33.77 -22.87 3.35
CA MET D 60 33.77 -22.23 4.62
C MET D 60 34.88 -21.22 4.74
N TRP D 61 36.08 -21.63 4.35
CA TRP D 61 37.22 -20.76 4.45
C TRP D 61 37.06 -19.41 3.78
N PHE D 62 36.43 -19.42 2.60
CA PHE D 62 36.25 -18.19 1.84
C PHE D 62 34.87 -17.61 1.97
N GLY D 63 34.03 -18.29 2.77
CA GLY D 63 32.67 -17.85 3.00
C GLY D 63 31.83 -17.82 1.74
N LEU D 64 31.98 -18.80 0.86
CA LEU D 64 31.22 -18.83 -0.37
C LEU D 64 30.01 -19.72 -0.24
N ASP D 65 29.01 -19.43 -1.04
CA ASP D 65 27.78 -20.18 -0.98
C ASP D 65 27.91 -21.39 -1.83
N LEU D 66 26.93 -22.28 -1.71
CA LEU D 66 26.95 -23.49 -2.49
C LEU D 66 26.35 -23.20 -3.85
N CYS D 67 27.20 -23.02 -4.84
CA CYS D 67 26.71 -22.74 -6.17
C CYS D 67 27.83 -22.96 -7.16
N GLU D 68 27.48 -23.17 -8.41
CA GLU D 68 28.47 -23.42 -9.45
C GLU D 68 29.61 -22.39 -9.44
N GLY D 69 29.28 -21.15 -9.11
CA GLY D 69 30.29 -20.12 -9.06
C GLY D 69 31.43 -20.55 -8.17
N THR D 70 31.07 -21.08 -7.00
CA THR D 70 32.01 -21.56 -6.00
C THR D 70 32.68 -22.87 -6.41
N LEU D 71 31.92 -23.77 -7.03
CA LEU D 71 32.45 -25.04 -7.48
C LEU D 71 33.61 -24.89 -8.48
N LEU D 72 33.46 -23.98 -9.44
CA LEU D 72 34.49 -23.75 -10.44
C LEU D 72 35.73 -23.25 -9.72
N LEU D 73 35.54 -22.29 -8.84
CA LEU D 73 36.63 -21.71 -8.08
C LEU D 73 37.45 -22.80 -7.40
N TRP D 74 36.75 -23.69 -6.69
CA TRP D 74 37.34 -24.81 -5.96
C TRP D 74 38.10 -25.67 -6.92
N CYS D 75 37.46 -26.02 -8.03
CA CYS D 75 38.12 -26.83 -9.02
C CYS D 75 39.46 -26.19 -9.38
N ASP D 76 39.44 -24.93 -9.79
CA ASP D 76 40.67 -24.24 -10.17
C ASP D 76 41.78 -24.41 -9.11
N ILE D 77 41.40 -24.49 -7.83
CA ILE D 77 42.37 -24.65 -6.76
C ILE D 77 42.79 -26.09 -6.63
N ILE D 78 41.85 -27.03 -6.74
CA ILE D 78 42.24 -28.42 -6.67
C ILE D 78 43.20 -28.66 -7.82
N GLY D 79 42.94 -27.98 -8.93
CA GLY D 79 43.80 -28.10 -10.10
C GLY D 79 45.23 -27.69 -9.86
N GLN D 80 45.45 -26.43 -9.44
CA GLN D 80 46.80 -25.93 -9.18
C GLN D 80 47.54 -26.91 -8.28
N THR D 81 46.81 -27.46 -7.32
CA THR D 81 47.36 -28.39 -6.37
C THR D 81 47.73 -29.74 -6.98
N THR D 82 46.82 -30.32 -7.75
CA THR D 82 47.11 -31.60 -8.34
C THR D 82 48.22 -31.51 -9.37
N TYR D 83 48.60 -30.31 -9.79
CA TYR D 83 49.68 -30.20 -10.79
C TYR D 83 50.89 -29.47 -10.26
N ARG D 84 51.58 -30.12 -9.32
CA ARG D 84 52.73 -29.58 -8.65
C ARG D 84 52.18 -28.49 -7.74
#